data_7MQE
#
_entry.id   7MQE
#
_cell.length_a   1.00
_cell.length_b   1.00
_cell.length_c   1.00
_cell.angle_alpha   90.00
_cell.angle_beta   90.00
_cell.angle_gamma   90.00
#
_symmetry.space_group_name_H-M   'P 1'
#
loop_
_entity.id
_entity.type
_entity.pdbx_description
1 polymer 'NanoRNase C'
2 polymer "RNA (5'-R(P*AP*GP*G)-3')"
#
loop_
_entity_poly.entity_id
_entity_poly.type
_entity_poly.pdbx_seq_one_letter_code
_entity_poly.pdbx_strand_id
1 'polypeptide(L)'
;SMTEIRVHQGDLPNLDNYRIDAVAVDTETLGLQPHRDRLCVVQLSSGDGTADVIQIAKGQKSAPNLVRLLSDRDITKIFH
FGRFDLAILAHTFGVMPDVVFCTKIASKLTRTYTDRHGLKEICGELLNVNISKQQQSSDWAAETLSRAQIEYAASDVLYL
HRLKDIFEERLKREERESVAKACFQFLPMRANLDLLGWSEIDIFAHS
;
A,C,E,G,I,K,M,O
2 'polyribonucleotide' AGG B,D,F,H,J,L,N,P
#
# COMPACT_ATOMS: atom_id res chain seq x y z
N THR A 3 -35.13 9.32 -31.22
CA THR A 3 -33.70 9.41 -31.41
C THR A 3 -33.33 10.74 -32.06
N GLU A 4 -34.26 11.70 -32.01
CA GLU A 4 -34.00 13.03 -32.55
C GLU A 4 -32.92 13.71 -31.70
N ILE A 5 -31.83 14.09 -32.33
CA ILE A 5 -30.76 14.80 -31.64
C ILE A 5 -30.54 16.11 -32.38
N ARG A 6 -30.82 17.21 -31.71
CA ARG A 6 -30.65 18.54 -32.26
C ARG A 6 -29.31 19.10 -31.82
N VAL A 7 -28.46 19.47 -32.78
CA VAL A 7 -27.12 19.99 -32.48
C VAL A 7 -27.12 21.50 -32.67
N HIS A 8 -26.62 22.23 -31.67
CA HIS A 8 -26.60 23.68 -31.70
C HIS A 8 -25.19 24.22 -31.45
N GLN A 9 -24.97 25.45 -31.91
CA GLN A 9 -23.75 26.19 -31.64
C GLN A 9 -24.03 27.27 -30.60
N GLY A 10 -23.32 27.22 -29.49
CA GLY A 10 -23.36 28.27 -28.49
C GLY A 10 -24.48 28.24 -27.47
N ASP A 11 -25.72 28.07 -27.91
CA ASP A 11 -26.86 28.17 -27.00
C ASP A 11 -28.08 27.57 -27.67
N LEU A 12 -29.08 27.26 -26.86
CA LEU A 12 -30.41 26.98 -27.40
C LEU A 12 -30.96 28.20 -28.12
N PRO A 13 -31.72 28.00 -29.20
CA PRO A 13 -32.37 29.16 -29.84
C PRO A 13 -33.46 29.76 -28.98
N ASN A 14 -34.13 28.94 -28.17
CA ASN A 14 -35.20 29.37 -27.27
C ASN A 14 -35.46 28.22 -26.31
N LEU A 15 -36.40 28.43 -25.39
CA LEU A 15 -36.76 27.42 -24.40
C LEU A 15 -38.12 26.80 -24.69
N ASP A 16 -38.54 26.80 -25.95
CA ASP A 16 -39.88 26.30 -26.28
C ASP A 16 -40.02 24.83 -25.92
N ASN A 17 -38.95 24.07 -26.04
CA ASN A 17 -38.97 22.64 -25.72
C ASN A 17 -38.65 22.33 -24.27
N TYR A 18 -38.48 23.34 -23.40
CA TYR A 18 -37.99 23.12 -22.04
C TYR A 18 -38.88 23.83 -21.04
N ARG A 19 -40.18 23.85 -21.31
CA ARG A 19 -41.19 24.27 -20.34
C ARG A 19 -41.66 23.05 -19.54
N ILE A 20 -40.76 22.55 -18.69
CA ILE A 20 -40.93 21.25 -18.05
C ILE A 20 -40.48 21.37 -16.60
N ASP A 21 -40.83 20.35 -15.81
CA ASP A 21 -40.52 20.35 -14.39
C ASP A 21 -39.13 19.83 -14.05
N ALA A 22 -38.51 19.05 -14.94
CA ALA A 22 -37.20 18.50 -14.66
C ALA A 22 -36.47 18.30 -15.97
N VAL A 23 -35.18 18.62 -16.00
CA VAL A 23 -34.39 18.51 -17.21
C VAL A 23 -33.15 17.68 -16.89
N ALA A 24 -32.83 16.73 -17.76
CA ALA A 24 -31.62 15.95 -17.63
C ALA A 24 -30.45 16.71 -18.25
N VAL A 25 -29.33 16.75 -17.53
CA VAL A 25 -28.19 17.56 -17.93
C VAL A 25 -26.93 16.72 -17.81
N ASP A 26 -26.02 16.90 -18.76
CA ASP A 26 -24.71 16.20 -18.71
C ASP A 26 -23.74 17.06 -19.50
N THR A 27 -22.47 16.94 -19.23
CA THR A 27 -21.45 17.72 -19.90
C THR A 27 -20.37 16.78 -20.40
N GLU A 28 -19.53 17.32 -21.31
CA GLU A 28 -18.34 16.60 -21.83
C GLU A 28 -17.21 17.64 -21.89
N THR A 29 -16.01 17.34 -21.40
CA THR A 29 -14.92 18.30 -21.27
C THR A 29 -13.64 17.68 -21.82
N LEU A 30 -12.56 18.44 -21.76
CA LEU A 30 -11.26 17.89 -22.07
C LEU A 30 -10.60 17.17 -20.89
N GLY A 31 -11.24 17.05 -19.75
CA GLY A 31 -10.65 16.32 -18.64
C GLY A 31 -11.28 16.68 -17.31
N LEU A 32 -10.66 16.16 -16.25
CA LEU A 32 -11.20 16.20 -14.90
C LEU A 32 -10.86 17.46 -14.11
N GLN A 33 -10.08 18.38 -14.66
CA GLN A 33 -9.59 19.52 -13.89
C GLN A 33 -10.17 20.82 -14.41
N PRO A 34 -11.18 21.38 -13.77
CA PRO A 34 -11.89 22.52 -14.37
C PRO A 34 -11.00 23.69 -14.66
N HIS A 35 -9.92 23.90 -13.89
CA HIS A 35 -9.05 25.02 -14.19
C HIS A 35 -8.24 24.80 -15.45
N ARG A 36 -7.99 23.55 -15.83
CA ARG A 36 -7.23 23.27 -17.03
C ARG A 36 -8.08 22.85 -18.23
N ASP A 37 -9.17 22.11 -18.01
CA ASP A 37 -9.86 21.38 -19.07
C ASP A 37 -11.21 22.03 -19.37
N ARG A 38 -11.32 22.68 -20.53
CA ARG A 38 -12.49 23.51 -20.80
C ARG A 38 -13.72 22.65 -21.07
N LEU A 39 -14.88 23.21 -20.80
CA LEU A 39 -16.16 22.63 -21.20
C LEU A 39 -16.31 22.63 -22.71
N CYS A 40 -16.64 21.47 -23.30
CA CYS A 40 -16.76 21.35 -24.75
C CYS A 40 -18.17 21.11 -25.26
N VAL A 41 -19.00 20.37 -24.54
CA VAL A 41 -20.34 19.97 -24.98
C VAL A 41 -21.24 20.02 -23.77
N VAL A 42 -22.48 20.47 -23.96
CA VAL A 42 -23.54 20.33 -22.96
C VAL A 42 -24.72 19.58 -23.56
N GLN A 43 -25.17 18.53 -22.87
CA GLN A 43 -26.30 17.69 -23.35
C GLN A 43 -27.54 17.90 -22.47
N LEU A 44 -28.73 18.05 -23.06
CA LEU A 44 -29.99 18.28 -22.36
C LEU A 44 -31.04 17.34 -22.89
N SER A 45 -31.98 16.98 -22.01
CA SER A 45 -33.17 16.26 -22.42
C SER A 45 -34.35 16.68 -21.57
N SER A 46 -35.50 16.77 -22.22
CA SER A 46 -36.79 17.02 -21.58
C SER A 46 -37.40 15.75 -21.02
N GLY A 47 -36.74 14.62 -21.21
CA GLY A 47 -37.23 13.31 -20.83
C GLY A 47 -37.98 12.59 -21.92
N ASP A 48 -38.10 13.19 -23.10
CA ASP A 48 -38.80 12.59 -24.22
C ASP A 48 -37.77 11.79 -25.01
N GLY A 49 -38.11 11.40 -26.22
CA GLY A 49 -37.20 10.63 -27.03
C GLY A 49 -36.17 11.42 -27.80
N THR A 50 -36.12 12.74 -27.60
CA THR A 50 -35.12 13.58 -28.22
C THR A 50 -34.21 14.26 -27.21
N ALA A 51 -33.08 14.74 -27.70
CA ALA A 51 -32.05 15.40 -26.91
C ALA A 51 -31.49 16.59 -27.68
N ASP A 52 -30.97 17.57 -26.93
CA ASP A 52 -30.24 18.69 -27.50
C ASP A 52 -28.79 18.64 -27.09
N VAL A 53 -27.89 18.78 -28.06
CA VAL A 53 -26.45 18.76 -27.85
C VAL A 53 -25.87 20.11 -28.29
N ILE A 54 -25.32 20.86 -27.34
CA ILE A 54 -24.88 22.24 -27.56
C ILE A 54 -23.37 22.28 -27.50
N GLN A 55 -22.73 22.62 -28.61
CA GLN A 55 -21.29 22.78 -28.65
C GLN A 55 -20.89 24.15 -28.13
N ILE A 56 -19.98 24.17 -27.16
CA ILE A 56 -19.49 25.39 -26.54
C ILE A 56 -18.14 25.73 -27.15
N ALA A 57 -18.00 26.96 -27.60
CA ALA A 57 -16.78 27.39 -28.26
C ALA A 57 -15.70 27.70 -27.24
N LYS A 58 -14.44 27.59 -27.66
CA LYS A 58 -13.35 28.02 -26.81
C LYS A 58 -13.50 29.49 -26.42
N GLY A 59 -13.35 29.76 -25.13
CA GLY A 59 -13.47 31.08 -24.56
C GLY A 59 -14.88 31.62 -24.42
N GLN A 60 -15.90 30.85 -24.76
CA GLN A 60 -17.27 31.36 -24.65
C GLN A 60 -17.65 31.57 -23.20
N LYS A 61 -18.15 32.77 -22.89
CA LYS A 61 -18.46 33.17 -21.52
C LYS A 61 -19.96 33.22 -21.22
N SER A 62 -20.81 33.23 -22.24
CA SER A 62 -22.23 33.51 -22.08
C SER A 62 -23.04 32.50 -22.87
N ALA A 63 -24.16 32.07 -22.30
CA ALA A 63 -25.14 31.24 -23.01
C ALA A 63 -26.51 31.52 -22.41
N PRO A 64 -27.11 32.66 -22.77
CA PRO A 64 -28.23 33.17 -21.96
C PRO A 64 -29.40 32.23 -21.84
N ASN A 65 -29.78 31.52 -22.89
CA ASN A 65 -30.94 30.63 -22.75
C ASN A 65 -30.59 29.43 -21.88
N LEU A 66 -29.45 28.81 -22.15
CA LEU A 66 -28.94 27.73 -21.30
C LEU A 66 -28.78 28.21 -19.86
N VAL A 67 -28.17 29.37 -19.65
CA VAL A 67 -27.92 29.81 -18.29
C VAL A 67 -29.23 30.15 -17.59
N ARG A 68 -30.20 30.67 -18.34
CA ARG A 68 -31.54 30.88 -17.78
C ARG A 68 -32.11 29.57 -17.26
N LEU A 69 -31.98 28.51 -18.06
CA LEU A 69 -32.47 27.21 -17.61
C LEU A 69 -31.73 26.75 -16.35
N LEU A 70 -30.40 26.89 -16.35
CA LEU A 70 -29.61 26.45 -15.21
C LEU A 70 -29.92 27.22 -13.94
N SER A 71 -30.32 28.48 -14.07
CA SER A 71 -30.62 29.32 -12.91
C SER A 71 -32.06 29.21 -12.42
N ASP A 72 -32.95 28.59 -13.17
CA ASP A 72 -34.38 28.59 -12.82
C ASP A 72 -34.59 27.63 -11.67
N ARG A 73 -34.84 28.17 -10.47
CA ARG A 73 -35.03 27.38 -9.27
C ARG A 73 -36.27 26.51 -9.28
N ASP A 74 -37.21 26.73 -10.20
CA ASP A 74 -38.39 25.88 -10.30
C ASP A 74 -38.18 24.61 -11.13
N ILE A 75 -37.00 24.39 -11.68
CA ILE A 75 -36.70 23.25 -12.54
C ILE A 75 -35.58 22.46 -11.90
N THR A 76 -35.84 21.19 -11.59
CA THR A 76 -34.79 20.33 -11.06
C THR A 76 -33.86 19.88 -12.18
N LYS A 77 -32.56 20.08 -11.97
CA LYS A 77 -31.51 19.61 -12.87
C LYS A 77 -31.04 18.23 -12.45
N ILE A 78 -31.16 17.25 -13.34
CA ILE A 78 -30.74 15.89 -13.07
C ILE A 78 -29.36 15.66 -13.64
N PHE A 79 -28.44 15.17 -12.81
CA PHE A 79 -27.09 14.84 -13.22
C PHE A 79 -26.79 13.41 -12.82
N HIS A 80 -25.77 12.85 -13.46
CA HIS A 80 -25.05 11.71 -12.91
C HIS A 80 -23.67 12.17 -12.46
N PHE A 81 -23.38 12.04 -11.17
CA PHE A 81 -22.17 12.62 -10.57
C PHE A 81 -22.12 14.12 -10.82
N GLY A 82 -23.16 14.80 -10.36
CA GLY A 82 -23.24 16.23 -10.51
C GLY A 82 -22.14 17.01 -9.83
N ARG A 83 -21.44 16.39 -8.87
CA ARG A 83 -20.29 17.06 -8.28
C ARG A 83 -19.36 17.65 -9.33
N PHE A 84 -19.14 16.91 -10.42
CA PHE A 84 -18.26 17.40 -11.48
C PHE A 84 -18.96 18.39 -12.40
N ASP A 85 -20.15 18.03 -12.92
CA ASP A 85 -20.84 18.88 -13.88
C ASP A 85 -21.14 20.24 -13.29
N LEU A 86 -21.57 20.30 -12.02
CA LEU A 86 -21.85 21.58 -11.40
C LEU A 86 -20.60 22.43 -11.34
N ALA A 87 -19.46 21.82 -11.03
CA ALA A 87 -18.22 22.56 -10.94
C ALA A 87 -17.85 23.16 -12.29
N ILE A 88 -17.88 22.35 -13.34
CA ILE A 88 -17.43 22.87 -14.63
C ILE A 88 -18.42 23.87 -15.20
N LEU A 89 -19.72 23.65 -15.00
CA LEU A 89 -20.72 24.61 -15.47
C LEU A 89 -20.59 25.93 -14.74
N ALA A 90 -20.46 25.91 -13.42
CA ALA A 90 -20.32 27.15 -12.68
C ALA A 90 -19.04 27.87 -13.04
N HIS A 91 -17.95 27.14 -13.25
CA HIS A 91 -16.72 27.79 -13.65
C HIS A 91 -16.87 28.45 -15.00
N THR A 92 -17.64 27.85 -15.90
CA THR A 92 -17.70 28.34 -17.27
C THR A 92 -18.68 29.50 -17.42
N PHE A 93 -19.87 29.38 -16.83
CA PHE A 93 -20.92 30.36 -17.06
C PHE A 93 -21.22 31.23 -15.85
N GLY A 94 -20.59 30.97 -14.71
CA GLY A 94 -20.72 31.88 -13.59
C GLY A 94 -21.99 31.69 -12.79
N VAL A 95 -22.74 30.63 -13.06
CA VAL A 95 -23.99 30.36 -12.37
C VAL A 95 -23.92 28.95 -11.78
N MET A 96 -24.12 28.84 -10.47
CA MET A 96 -24.13 27.54 -9.82
C MET A 96 -25.57 27.11 -9.63
N PRO A 97 -26.02 26.04 -10.28
CA PRO A 97 -27.39 25.55 -10.01
C PRO A 97 -27.57 25.23 -8.54
N ASP A 98 -28.78 25.46 -8.02
CA ASP A 98 -29.02 25.18 -6.62
C ASP A 98 -30.24 24.29 -6.37
N VAL A 99 -30.84 23.74 -7.43
CA VAL A 99 -31.92 22.76 -7.31
C VAL A 99 -31.52 21.58 -8.17
N VAL A 100 -31.02 20.51 -7.56
CA VAL A 100 -30.39 19.43 -8.33
C VAL A 100 -30.83 18.09 -7.77
N PHE A 101 -30.67 17.07 -8.61
CA PHE A 101 -30.83 15.67 -8.24
C PHE A 101 -29.67 14.95 -8.89
N CYS A 102 -28.98 14.10 -8.13
CA CYS A 102 -27.84 13.35 -8.62
C CYS A 102 -28.13 11.86 -8.50
N THR A 103 -28.10 11.15 -9.63
CA THR A 103 -28.38 9.73 -9.59
C THR A 103 -27.26 8.93 -8.93
N LYS A 104 -26.03 9.44 -8.89
CA LYS A 104 -24.99 8.66 -8.23
C LYS A 104 -25.13 8.69 -6.72
N ILE A 105 -25.39 9.85 -6.14
CA ILE A 105 -25.67 9.90 -4.71
C ILE A 105 -26.90 9.06 -4.39
N ALA A 106 -27.95 9.16 -5.21
CA ALA A 106 -29.14 8.36 -4.97
C ALA A 106 -28.82 6.87 -5.03
N SER A 107 -27.99 6.48 -5.99
CA SER A 107 -27.58 5.08 -6.05
C SER A 107 -26.83 4.68 -4.81
N LYS A 108 -25.91 5.52 -4.34
CA LYS A 108 -25.15 5.18 -3.14
C LYS A 108 -26.06 5.10 -1.93
N LEU A 109 -27.20 5.77 -1.97
CA LEU A 109 -28.16 5.74 -0.88
C LEU A 109 -29.20 4.64 -1.03
N THR A 110 -29.25 3.96 -2.17
CA THR A 110 -30.33 2.99 -2.36
C THR A 110 -29.80 1.63 -2.82
N ARG A 111 -28.83 1.61 -3.73
CA ARG A 111 -28.27 0.36 -4.22
C ARG A 111 -27.15 -0.08 -3.29
N THR A 112 -27.54 -0.40 -2.06
CA THR A 112 -26.57 -0.76 -1.04
C THR A 112 -26.02 -2.17 -1.23
N TYR A 113 -26.59 -2.94 -2.14
CA TYR A 113 -26.19 -4.31 -2.42
C TYR A 113 -25.12 -4.44 -3.50
N THR A 114 -24.53 -3.34 -3.93
CA THR A 114 -23.49 -3.42 -4.95
C THR A 114 -22.47 -2.33 -4.68
N ASP A 115 -21.28 -2.50 -5.22
CA ASP A 115 -20.26 -1.47 -5.14
C ASP A 115 -20.00 -0.79 -6.47
N ARG A 116 -20.79 -1.11 -7.49
CA ARG A 116 -20.63 -0.55 -8.82
C ARG A 116 -21.75 0.44 -9.05
N HIS A 117 -21.42 1.72 -9.06
CA HIS A 117 -22.41 2.78 -9.16
C HIS A 117 -22.28 3.58 -10.45
N GLY A 118 -21.53 3.08 -11.42
CA GLY A 118 -21.42 3.79 -12.67
C GLY A 118 -22.73 3.76 -13.45
N LEU A 119 -22.85 4.71 -14.38
CA LEU A 119 -24.08 4.85 -15.13
C LEU A 119 -24.40 3.61 -15.95
N LYS A 120 -23.38 2.99 -16.53
CA LYS A 120 -23.62 1.80 -17.34
C LYS A 120 -24.23 0.69 -16.49
N GLU A 121 -23.69 0.46 -15.29
CA GLU A 121 -24.20 -0.62 -14.45
C GLU A 121 -25.61 -0.30 -13.94
N ILE A 122 -25.87 0.96 -13.59
CA ILE A 122 -27.20 1.33 -13.13
C ILE A 122 -28.21 1.12 -14.24
N CYS A 123 -27.88 1.59 -15.45
CA CYS A 123 -28.80 1.44 -16.57
C CYS A 123 -29.04 -0.03 -16.87
N GLY A 124 -27.99 -0.84 -16.77
CA GLY A 124 -28.15 -2.26 -17.01
C GLY A 124 -29.09 -2.91 -16.02
N GLU A 125 -28.93 -2.61 -14.74
CA GLU A 125 -29.77 -3.26 -13.75
C GLU A 125 -31.21 -2.73 -13.80
N LEU A 126 -31.37 -1.41 -13.83
CA LEU A 126 -32.69 -0.82 -13.65
C LEU A 126 -33.53 -0.80 -14.94
N LEU A 127 -32.90 -0.73 -16.11
CA LEU A 127 -33.66 -0.55 -17.34
C LEU A 127 -33.42 -1.62 -18.38
N ASN A 128 -32.47 -2.53 -18.15
CA ASN A 128 -32.03 -3.51 -19.14
C ASN A 128 -31.60 -2.86 -20.46
N VAL A 129 -30.93 -1.73 -20.36
CA VAL A 129 -30.42 -1.01 -21.53
C VAL A 129 -28.91 -1.12 -21.56
N ASN A 130 -28.37 -1.48 -22.71
CA ASN A 130 -26.93 -1.65 -22.85
C ASN A 130 -26.33 -0.38 -23.42
N ILE A 131 -25.52 0.29 -22.61
CA ILE A 131 -24.71 1.43 -23.03
C ILE A 131 -23.36 0.91 -23.47
N SER A 132 -22.91 1.31 -24.66
CA SER A 132 -21.58 0.94 -25.14
C SER A 132 -20.63 2.11 -24.94
N LYS A 133 -20.10 2.19 -23.71
CA LYS A 133 -19.24 3.29 -23.27
C LYS A 133 -17.84 3.13 -23.88
N GLN A 134 -17.66 3.68 -25.06
CA GLN A 134 -16.40 3.59 -25.77
C GLN A 134 -15.79 4.95 -26.10
N GLN A 135 -16.61 5.91 -26.50
CA GLN A 135 -16.12 7.22 -26.93
C GLN A 135 -16.06 8.24 -25.81
N GLN A 136 -15.85 7.79 -24.57
CA GLN A 136 -15.64 8.78 -23.46
C GLN A 136 -14.30 9.47 -23.70
N SER A 137 -13.40 8.82 -24.44
CA SER A 137 -12.08 9.38 -24.72
C SER A 137 -12.00 9.67 -26.22
N SER A 138 -12.40 10.88 -26.59
CA SER A 138 -12.33 11.32 -27.98
C SER A 138 -12.08 12.81 -27.97
N ASP A 139 -11.81 13.36 -29.15
CA ASP A 139 -11.53 14.79 -29.27
C ASP A 139 -12.84 15.57 -29.25
N TRP A 140 -13.29 15.93 -28.05
CA TRP A 140 -14.54 16.67 -27.92
C TRP A 140 -14.42 18.12 -28.37
N ALA A 141 -13.21 18.60 -28.63
CA ALA A 141 -13.03 19.96 -29.10
C ALA A 141 -13.05 20.09 -30.62
N ALA A 142 -13.26 18.98 -31.34
CA ALA A 142 -13.28 19.05 -32.80
C ALA A 142 -14.33 20.06 -33.25
N GLU A 143 -14.01 20.80 -34.31
CA GLU A 143 -14.95 21.78 -34.84
C GLU A 143 -16.26 21.13 -35.25
N THR A 144 -16.20 19.98 -35.92
CA THR A 144 -17.38 19.22 -36.30
C THR A 144 -17.36 17.87 -35.60
N LEU A 145 -18.35 17.61 -34.76
CA LEU A 145 -18.46 16.30 -34.14
C LEU A 145 -18.95 15.27 -35.14
N SER A 146 -18.44 14.05 -35.03
CA SER A 146 -18.91 12.99 -35.90
C SER A 146 -20.30 12.52 -35.45
N ARG A 147 -20.98 11.81 -36.35
CA ARG A 147 -22.27 11.23 -36.01
C ARG A 147 -22.17 10.26 -34.84
N ALA A 148 -21.13 9.44 -34.82
CA ALA A 148 -20.95 8.51 -33.70
C ALA A 148 -20.75 9.26 -32.39
N GLN A 149 -19.98 10.35 -32.42
CA GLN A 149 -19.81 11.11 -31.19
C GLN A 149 -21.13 11.69 -30.72
N ILE A 150 -21.91 12.25 -31.63
CA ILE A 150 -23.18 12.87 -31.26
C ILE A 150 -24.15 11.85 -30.69
N GLU A 151 -24.28 10.69 -31.35
CA GLU A 151 -25.21 9.69 -30.84
C GLU A 151 -24.75 9.13 -29.49
N TYR A 152 -23.46 8.91 -29.31
CA TYR A 152 -22.99 8.43 -28.01
C TYR A 152 -23.21 9.47 -26.93
N ALA A 153 -22.87 10.71 -27.22
CA ALA A 153 -23.02 11.79 -26.26
C ALA A 153 -24.47 11.95 -25.85
N ALA A 154 -25.39 11.85 -26.81
CA ALA A 154 -26.81 11.97 -26.51
C ALA A 154 -27.30 10.81 -25.65
N SER A 155 -26.76 9.61 -25.86
CA SER A 155 -27.24 8.43 -25.14
C SER A 155 -27.12 8.59 -23.62
N ASP A 156 -26.26 9.47 -23.15
CA ASP A 156 -26.05 9.67 -21.72
C ASP A 156 -27.16 10.45 -21.02
N VAL A 157 -28.04 11.15 -21.74
CA VAL A 157 -29.12 11.89 -21.10
C VAL A 157 -30.52 11.36 -21.35
N LEU A 158 -30.74 10.47 -22.33
CA LEU A 158 -32.10 10.06 -22.65
C LEU A 158 -32.80 9.32 -21.52
N TYR A 159 -32.05 8.74 -20.58
CA TYR A 159 -32.69 7.86 -19.57
C TYR A 159 -32.60 8.35 -18.13
N LEU A 160 -32.14 9.57 -17.87
CA LEU A 160 -31.98 9.99 -16.48
C LEU A 160 -33.33 10.23 -15.82
N HIS A 161 -34.34 10.65 -16.56
CA HIS A 161 -35.68 10.82 -15.99
C HIS A 161 -36.23 9.50 -15.46
N ARG A 162 -36.10 8.42 -16.22
CA ARG A 162 -36.62 7.13 -15.77
C ARG A 162 -35.89 6.68 -14.52
N LEU A 163 -34.59 6.95 -14.46
CA LEU A 163 -33.81 6.64 -13.27
C LEU A 163 -34.29 7.49 -12.10
N LYS A 164 -34.53 8.77 -12.31
CA LYS A 164 -35.02 9.60 -11.22
C LYS A 164 -36.32 9.05 -10.65
N ASP A 165 -37.24 8.65 -11.52
CA ASP A 165 -38.50 8.07 -11.05
C ASP A 165 -38.26 6.83 -10.20
N ILE A 166 -37.40 5.93 -10.68
CA ILE A 166 -37.15 4.71 -9.93
C ILE A 166 -36.44 5.00 -8.61
N PHE A 167 -35.44 5.85 -8.63
CA PHE A 167 -34.73 6.20 -7.41
C PHE A 167 -35.64 6.88 -6.40
N GLU A 168 -36.56 7.71 -6.86
CA GLU A 168 -37.51 8.30 -5.91
C GLU A 168 -38.38 7.22 -5.27
N GLU A 169 -38.79 6.23 -6.07
CA GLU A 169 -39.52 5.10 -5.50
C GLU A 169 -38.68 4.37 -4.45
N ARG A 170 -37.41 4.14 -4.73
CA ARG A 170 -36.55 3.43 -3.79
C ARG A 170 -36.30 4.25 -2.54
N LEU A 171 -36.09 5.56 -2.68
CA LEU A 171 -35.86 6.40 -1.52
C LEU A 171 -37.09 6.44 -0.63
N LYS A 172 -38.28 6.43 -1.23
CA LYS A 172 -39.48 6.38 -0.42
C LYS A 172 -39.60 5.04 0.29
N ARG A 173 -39.29 3.94 -0.42
CA ARG A 173 -39.45 2.62 0.15
C ARG A 173 -38.56 2.40 1.37
N GLU A 174 -37.30 2.82 1.31
CA GLU A 174 -36.37 2.63 2.41
C GLU A 174 -36.33 3.81 3.38
N GLU A 175 -37.20 4.79 3.22
CA GLU A 175 -37.39 5.90 4.16
C GLU A 175 -36.13 6.75 4.31
N ARG A 176 -35.53 7.10 3.18
CA ARG A 176 -34.31 7.90 3.16
C ARG A 176 -34.50 9.19 2.39
N GLU A 177 -35.75 9.63 2.23
CA GLU A 177 -36.01 10.81 1.42
C GLU A 177 -35.37 12.06 2.01
N SER A 178 -35.44 12.24 3.33
CA SER A 178 -34.86 13.46 3.90
C SER A 178 -33.35 13.46 3.86
N VAL A 179 -32.72 12.29 3.97
CA VAL A 179 -31.28 12.21 3.81
C VAL A 179 -30.88 12.63 2.41
N ALA A 180 -31.55 12.06 1.41
CA ALA A 180 -31.23 12.39 0.03
C ALA A 180 -31.47 13.87 -0.23
N LYS A 181 -32.57 14.42 0.28
CA LYS A 181 -32.85 15.83 0.05
C LYS A 181 -31.74 16.69 0.62
N ALA A 182 -31.24 16.37 1.82
CA ALA A 182 -30.15 17.14 2.39
C ALA A 182 -28.85 17.00 1.60
N CYS A 183 -28.55 15.79 1.12
CA CYS A 183 -27.35 15.61 0.30
C CYS A 183 -27.43 16.44 -0.97
N PHE A 184 -28.57 16.39 -1.65
CA PHE A 184 -28.72 17.16 -2.88
C PHE A 184 -28.68 18.65 -2.61
N GLN A 185 -29.21 19.08 -1.46
CA GLN A 185 -29.14 20.49 -1.12
C GLN A 185 -27.71 20.94 -0.89
N PHE A 186 -26.87 20.07 -0.33
CA PHE A 186 -25.47 20.42 -0.11
C PHE A 186 -24.59 20.26 -1.34
N LEU A 187 -25.00 19.45 -2.30
CA LEU A 187 -24.13 19.12 -3.42
C LEU A 187 -23.55 20.32 -4.16
N PRO A 188 -24.31 21.37 -4.48
CA PRO A 188 -23.69 22.53 -5.14
C PRO A 188 -22.56 23.16 -4.35
N MET A 189 -22.64 23.18 -3.02
CA MET A 189 -21.52 23.73 -2.27
C MET A 189 -20.31 22.79 -2.26
N ARG A 190 -20.53 21.48 -2.27
CA ARG A 190 -19.43 20.54 -2.47
C ARG A 190 -18.71 20.81 -3.77
N ALA A 191 -19.48 21.08 -4.83
CA ALA A 191 -18.86 21.44 -6.11
C ALA A 191 -18.10 22.75 -5.99
N ASN A 192 -18.66 23.72 -5.29
CA ASN A 192 -17.94 24.97 -5.09
C ASN A 192 -16.63 24.75 -4.34
N LEU A 193 -16.66 23.97 -3.26
CA LEU A 193 -15.43 23.61 -2.56
C LEU A 193 -14.42 23.00 -3.52
N ASP A 194 -14.89 22.18 -4.46
CA ASP A 194 -13.97 21.63 -5.45
C ASP A 194 -13.33 22.75 -6.27
N LEU A 195 -14.15 23.70 -6.73
CA LEU A 195 -13.57 24.79 -7.52
C LEU A 195 -12.59 25.62 -6.71
N LEU A 196 -12.82 25.78 -5.41
CA LEU A 196 -11.94 26.63 -4.61
C LEU A 196 -10.64 25.97 -4.23
N GLY A 197 -10.51 24.66 -4.38
CA GLY A 197 -9.24 24.02 -4.13
C GLY A 197 -9.22 22.86 -3.17
N TRP A 198 -10.37 22.38 -2.73
CA TRP A 198 -10.42 21.27 -1.80
C TRP A 198 -10.87 19.98 -2.47
N SER A 199 -10.62 19.86 -3.76
CA SER A 199 -11.12 18.71 -4.51
C SER A 199 -10.55 17.40 -4.03
N GLU A 200 -9.38 17.41 -3.41
CA GLU A 200 -8.77 16.18 -2.91
C GLU A 200 -9.01 15.95 -1.42
N ILE A 201 -9.88 16.73 -0.80
CA ILE A 201 -10.07 16.71 0.64
C ILE A 201 -11.51 16.29 0.92
N ASP A 202 -11.69 15.24 1.71
CA ASP A 202 -13.00 14.95 2.30
C ASP A 202 -13.12 15.89 3.49
N ILE A 203 -13.91 16.96 3.34
CA ILE A 203 -13.91 18.01 4.36
C ILE A 203 -14.45 17.52 5.69
N PHE A 204 -15.21 16.43 5.71
CA PHE A 204 -15.79 15.93 6.94
C PHE A 204 -14.99 14.81 7.58
N ALA A 205 -13.91 14.37 6.95
CA ALA A 205 -13.17 13.24 7.50
C ALA A 205 -12.31 13.71 8.66
N HIS A 206 -12.02 12.78 9.57
CA HIS A 206 -11.11 13.09 10.65
C HIS A 206 -9.70 13.36 10.15
N SER A 207 -9.24 12.62 9.16
CA SER A 207 -7.95 12.90 8.55
C SER A 207 -7.93 12.57 7.05
N THR B 3 -37.14 -29.18 -11.02
CA THR B 3 -36.66 -28.21 -10.03
C THR B 3 -37.83 -27.46 -9.39
N GLU B 4 -38.50 -28.09 -8.43
CA GLU B 4 -39.63 -27.47 -7.76
C GLU B 4 -39.13 -26.40 -6.81
N ILE B 5 -39.62 -25.17 -6.98
CA ILE B 5 -39.32 -24.05 -6.09
C ILE B 5 -40.64 -23.52 -5.55
N ARG B 6 -40.83 -23.64 -4.25
CA ARG B 6 -42.04 -23.16 -3.58
C ARG B 6 -41.78 -21.76 -3.00
N VAL B 7 -42.57 -20.78 -3.40
CA VAL B 7 -42.38 -19.41 -2.92
C VAL B 7 -43.46 -19.07 -1.91
N HIS B 8 -43.05 -18.57 -0.75
CA HIS B 8 -43.97 -18.24 0.34
C HIS B 8 -43.78 -16.81 0.83
N GLN B 9 -44.83 -16.29 1.48
CA GLN B 9 -44.78 -15.01 2.16
C GLN B 9 -44.72 -15.26 3.66
N GLY B 10 -43.68 -14.75 4.30
CA GLY B 10 -43.60 -14.78 5.76
C GLY B 10 -43.06 -16.04 6.42
N ASP B 11 -43.54 -17.22 6.05
CA ASP B 11 -43.13 -18.42 6.79
C ASP B 11 -43.45 -19.65 5.97
N LEU B 12 -42.81 -20.76 6.35
CA LEU B 12 -43.22 -22.05 5.85
C LEU B 12 -44.66 -22.33 6.30
N PRO B 13 -45.45 -23.02 5.49
CA PRO B 13 -46.79 -23.41 5.97
C PRO B 13 -46.71 -24.45 7.06
N ASN B 14 -45.71 -25.33 7.01
CA ASN B 14 -45.49 -26.36 8.02
C ASN B 14 -44.09 -26.91 7.78
N LEU B 15 -43.68 -27.86 8.61
CA LEU B 15 -42.37 -28.49 8.49
C LEU B 15 -42.47 -29.91 7.95
N ASP B 16 -43.54 -30.23 7.23
CA ASP B 16 -43.74 -31.59 6.77
C ASP B 16 -42.62 -32.05 5.85
N ASN B 17 -42.03 -31.14 5.08
CA ASN B 17 -40.95 -31.44 4.16
C ASN B 17 -39.57 -31.35 4.80
N TYR B 18 -39.46 -31.06 6.09
CA TYR B 18 -38.17 -30.76 6.71
C TYR B 18 -37.98 -31.60 7.97
N ARG B 19 -38.47 -32.83 7.93
CA ARG B 19 -38.16 -33.85 8.93
C ARG B 19 -36.91 -34.62 8.50
N ILE B 20 -35.78 -33.92 8.57
CA ILE B 20 -34.52 -34.36 7.99
C ILE B 20 -33.39 -34.05 8.96
N ASP B 21 -32.22 -34.62 8.68
CA ASP B 21 -31.07 -34.46 9.57
C ASP B 21 -30.22 -33.24 9.25
N ALA B 22 -30.37 -32.65 8.07
CA ALA B 22 -29.59 -31.49 7.70
C ALA B 22 -30.39 -30.66 6.72
N VAL B 23 -30.35 -29.33 6.88
CA VAL B 23 -31.09 -28.43 6.01
C VAL B 23 -30.11 -27.40 5.48
N ALA B 24 -30.16 -27.16 4.18
CA ALA B 24 -29.37 -26.10 3.58
C ALA B 24 -30.06 -24.75 3.73
N VAL B 25 -29.30 -23.75 4.13
CA VAL B 25 -29.86 -22.44 4.46
C VAL B 25 -29.00 -21.41 3.77
N ASP B 26 -29.66 -20.39 3.21
CA ASP B 26 -28.93 -19.27 2.56
C ASP B 26 -29.87 -18.08 2.61
N THR B 27 -29.32 -16.87 2.67
CA THR B 27 -30.14 -15.67 2.81
C THR B 27 -29.85 -14.72 1.68
N GLU B 28 -30.73 -13.71 1.52
CA GLU B 28 -30.50 -12.63 0.52
C GLU B 28 -30.88 -11.32 1.22
N THR B 29 -30.05 -10.28 1.19
CA THR B 29 -30.29 -9.07 1.94
C THR B 29 -30.10 -7.88 1.01
N LEU B 30 -30.33 -6.69 1.55
CA LEU B 30 -30.00 -5.47 0.81
C LEU B 30 -28.54 -5.06 0.93
N GLY B 31 -27.71 -5.83 1.61
CA GLY B 31 -26.30 -5.49 1.69
C GLY B 31 -25.61 -6.19 2.83
N LEU B 32 -24.36 -5.79 3.05
CA LEU B 32 -23.44 -6.47 3.95
C LEU B 32 -23.52 -5.99 5.40
N GLN B 33 -24.38 -5.01 5.71
CA GLN B 33 -24.38 -4.40 7.03
C GLN B 33 -25.69 -4.72 7.73
N PRO B 34 -25.70 -5.69 8.65
CA PRO B 34 -26.97 -6.14 9.21
C PRO B 34 -27.78 -5.07 9.91
N HIS B 35 -27.13 -4.06 10.49
CA HIS B 35 -27.91 -3.03 11.15
C HIS B 35 -28.65 -2.13 10.17
N ARG B 36 -28.14 -2.01 8.95
CA ARG B 36 -28.77 -1.19 7.93
C ARG B 36 -29.57 -1.98 6.89
N ASP B 37 -29.11 -3.17 6.49
CA ASP B 37 -29.60 -3.83 5.29
C ASP B 37 -30.44 -5.04 5.69
N ARG B 38 -31.76 -4.94 5.49
CA ARG B 38 -32.68 -5.91 6.04
C ARG B 38 -32.61 -7.23 5.28
N LEU B 39 -33.12 -8.30 5.93
CA LEU B 39 -33.21 -9.63 5.27
C LEU B 39 -34.43 -9.58 4.34
N CYS B 40 -34.34 -10.14 3.13
CA CYS B 40 -35.45 -10.04 2.16
C CYS B 40 -35.92 -11.43 1.75
N VAL B 41 -35.01 -12.39 1.58
CA VAL B 41 -35.41 -13.75 1.09
C VAL B 41 -34.60 -14.82 1.83
N VAL B 42 -35.26 -15.81 2.43
CA VAL B 42 -34.54 -16.94 3.09
C VAL B 42 -34.79 -18.19 2.23
N GLN B 43 -33.75 -18.97 1.93
CA GLN B 43 -33.89 -20.14 1.05
C GLN B 43 -33.50 -21.40 1.82
N LEU B 44 -34.38 -22.42 1.85
CA LEU B 44 -34.07 -23.70 2.52
C LEU B 44 -34.04 -24.82 1.48
N SER B 45 -33.53 -26.00 1.83
CA SER B 45 -33.53 -27.17 0.90
C SER B 45 -33.25 -28.45 1.69
N SER B 46 -34.18 -29.41 1.67
CA SER B 46 -34.02 -30.66 2.39
C SER B 46 -33.01 -31.59 1.74
N GLY B 47 -32.48 -31.23 0.58
CA GLY B 47 -31.60 -32.11 -0.15
C GLY B 47 -32.30 -33.01 -1.15
N ASP B 48 -33.62 -32.90 -1.28
CA ASP B 48 -34.38 -33.77 -2.17
C ASP B 48 -34.54 -33.19 -3.57
N GLY B 49 -33.75 -32.17 -3.92
CA GLY B 49 -33.84 -31.55 -5.22
C GLY B 49 -34.88 -30.46 -5.34
N THR B 50 -35.59 -30.15 -4.26
CA THR B 50 -36.54 -29.04 -4.22
C THR B 50 -36.07 -28.00 -3.22
N ALA B 51 -36.59 -26.79 -3.35
CA ALA B 51 -36.20 -25.71 -2.46
C ALA B 51 -37.42 -24.89 -2.09
N ASP B 52 -37.36 -24.25 -0.94
CA ASP B 52 -38.36 -23.30 -0.50
C ASP B 52 -37.75 -21.90 -0.46
N VAL B 53 -38.42 -20.94 -1.07
CA VAL B 53 -37.95 -19.57 -1.12
C VAL B 53 -38.99 -18.72 -0.43
N ILE B 54 -38.63 -18.12 0.70
CA ILE B 54 -39.55 -17.43 1.58
C ILE B 54 -39.24 -15.93 1.55
N GLN B 55 -40.19 -15.13 1.08
CA GLN B 55 -40.02 -13.69 1.13
C GLN B 55 -40.36 -13.15 2.50
N ILE B 56 -39.43 -12.38 3.07
CA ILE B 56 -39.60 -11.80 4.38
C ILE B 56 -39.99 -10.34 4.17
N ALA B 57 -41.07 -9.91 4.82
CA ALA B 57 -41.58 -8.57 4.64
C ALA B 57 -40.77 -7.57 5.45
N LYS B 58 -40.78 -6.32 5.01
CA LYS B 58 -40.19 -5.24 5.78
C LYS B 58 -40.81 -5.15 7.16
N GLY B 59 -39.95 -5.08 8.17
CA GLY B 59 -40.33 -5.00 9.55
C GLY B 59 -40.80 -6.29 10.19
N GLN B 60 -40.79 -7.39 9.47
CA GLN B 60 -41.24 -8.66 10.03
C GLN B 60 -40.31 -9.13 11.14
N LYS B 61 -40.89 -9.43 12.31
CA LYS B 61 -40.12 -9.79 13.49
C LYS B 61 -40.19 -11.28 13.83
N SER B 62 -41.13 -12.02 13.24
CA SER B 62 -41.42 -13.39 13.64
C SER B 62 -41.58 -14.27 12.41
N ALA B 63 -41.12 -15.52 12.52
CA ALA B 63 -41.37 -16.54 11.51
C ALA B 63 -41.37 -17.89 12.19
N PRO B 64 -42.45 -18.23 12.91
CA PRO B 64 -42.37 -19.32 13.89
C PRO B 64 -41.98 -20.67 13.31
N ASN B 65 -42.44 -21.04 12.13
CA ASN B 65 -42.08 -22.35 11.60
C ASN B 65 -40.61 -22.36 11.20
N LEU B 66 -40.20 -21.32 10.47
CA LEU B 66 -38.80 -21.14 10.13
C LEU B 66 -37.93 -21.09 11.38
N VAL B 67 -38.33 -20.32 12.37
CA VAL B 67 -37.48 -20.16 13.55
C VAL B 67 -37.40 -21.48 14.31
N ARG B 68 -38.50 -22.24 14.32
CA ARG B 68 -38.47 -23.58 14.88
C ARG B 68 -37.38 -24.40 14.20
N LEU B 69 -37.23 -24.35 12.93
CA LEU B 69 -36.21 -25.16 12.21
C LEU B 69 -34.81 -24.59 12.48
N LEU B 70 -34.70 -23.22 12.55
CA LEU B 70 -33.40 -22.61 12.84
C LEU B 70 -32.87 -22.94 14.22
N SER B 71 -33.74 -23.16 15.20
CA SER B 71 -33.32 -23.40 16.57
C SER B 71 -33.28 -24.88 16.96
N ASP B 72 -33.58 -25.78 16.02
CA ASP B 72 -33.61 -27.22 16.28
C ASP B 72 -32.20 -27.80 16.31
N ARG B 73 -31.73 -28.17 17.50
CA ARG B 73 -30.37 -28.65 17.68
C ARG B 73 -30.15 -30.04 17.11
N ASP B 74 -31.20 -30.74 16.72
CA ASP B 74 -31.04 -32.04 16.07
C ASP B 74 -30.81 -31.93 14.57
N ILE B 75 -30.83 -30.73 14.02
CA ILE B 75 -30.67 -30.50 12.58
C ILE B 75 -29.45 -29.62 12.38
N THR B 76 -28.45 -30.12 11.67
CA THR B 76 -27.30 -29.29 11.34
C THR B 76 -27.71 -28.35 10.20
N LYS B 77 -27.48 -27.06 10.38
CA LYS B 77 -27.73 -26.05 9.35
C LYS B 77 -26.49 -25.85 8.50
N ILE B 78 -26.61 -26.08 7.20
CA ILE B 78 -25.49 -25.93 6.27
C ILE B 78 -25.58 -24.55 5.63
N PHE B 79 -24.48 -23.82 5.68
CA PHE B 79 -24.37 -22.51 5.06
C PHE B 79 -23.13 -22.51 4.18
N HIS B 80 -23.09 -21.55 3.27
CA HIS B 80 -21.84 -21.11 2.67
C HIS B 80 -21.54 -19.73 3.21
N PHE B 81 -20.41 -19.60 3.91
CA PHE B 81 -20.07 -18.38 4.65
C PHE B 81 -21.17 -18.04 5.65
N GLY B 82 -21.42 -18.98 6.55
CA GLY B 82 -22.42 -18.80 7.57
C GLY B 82 -22.15 -17.64 8.52
N ARG B 83 -20.91 -17.16 8.58
CA ARG B 83 -20.63 -15.98 9.40
C ARG B 83 -21.63 -14.86 9.14
N PHE B 84 -21.97 -14.64 7.88
CA PHE B 84 -22.92 -13.59 7.53
C PHE B 84 -24.37 -14.00 7.77
N ASP B 85 -24.77 -15.15 7.22
CA ASP B 85 -26.16 -15.57 7.34
C ASP B 85 -26.58 -15.69 8.80
N LEU B 86 -25.73 -16.26 9.65
CA LEU B 86 -26.07 -16.38 11.05
C LEU B 86 -26.31 -15.01 11.66
N ALA B 87 -25.46 -14.05 11.29
CA ALA B 87 -25.60 -12.71 11.85
C ALA B 87 -26.91 -12.08 11.44
N ILE B 88 -27.23 -12.15 10.15
CA ILE B 88 -28.45 -11.47 9.68
C ILE B 88 -29.69 -12.18 10.19
N LEU B 89 -29.66 -13.51 10.30
CA LEU B 89 -30.81 -14.23 10.85
C LEU B 89 -31.04 -13.88 12.31
N ALA B 90 -29.97 -13.88 13.11
CA ALA B 90 -30.14 -13.54 14.51
C ALA B 90 -30.61 -12.11 14.68
N HIS B 91 -30.09 -11.20 13.85
CA HIS B 91 -30.50 -9.80 13.96
C HIS B 91 -31.97 -9.67 13.61
N THR B 92 -32.45 -10.47 12.65
CA THR B 92 -33.81 -10.30 12.16
C THR B 92 -34.82 -11.01 13.04
N PHE B 93 -34.54 -12.26 13.44
CA PHE B 93 -35.53 -13.06 14.14
C PHE B 93 -35.20 -13.32 15.60
N GLY B 94 -34.03 -12.91 16.07
CA GLY B 94 -33.72 -12.99 17.48
C GLY B 94 -33.25 -14.35 17.96
N VAL B 95 -32.99 -15.28 17.04
CA VAL B 95 -32.55 -16.64 17.39
C VAL B 95 -31.26 -16.93 16.64
N MET B 96 -30.21 -17.29 17.37
CA MET B 96 -28.94 -17.67 16.77
C MET B 96 -28.84 -19.18 16.68
N PRO B 97 -28.80 -19.76 15.48
CA PRO B 97 -28.58 -21.20 15.37
C PRO B 97 -27.28 -21.58 16.04
N ASP B 98 -27.23 -22.78 16.62
CA ASP B 98 -26.02 -23.22 17.29
C ASP B 98 -25.51 -24.58 16.85
N VAL B 99 -26.08 -25.16 15.80
CA VAL B 99 -25.57 -26.40 15.21
C VAL B 99 -25.41 -26.11 13.73
N VAL B 100 -24.17 -25.87 13.28
CA VAL B 100 -23.95 -25.35 11.93
C VAL B 100 -22.79 -26.08 11.28
N PHE B 101 -22.78 -26.00 9.95
CA PHE B 101 -21.67 -26.44 9.11
C PHE B 101 -21.49 -25.34 8.08
N CYS B 102 -20.25 -24.92 7.85
CA CYS B 102 -19.94 -23.88 6.88
C CYS B 102 -19.01 -24.44 5.83
N THR B 103 -19.44 -24.41 4.57
CA THR B 103 -18.61 -24.94 3.51
C THR B 103 -17.39 -24.08 3.22
N LYS B 104 -17.42 -22.80 3.57
CA LYS B 104 -16.25 -21.98 3.31
C LYS B 104 -15.12 -22.27 4.29
N ILE B 105 -15.43 -22.38 5.58
CA ILE B 105 -14.40 -22.81 6.54
C ILE B 105 -13.88 -24.19 6.17
N ALA B 106 -14.77 -25.11 5.82
CA ALA B 106 -14.34 -26.44 5.43
C ALA B 106 -13.41 -26.38 4.23
N SER B 107 -13.73 -25.53 3.26
CA SER B 107 -12.86 -25.38 2.10
C SER B 107 -11.51 -24.84 2.52
N LYS B 108 -11.48 -23.84 3.40
CA LYS B 108 -10.20 -23.28 3.83
C LYS B 108 -9.39 -24.31 4.60
N LEU B 109 -10.04 -25.29 5.19
CA LEU B 109 -9.37 -26.34 5.92
C LEU B 109 -9.04 -27.55 5.05
N THR B 110 -9.53 -27.59 3.84
CA THR B 110 -9.35 -28.78 3.03
C THR B 110 -8.80 -28.48 1.65
N ARG B 111 -9.29 -27.44 0.98
CA ARG B 111 -8.82 -27.12 -0.36
C ARG B 111 -7.58 -26.24 -0.21
N THR B 112 -6.53 -26.84 0.35
CA THR B 112 -5.29 -26.12 0.61
C THR B 112 -4.47 -25.86 -0.65
N TYR B 113 -4.85 -26.44 -1.78
CA TYR B 113 -4.13 -26.25 -3.03
C TYR B 113 -4.65 -25.09 -3.85
N THR B 114 -5.55 -24.27 -3.32
CA THR B 114 -6.06 -23.12 -4.05
C THR B 114 -6.35 -22.00 -3.06
N ASP B 115 -6.44 -20.78 -3.58
CA ASP B 115 -6.82 -19.63 -2.78
C ASP B 115 -8.21 -19.13 -3.14
N ARG B 116 -8.94 -19.86 -3.97
CA ARG B 116 -10.26 -19.46 -4.45
C ARG B 116 -11.27 -20.37 -3.78
N HIS B 117 -12.01 -19.83 -2.81
CA HIS B 117 -12.95 -20.60 -2.00
C HIS B 117 -14.40 -20.16 -2.21
N GLY B 118 -14.67 -19.40 -3.26
CA GLY B 118 -16.02 -19.02 -3.55
C GLY B 118 -16.88 -20.19 -3.98
N LEU B 119 -18.19 -20.01 -3.86
CA LEU B 119 -19.12 -21.09 -4.15
C LEU B 119 -19.00 -21.54 -5.60
N LYS B 120 -18.80 -20.60 -6.53
CA LYS B 120 -18.67 -21.01 -7.94
C LYS B 120 -17.50 -21.97 -8.11
N GLU B 121 -16.34 -21.63 -7.53
CA GLU B 121 -15.16 -22.49 -7.71
C GLU B 121 -15.34 -23.82 -7.02
N ILE B 122 -15.94 -23.82 -5.82
CA ILE B 122 -16.18 -25.09 -5.13
C ILE B 122 -17.10 -25.98 -5.94
N CYS B 123 -18.22 -25.44 -6.41
CA CYS B 123 -19.14 -26.28 -7.16
C CYS B 123 -18.51 -26.78 -8.44
N GLY B 124 -17.74 -25.91 -9.11
CA GLY B 124 -17.09 -26.32 -10.35
C GLY B 124 -16.09 -27.44 -10.12
N GLU B 125 -15.28 -27.31 -9.07
CA GLU B 125 -14.25 -28.31 -8.83
C GLU B 125 -14.82 -29.60 -8.29
N LEU B 126 -15.70 -29.54 -7.31
CA LEU B 126 -16.13 -30.74 -6.62
C LEU B 126 -17.23 -31.48 -7.34
N LEU B 127 -18.11 -30.78 -8.09
CA LEU B 127 -19.27 -31.43 -8.67
C LEU B 127 -19.38 -31.30 -10.18
N ASN B 128 -18.52 -30.52 -10.82
CA ASN B 128 -18.68 -30.14 -12.23
C ASN B 128 -20.07 -29.59 -12.51
N VAL B 129 -20.56 -28.73 -11.62
CA VAL B 129 -21.83 -28.03 -11.78
C VAL B 129 -21.54 -26.57 -12.01
N ASN B 130 -22.15 -25.98 -13.03
CA ASN B 130 -21.92 -24.58 -13.38
C ASN B 130 -22.99 -23.73 -12.73
N ILE B 131 -22.60 -22.93 -11.75
CA ILE B 131 -23.46 -21.92 -11.14
C ILE B 131 -23.26 -20.61 -11.90
N SER B 132 -24.35 -20.01 -12.35
CA SER B 132 -24.30 -18.71 -13.02
C SER B 132 -24.70 -17.63 -12.01
N LYS B 133 -23.70 -17.12 -11.29
CA LYS B 133 -23.89 -16.04 -10.32
C LYS B 133 -23.82 -14.71 -11.06
N GLN B 134 -24.94 -14.36 -11.72
CA GLN B 134 -25.06 -13.10 -12.42
C GLN B 134 -26.08 -12.16 -11.82
N GLN B 135 -26.96 -12.65 -10.94
CA GLN B 135 -27.99 -11.83 -10.33
C GLN B 135 -27.78 -11.71 -8.82
N GLN B 136 -26.53 -11.54 -8.39
CA GLN B 136 -26.25 -11.25 -7.00
C GLN B 136 -26.58 -9.81 -6.63
N SER B 137 -26.93 -8.98 -7.60
CA SER B 137 -27.20 -7.56 -7.41
C SER B 137 -28.50 -7.24 -8.14
N SER B 138 -29.62 -7.38 -7.44
CA SER B 138 -30.92 -7.05 -7.97
C SER B 138 -31.79 -6.57 -6.82
N ASP B 139 -32.96 -6.08 -7.13
CA ASP B 139 -33.84 -5.55 -6.09
C ASP B 139 -34.54 -6.72 -5.41
N TRP B 140 -33.91 -7.25 -4.38
CA TRP B 140 -34.49 -8.38 -3.67
C TRP B 140 -35.70 -7.97 -2.84
N ALA B 141 -35.94 -6.68 -2.69
CA ALA B 141 -37.09 -6.19 -1.93
C ALA B 141 -38.32 -6.01 -2.81
N ALA B 142 -38.22 -6.31 -4.10
CA ALA B 142 -39.34 -6.16 -5.01
C ALA B 142 -40.53 -6.96 -4.50
N GLU B 143 -41.73 -6.39 -4.66
CA GLU B 143 -42.94 -7.08 -4.22
C GLU B 143 -43.08 -8.43 -4.92
N THR B 144 -42.81 -8.48 -6.22
CA THR B 144 -42.86 -9.72 -6.98
C THR B 144 -41.47 -10.05 -7.52
N LEU B 145 -40.90 -11.17 -7.11
CA LEU B 145 -39.63 -11.61 -7.67
C LEU B 145 -39.82 -12.13 -9.08
N SER B 146 -38.85 -11.86 -9.94
CA SER B 146 -38.88 -12.40 -11.28
C SER B 146 -38.55 -13.88 -11.25
N ARG B 147 -38.89 -14.57 -12.35
CA ARG B 147 -38.54 -15.99 -12.46
C ARG B 147 -37.02 -16.18 -12.40
N ALA B 148 -36.26 -15.31 -13.07
CA ALA B 148 -34.81 -15.40 -13.03
C ALA B 148 -34.28 -15.23 -11.61
N GLN B 149 -34.85 -14.30 -10.86
CA GLN B 149 -34.45 -14.13 -9.48
C GLN B 149 -34.73 -15.39 -8.67
N ILE B 150 -35.91 -15.99 -8.85
CA ILE B 150 -36.26 -17.17 -8.07
C ILE B 150 -35.31 -18.32 -8.39
N GLU B 151 -35.02 -18.54 -9.68
CA GLU B 151 -34.13 -19.64 -10.03
C GLU B 151 -32.73 -19.40 -9.52
N TYR B 152 -32.24 -18.15 -9.59
CA TYR B 152 -30.92 -17.86 -9.05
C TYR B 152 -30.89 -18.10 -7.55
N ALA B 153 -31.88 -17.59 -6.83
CA ALA B 153 -31.91 -17.76 -5.38
C ALA B 153 -31.94 -19.23 -5.00
N ALA B 154 -32.72 -20.04 -5.72
CA ALA B 154 -32.77 -21.47 -5.42
C ALA B 154 -31.47 -22.18 -5.74
N SER B 155 -30.77 -21.78 -6.80
CA SER B 155 -29.55 -22.46 -7.19
C SER B 155 -28.46 -22.45 -6.11
N ASP B 156 -28.49 -21.49 -5.20
CA ASP B 156 -27.48 -21.37 -4.16
C ASP B 156 -27.63 -22.38 -3.03
N VAL B 157 -28.78 -23.04 -2.89
CA VAL B 157 -28.96 -24.05 -1.85
C VAL B 157 -29.07 -25.47 -2.38
N LEU B 158 -29.30 -25.66 -3.67
CA LEU B 158 -29.56 -26.97 -4.24
C LEU B 158 -28.38 -27.93 -4.10
N TYR B 159 -27.16 -27.43 -3.88
CA TYR B 159 -25.96 -28.27 -3.94
C TYR B 159 -25.21 -28.37 -2.62
N LEU B 160 -25.66 -27.73 -1.55
CA LEU B 160 -24.88 -27.70 -0.33
C LEU B 160 -24.78 -29.06 0.36
N HIS B 161 -25.81 -29.90 0.28
CA HIS B 161 -25.70 -31.23 0.87
C HIS B 161 -24.58 -32.05 0.23
N ARG B 162 -24.47 -32.04 -1.09
CA ARG B 162 -23.43 -32.80 -1.74
C ARG B 162 -22.04 -32.28 -1.35
N LEU B 163 -21.92 -30.97 -1.20
CA LEU B 163 -20.66 -30.40 -0.75
C LEU B 163 -20.36 -30.82 0.68
N LYS B 164 -21.35 -30.78 1.56
CA LYS B 164 -21.12 -31.22 2.93
C LYS B 164 -20.61 -32.65 2.96
N ASP B 165 -21.21 -33.52 2.15
CA ASP B 165 -20.77 -34.92 2.13
C ASP B 165 -19.32 -35.04 1.67
N ILE B 166 -18.94 -34.30 0.63
CA ILE B 166 -17.56 -34.38 0.14
C ILE B 166 -16.59 -33.81 1.15
N PHE B 167 -16.92 -32.65 1.72
CA PHE B 167 -16.01 -32.05 2.69
C PHE B 167 -15.85 -32.92 3.93
N GLU B 168 -16.91 -33.60 4.36
CA GLU B 168 -16.74 -34.52 5.48
C GLU B 168 -15.79 -35.66 5.13
N GLU B 169 -15.90 -36.19 3.90
CA GLU B 169 -14.93 -37.20 3.47
C GLU B 169 -13.50 -36.67 3.49
N ARG B 170 -13.28 -35.46 2.97
CA ARG B 170 -11.93 -34.91 2.93
C ARG B 170 -11.40 -34.57 4.32
N LEU B 171 -12.25 -34.04 5.20
CA LEU B 171 -11.80 -33.73 6.55
C LEU B 171 -11.40 -35.00 7.27
N LYS B 172 -12.13 -36.10 7.04
CA LYS B 172 -11.70 -37.35 7.65
C LYS B 172 -10.39 -37.82 7.06
N ARG B 173 -10.23 -37.69 5.73
CA ARG B 173 -9.01 -38.18 5.08
C ARG B 173 -7.75 -37.49 5.59
N GLU B 174 -7.78 -36.18 5.77
CA GLU B 174 -6.61 -35.44 6.24
C GLU B 174 -6.56 -35.27 7.75
N GLU B 175 -7.46 -35.90 8.49
CA GLU B 175 -7.43 -35.95 9.96
C GLU B 175 -7.54 -34.56 10.60
N ARG B 176 -8.50 -33.77 10.11
CA ARG B 176 -8.75 -32.42 10.60
C ARG B 176 -10.17 -32.27 11.11
N GLU B 177 -10.83 -33.38 11.44
CA GLU B 177 -12.23 -33.31 11.86
C GLU B 177 -12.41 -32.51 13.14
N SER B 178 -11.52 -32.68 14.13
CA SER B 178 -11.72 -31.95 15.38
C SER B 178 -11.44 -30.46 15.25
N VAL B 179 -10.51 -30.08 14.38
CA VAL B 179 -10.27 -28.66 14.14
C VAL B 179 -11.51 -28.02 13.53
N ALA B 180 -12.03 -28.62 12.46
CA ALA B 180 -13.21 -28.08 11.81
C ALA B 180 -14.38 -28.06 12.77
N LYS B 181 -14.54 -29.12 13.56
CA LYS B 181 -15.64 -29.19 14.50
C LYS B 181 -15.58 -28.03 15.49
N ALA B 182 -14.40 -27.73 16.01
CA ALA B 182 -14.25 -26.60 16.93
C ALA B 182 -14.53 -25.27 16.25
N CYS B 183 -14.07 -25.10 15.01
CA CYS B 183 -14.38 -23.88 14.28
C CYS B 183 -15.88 -23.70 14.11
N PHE B 184 -16.58 -24.78 13.76
CA PHE B 184 -18.02 -24.67 13.60
C PHE B 184 -18.69 -24.36 14.93
N GLN B 185 -18.17 -24.88 16.03
CA GLN B 185 -18.74 -24.53 17.33
C GLN B 185 -18.55 -23.06 17.64
N PHE B 186 -17.42 -22.47 17.24
CA PHE B 186 -17.21 -21.06 17.52
C PHE B 186 -17.93 -20.13 16.54
N LEU B 187 -18.26 -20.61 15.35
CA LEU B 187 -18.79 -19.71 14.33
C LEU B 187 -20.01 -18.89 14.76
N PRO B 188 -21.01 -19.45 15.47
CA PRO B 188 -22.12 -18.60 15.94
C PRO B 188 -21.68 -17.45 16.84
N MET B 189 -20.66 -17.64 17.66
CA MET B 189 -20.19 -16.55 18.50
C MET B 189 -19.42 -15.53 17.67
N ARG B 190 -18.74 -15.97 16.64
CA ARG B 190 -18.16 -15.03 15.69
C ARG B 190 -19.23 -14.15 15.07
N ALA B 191 -20.37 -14.75 14.73
CA ALA B 191 -21.47 -13.95 14.20
C ALA B 191 -22.03 -12.99 15.24
N ASN B 192 -22.15 -13.45 16.48
CA ASN B 192 -22.60 -12.53 17.54
C ASN B 192 -21.62 -11.37 17.69
N LEU B 193 -20.31 -11.65 17.65
CA LEU B 193 -19.32 -10.58 17.72
C LEU B 193 -19.53 -9.60 16.59
N ASP B 194 -19.88 -10.10 15.42
CA ASP B 194 -20.18 -9.22 14.30
C ASP B 194 -21.37 -8.32 14.63
N LEU B 195 -22.43 -8.90 15.19
CA LEU B 195 -23.60 -8.08 15.54
C LEU B 195 -23.28 -7.03 16.60
N LEU B 196 -22.37 -7.33 17.54
CA LEU B 196 -22.13 -6.36 18.61
C LEU B 196 -21.25 -5.21 18.18
N GLY B 197 -20.55 -5.33 17.06
CA GLY B 197 -19.76 -4.20 16.61
C GLY B 197 -18.31 -4.50 16.34
N TRP B 198 -17.92 -5.77 16.41
CA TRP B 198 -16.54 -6.15 16.15
C TRP B 198 -16.39 -6.80 14.79
N SER B 199 -17.28 -6.45 13.86
CA SER B 199 -17.31 -7.09 12.55
C SER B 199 -16.04 -6.88 11.76
N GLU B 200 -15.31 -5.80 12.01
CA GLU B 200 -14.09 -5.50 11.26
C GLU B 200 -12.81 -5.88 12.00
N ILE B 201 -12.89 -6.62 13.10
CA ILE B 201 -11.73 -6.90 13.93
C ILE B 201 -11.54 -8.41 13.97
N ASP B 202 -10.34 -8.86 13.64
CA ASP B 202 -9.97 -10.25 13.96
C ASP B 202 -9.61 -10.29 15.43
N ILE B 203 -10.52 -10.82 16.25
CA ILE B 203 -10.36 -10.72 17.69
C ILE B 203 -9.16 -11.51 18.20
N PHE B 204 -8.66 -12.47 17.42
CA PHE B 204 -7.53 -13.28 17.87
C PHE B 204 -6.20 -12.80 17.34
N ALA B 205 -6.18 -11.79 16.50
CA ALA B 205 -4.92 -11.37 15.89
C ALA B 205 -4.11 -10.58 16.90
N HIS B 206 -2.79 -10.63 16.74
CA HIS B 206 -1.95 -9.81 17.59
C HIS B 206 -2.18 -8.33 17.32
N SER B 207 -2.37 -7.95 16.06
CA SER B 207 -2.72 -6.58 15.73
C SER B 207 -3.63 -6.55 14.50
N THR C 3 3.10 -39.99 -26.58
CA THR C 3 2.31 -39.70 -25.40
C THR C 3 2.22 -40.92 -24.48
N GLU C 4 3.34 -41.54 -24.20
CA GLU C 4 3.39 -42.69 -23.30
C GLU C 4 3.55 -42.18 -21.87
N ILE C 5 2.59 -42.51 -21.01
CA ILE C 5 2.64 -42.18 -19.60
C ILE C 5 2.49 -43.46 -18.80
N ARG C 6 3.53 -43.82 -18.06
CA ARG C 6 3.52 -45.01 -17.22
C ARG C 6 3.16 -44.60 -15.80
N VAL C 7 2.11 -45.17 -15.23
CA VAL C 7 1.67 -44.80 -13.89
C VAL C 7 2.09 -45.90 -12.93
N HIS C 8 2.73 -45.51 -11.83
CA HIS C 8 3.25 -46.46 -10.85
C HIS C 8 2.72 -46.13 -9.47
N GLN C 9 2.74 -47.13 -8.60
CA GLN C 9 2.43 -46.98 -7.19
C GLN C 9 3.73 -47.08 -6.39
N GLY C 10 4.05 -46.02 -5.65
CA GLY C 10 5.19 -46.07 -4.73
C GLY C 10 6.57 -45.79 -5.26
N ASP C 11 6.98 -46.44 -6.34
CA ASP C 11 8.36 -46.34 -6.80
C ASP C 11 8.43 -46.83 -8.23
N LEU C 12 9.52 -46.47 -8.90
CA LEU C 12 9.86 -47.10 -10.16
C LEU C 12 10.10 -48.59 -9.96
N PRO C 13 9.73 -49.43 -10.93
CA PRO C 13 10.07 -50.86 -10.81
C PRO C 13 11.56 -51.10 -10.94
N ASN C 14 12.25 -50.27 -11.73
CA ASN C 14 13.69 -50.34 -11.96
C ASN C 14 14.11 -49.03 -12.61
N LEU C 15 15.40 -48.90 -12.87
CA LEU C 15 15.96 -47.70 -13.48
C LEU C 15 16.34 -47.94 -14.94
N ASP C 16 15.70 -48.92 -15.58
CA ASP C 16 16.05 -49.29 -16.94
C ASP C 16 15.83 -48.12 -17.90
N ASN C 17 14.87 -47.26 -17.61
CA ASN C 17 14.56 -46.11 -18.45
C ASN C 17 15.35 -44.86 -18.10
N TYR C 18 16.26 -44.92 -17.12
CA TYR C 18 16.88 -43.71 -16.63
C TYR C 18 18.40 -43.84 -16.59
N ARG C 19 18.98 -44.52 -17.57
CA ARG C 19 20.42 -44.50 -17.79
C ARG C 19 20.78 -43.35 -18.72
N ILE C 20 20.62 -42.12 -18.21
CA ILE C 20 20.66 -40.92 -19.03
C ILE C 20 21.44 -39.85 -18.28
N ASP C 21 21.77 -38.77 -19.00
CA ASP C 21 22.56 -37.68 -18.42
C ASP C 21 21.73 -36.66 -17.67
N ALA C 22 20.44 -36.55 -17.97
CA ALA C 22 19.60 -35.54 -17.33
C ALA C 22 18.17 -36.06 -17.27
N VAL C 23 17.50 -35.80 -16.15
CA VAL C 23 16.14 -36.26 -15.94
C VAL C 23 15.28 -35.07 -15.55
N ALA C 24 14.12 -34.95 -16.18
CA ALA C 24 13.16 -33.93 -15.82
C ALA C 24 12.32 -34.41 -14.65
N VAL C 25 12.14 -33.56 -13.65
CA VAL C 25 11.49 -33.94 -12.41
C VAL C 25 10.46 -32.87 -12.08
N ASP C 26 9.27 -33.31 -11.64
CA ASP C 26 8.22 -32.36 -11.18
C ASP C 26 7.38 -33.09 -10.13
N THR C 27 6.84 -32.37 -9.16
CA THR C 27 6.05 -32.94 -8.09
C THR C 27 4.67 -32.31 -8.11
N GLU C 28 3.73 -32.93 -7.40
CA GLU C 28 2.37 -32.34 -7.19
C GLU C 28 2.03 -32.59 -5.72
N THR C 29 1.56 -31.59 -4.98
CA THR C 29 1.35 -31.64 -3.54
C THR C 29 -0.04 -31.10 -3.25
N LEU C 30 -0.41 -31.10 -1.97
CA LEU C 30 -1.61 -30.42 -1.54
C LEU C 30 -1.45 -28.92 -1.29
N GLY C 31 -0.28 -28.35 -1.54
CA GLY C 31 -0.15 -26.91 -1.36
C GLY C 31 1.31 -26.49 -1.23
N LEU C 32 1.47 -25.19 -0.93
CA LEU C 32 2.76 -24.51 -0.97
C LEU C 32 3.57 -24.61 0.32
N GLN C 33 3.05 -25.26 1.36
CA GLN C 33 3.70 -25.28 2.66
C GLN C 33 4.14 -26.69 3.01
N PRO C 34 5.43 -27.00 2.87
CA PRO C 34 5.88 -28.40 3.02
C PRO C 34 5.55 -29.01 4.37
N HIS C 35 5.45 -28.22 5.44
CA HIS C 35 5.12 -28.80 6.73
C HIS C 35 3.66 -29.20 6.83
N ARG C 36 2.77 -28.58 6.05
CA ARG C 36 1.35 -28.92 6.07
C ARG C 36 0.91 -29.79 4.91
N ASP C 37 1.46 -29.58 3.71
CA ASP C 37 0.87 -30.11 2.48
C ASP C 37 1.73 -31.24 1.92
N ARG C 38 1.22 -32.47 2.00
CA ARG C 38 2.05 -33.64 1.72
C ARG C 38 2.29 -33.78 0.22
N LEU C 39 3.41 -34.41 -0.12
CA LEU C 39 3.71 -34.83 -1.49
C LEU C 39 2.76 -35.93 -1.97
N CYS C 40 2.15 -35.74 -3.14
CA CYS C 40 1.18 -36.70 -3.67
C CYS C 40 1.63 -37.42 -4.93
N VAL C 41 2.36 -36.76 -5.83
CA VAL C 41 2.77 -37.32 -7.11
C VAL C 41 4.19 -36.87 -7.41
N VAL C 42 4.99 -37.74 -8.00
CA VAL C 42 6.27 -37.38 -8.58
C VAL C 42 6.31 -37.79 -10.04
N GLN C 43 6.68 -36.84 -10.91
CA GLN C 43 6.75 -37.09 -12.37
C GLN C 43 8.20 -37.09 -12.82
N LEU C 44 8.58 -37.97 -13.72
CA LEU C 44 9.92 -38.13 -14.24
C LEU C 44 9.86 -38.26 -15.75
N SER C 45 10.91 -37.79 -16.42
CA SER C 45 11.04 -38.05 -17.84
C SER C 45 12.50 -38.20 -18.19
N SER C 46 12.80 -39.14 -19.09
CA SER C 46 14.14 -39.27 -19.62
C SER C 46 14.41 -38.33 -20.77
N GLY C 47 13.41 -37.58 -21.21
CA GLY C 47 13.54 -36.73 -22.37
C GLY C 47 13.18 -37.37 -23.69
N ASP C 48 12.71 -38.61 -23.68
CA ASP C 48 12.36 -39.33 -24.90
C ASP C 48 10.91 -39.14 -25.32
N GLY C 49 10.21 -38.17 -24.74
CA GLY C 49 8.82 -37.94 -25.07
C GLY C 49 7.83 -38.79 -24.29
N THR C 50 8.31 -39.61 -23.36
CA THR C 50 7.47 -40.38 -22.46
C THR C 50 7.73 -39.94 -21.04
N ALA C 51 6.81 -40.28 -20.14
CA ALA C 51 6.94 -39.88 -18.75
C ALA C 51 6.50 -40.99 -17.82
N ASP C 52 7.05 -40.97 -16.61
CA ASP C 52 6.64 -41.83 -15.52
C ASP C 52 5.98 -40.99 -14.44
N VAL C 53 4.81 -41.41 -13.97
CA VAL C 53 4.06 -40.71 -12.95
C VAL C 53 3.90 -41.65 -11.78
N ILE C 54 4.48 -41.31 -10.64
CA ILE C 54 4.55 -42.20 -9.49
C ILE C 54 3.66 -41.60 -8.43
N GLN C 55 2.58 -42.30 -8.08
CA GLN C 55 1.70 -41.87 -7.00
C GLN C 55 2.27 -42.31 -5.66
N ILE C 56 2.45 -41.35 -4.75
CA ILE C 56 2.99 -41.59 -3.42
C ILE C 56 1.87 -41.60 -2.40
N ALA C 57 1.82 -42.62 -1.56
CA ALA C 57 0.75 -42.74 -0.59
C ALA C 57 1.01 -41.82 0.60
N LYS C 58 -0.08 -41.46 1.27
CA LYS C 58 0.00 -40.73 2.53
C LYS C 58 0.80 -41.49 3.59
N GLY C 59 1.70 -40.76 4.24
CA GLY C 59 2.59 -41.28 5.26
C GLY C 59 3.76 -42.10 4.76
N GLN C 60 3.92 -42.23 3.44
CA GLN C 60 5.02 -43.03 2.91
C GLN C 60 6.34 -42.37 3.24
N LYS C 61 7.27 -43.13 3.82
CA LYS C 61 8.53 -42.57 4.29
C LYS C 61 9.71 -42.92 3.39
N SER C 62 9.56 -43.90 2.52
CA SER C 62 10.63 -44.43 1.69
C SER C 62 10.07 -44.70 0.31
N ALA C 63 10.91 -44.56 -0.71
CA ALA C 63 10.55 -44.97 -2.07
C ALA C 63 11.78 -45.41 -2.84
N PRO C 64 12.26 -46.63 -2.57
CA PRO C 64 13.62 -47.01 -2.98
C PRO C 64 13.80 -46.92 -4.48
N ASN C 65 15.05 -46.82 -4.90
CA ASN C 65 15.51 -46.67 -6.27
C ASN C 65 15.21 -45.26 -6.75
N LEU C 66 14.02 -44.74 -6.44
CA LEU C 66 13.73 -43.35 -6.75
C LEU C 66 14.74 -42.43 -6.07
N VAL C 67 15.00 -42.69 -4.79
CA VAL C 67 15.90 -41.83 -4.04
C VAL C 67 17.32 -41.99 -4.56
N ARG C 68 17.67 -43.20 -5.00
CA ARG C 68 18.96 -43.41 -5.67
C ARG C 68 19.07 -42.53 -6.91
N LEU C 69 18.00 -42.46 -7.71
CA LEU C 69 18.02 -41.60 -8.93
C LEU C 69 18.19 -40.14 -8.52
N LEU C 70 17.44 -39.69 -7.51
CA LEU C 70 17.51 -38.31 -7.07
C LEU C 70 18.85 -37.96 -6.45
N SER C 71 19.53 -38.93 -5.85
CA SER C 71 20.80 -38.76 -5.16
C SER C 71 22.02 -38.88 -6.05
N ASP C 72 21.88 -39.41 -7.26
CA ASP C 72 23.02 -39.74 -8.10
C ASP C 72 23.60 -38.45 -8.65
N ARG C 73 24.80 -38.09 -8.19
CA ARG C 73 25.45 -36.84 -8.58
C ARG C 73 25.86 -36.80 -10.05
N ASP C 74 25.82 -37.93 -10.76
CA ASP C 74 26.15 -37.90 -12.18
C ASP C 74 24.96 -37.61 -13.06
N ILE C 75 23.77 -37.41 -12.48
CA ILE C 75 22.54 -37.15 -13.23
C ILE C 75 22.01 -35.79 -12.81
N THR C 76 21.88 -34.87 -13.77
CA THR C 76 21.32 -33.57 -13.49
C THR C 76 19.80 -33.65 -13.37
N LYS C 77 19.25 -33.13 -12.28
CA LYS C 77 17.82 -33.04 -12.09
C LYS C 77 17.32 -31.68 -12.57
N ILE C 78 16.41 -31.69 -13.55
CA ILE C 78 15.86 -30.45 -14.10
C ILE C 78 14.51 -30.18 -13.48
N PHE C 79 14.32 -28.96 -12.96
CA PHE C 79 13.06 -28.54 -12.36
C PHE C 79 12.64 -27.22 -12.99
N HIS C 80 11.37 -26.90 -12.84
CA HIS C 80 10.89 -25.53 -12.96
C HIS C 80 10.50 -25.05 -11.56
N PHE C 81 11.18 -23.99 -11.08
CA PHE C 81 11.08 -23.54 -9.70
C PHE C 81 11.41 -24.67 -8.73
N GLY C 82 12.62 -25.20 -8.90
CA GLY C 82 13.08 -26.28 -8.05
C GLY C 82 13.22 -25.93 -6.59
N ARG C 83 13.30 -24.64 -6.25
CA ARG C 83 13.33 -24.26 -4.84
C ARG C 83 12.23 -24.94 -4.05
N PHE C 84 11.03 -25.05 -4.62
CA PHE C 84 9.92 -25.72 -3.94
C PHE C 84 10.03 -27.24 -3.99
N ASP C 85 10.23 -27.80 -5.19
CA ASP C 85 10.25 -29.25 -5.35
C ASP C 85 11.37 -29.89 -4.52
N LEU C 86 12.54 -29.26 -4.49
CA LEU C 86 13.65 -29.78 -3.69
C LEU C 86 13.26 -29.83 -2.24
N ALA C 87 12.55 -28.81 -1.77
CA ALA C 87 12.14 -28.75 -0.37
C ALA C 87 11.18 -29.88 -0.05
N ILE C 88 10.15 -30.08 -0.90
CA ILE C 88 9.15 -31.08 -0.57
C ILE C 88 9.74 -32.48 -0.70
N LEU C 89 10.64 -32.69 -1.65
CA LEU C 89 11.29 -33.99 -1.79
C LEU C 89 12.16 -34.28 -0.58
N ALA C 90 12.96 -33.30 -0.16
CA ALA C 90 13.82 -33.52 1.00
C ALA C 90 12.98 -33.76 2.25
N HIS C 91 11.88 -33.04 2.41
CA HIS C 91 11.02 -33.26 3.58
C HIS C 91 10.41 -34.65 3.55
N THR C 92 10.12 -35.19 2.37
CA THR C 92 9.41 -36.46 2.32
C THR C 92 10.39 -37.62 2.46
N PHE C 93 11.52 -37.58 1.73
CA PHE C 93 12.44 -38.71 1.69
C PHE C 93 13.76 -38.47 2.39
N GLY C 94 14.02 -37.25 2.88
CA GLY C 94 15.18 -37.00 3.70
C GLY C 94 16.46 -36.78 2.92
N VAL C 95 16.37 -36.66 1.59
CA VAL C 95 17.52 -36.50 0.72
C VAL C 95 17.37 -35.24 -0.11
N MET C 96 18.35 -34.34 -0.03
CA MET C 96 18.35 -33.14 -0.83
C MET C 96 19.22 -33.34 -2.06
N PRO C 97 18.65 -33.33 -3.27
CA PRO C 97 19.48 -33.39 -4.47
C PRO C 97 20.45 -32.23 -4.47
N ASP C 98 21.64 -32.46 -5.03
CA ASP C 98 22.63 -31.39 -5.07
C ASP C 98 23.21 -31.13 -6.45
N VAL C 99 22.68 -31.74 -7.49
CA VAL C 99 23.08 -31.42 -8.87
C VAL C 99 21.79 -31.12 -9.61
N VAL C 100 21.50 -29.83 -9.82
CA VAL C 100 20.20 -29.41 -10.30
C VAL C 100 20.35 -28.34 -11.37
N PHE C 101 19.29 -28.19 -12.16
CA PHE C 101 19.10 -27.09 -13.08
C PHE C 101 17.69 -26.60 -12.89
N CYS C 102 17.51 -25.29 -12.78
CA CYS C 102 16.20 -24.69 -12.58
C CYS C 102 15.89 -23.75 -13.73
N THR C 103 14.79 -24.02 -14.43
CA THR C 103 14.41 -23.20 -15.57
C THR C 103 13.93 -21.82 -15.15
N LYS C 104 13.49 -21.63 -13.91
CA LYS C 104 13.05 -20.30 -13.49
C LYS C 104 14.23 -19.38 -13.28
N ILE C 105 15.27 -19.86 -12.59
CA ILE C 105 16.49 -19.09 -12.46
C ILE C 105 17.11 -18.81 -13.83
N ALA C 106 17.18 -19.82 -14.70
CA ALA C 106 17.73 -19.60 -16.03
C ALA C 106 16.94 -18.55 -16.81
N SER C 107 15.61 -18.61 -16.74
CA SER C 107 14.79 -17.61 -17.41
C SER C 107 15.07 -16.23 -16.84
N LYS C 108 15.15 -16.11 -15.52
CA LYS C 108 15.42 -14.81 -14.92
C LYS C 108 16.80 -14.31 -15.29
N LEU C 109 17.71 -15.21 -15.63
CA LEU C 109 19.05 -14.80 -16.04
C LEU C 109 19.19 -14.57 -17.53
N THR C 110 18.19 -14.91 -18.31
CA THR C 110 18.35 -14.77 -19.76
C THR C 110 17.20 -14.05 -20.40
N ARG C 111 15.97 -14.33 -19.97
CA ARG C 111 14.79 -13.67 -20.54
C ARG C 111 14.58 -12.35 -19.80
N THR C 112 15.54 -11.46 -19.98
CA THR C 112 15.53 -10.17 -19.29
C THR C 112 14.53 -9.19 -19.89
N TYR C 113 13.93 -9.53 -21.04
CA TYR C 113 12.99 -8.66 -21.71
C TYR C 113 11.54 -8.90 -21.31
N THR C 114 11.28 -9.72 -20.29
CA THR C 114 9.91 -9.95 -19.88
C THR C 114 9.86 -10.13 -18.38
N ASP C 115 8.68 -9.94 -17.81
CA ASP C 115 8.43 -10.20 -16.40
C ASP C 115 7.56 -11.41 -16.17
N ARG C 116 7.26 -12.19 -17.20
CA ARG C 116 6.40 -13.37 -17.08
C ARG C 116 7.31 -14.58 -17.24
N HIS C 117 7.53 -15.29 -16.14
CA HIS C 117 8.44 -16.42 -16.10
C HIS C 117 7.74 -17.73 -15.82
N GLY C 118 6.42 -17.78 -15.94
CA GLY C 118 5.73 -19.04 -15.75
C GLY C 118 6.03 -20.02 -16.86
N LEU C 119 5.83 -21.30 -16.54
CA LEU C 119 6.14 -22.35 -17.50
C LEU C 119 5.32 -22.21 -18.77
N LYS C 120 4.05 -21.84 -18.64
CA LYS C 120 3.22 -21.67 -19.83
C LYS C 120 3.81 -20.60 -20.74
N GLU C 121 4.21 -19.47 -20.17
CA GLU C 121 4.74 -18.38 -20.98
C GLU C 121 6.09 -18.75 -21.58
N ILE C 122 6.94 -19.43 -20.82
CA ILE C 122 8.23 -19.85 -21.36
C ILE C 122 8.04 -20.81 -22.52
N CYS C 123 7.17 -21.80 -22.35
CA CYS C 123 6.94 -22.75 -23.43
C CYS C 123 6.33 -22.07 -24.65
N GLY C 124 5.42 -21.13 -24.42
CA GLY C 124 4.83 -20.40 -25.52
C GLY C 124 5.85 -19.60 -26.30
N GLU C 125 6.74 -18.91 -25.61
CA GLU C 125 7.70 -18.06 -26.29
C GLU C 125 8.78 -18.90 -26.97
N LEU C 126 9.35 -19.85 -26.24
CA LEU C 126 10.54 -20.54 -26.74
C LEU C 126 10.22 -21.68 -27.68
N LEU C 127 9.06 -22.34 -27.54
CA LEU C 127 8.80 -23.54 -28.34
C LEU C 127 7.53 -23.47 -29.15
N ASN C 128 6.71 -22.43 -28.98
CA ASN C 128 5.38 -22.36 -29.57
C ASN C 128 4.56 -23.60 -29.22
N VAL C 129 4.68 -24.05 -27.97
CA VAL C 129 3.95 -25.20 -27.45
C VAL C 129 2.97 -24.67 -26.41
N ASN C 130 1.72 -25.11 -26.49
CA ASN C 130 0.68 -24.63 -25.60
C ASN C 130 0.55 -25.61 -24.44
N ILE C 131 0.91 -25.17 -23.25
CA ILE C 131 0.70 -25.93 -22.02
C ILE C 131 -0.65 -25.55 -21.41
N SER C 132 -1.50 -24.91 -22.20
CA SER C 132 -2.84 -24.58 -21.75
C SER C 132 -3.88 -25.56 -22.27
N SER C 137 -6.17 -26.10 -8.77
CA SER C 137 -5.61 -27.42 -9.02
C SER C 137 -6.69 -28.49 -9.04
N SER C 138 -6.34 -29.68 -8.53
CA SER C 138 -7.26 -30.79 -8.43
C SER C 138 -6.88 -31.62 -7.21
N ASP C 139 -7.72 -32.60 -6.89
CA ASP C 139 -7.48 -33.45 -5.73
C ASP C 139 -6.43 -34.49 -6.09
N TRP C 140 -5.17 -34.13 -5.87
CA TRP C 140 -4.07 -35.04 -6.19
C TRP C 140 -3.96 -36.20 -5.23
N ALA C 141 -4.70 -36.19 -4.13
CA ALA C 141 -4.66 -37.31 -3.19
C ALA C 141 -5.69 -38.38 -3.50
N ALA C 142 -6.47 -38.22 -4.57
CA ALA C 142 -7.46 -39.22 -4.92
C ALA C 142 -6.77 -40.58 -5.11
N GLU C 143 -7.44 -41.64 -4.66
CA GLU C 143 -6.87 -42.98 -4.80
C GLU C 143 -6.58 -43.32 -6.25
N THR C 144 -7.50 -42.98 -7.16
CA THR C 144 -7.33 -43.23 -8.59
C THR C 144 -7.33 -41.88 -9.30
N LEU C 145 -6.22 -41.54 -9.93
CA LEU C 145 -6.16 -40.32 -10.73
C LEU C 145 -6.92 -40.49 -12.04
N SER C 146 -7.58 -39.42 -12.46
CA SER C 146 -8.27 -39.40 -13.74
C SER C 146 -7.26 -39.34 -14.89
N ARG C 147 -7.73 -39.67 -16.09
CA ARG C 147 -6.89 -39.55 -17.27
C ARG C 147 -6.43 -38.12 -17.48
N ALA C 148 -7.33 -37.15 -17.26
CA ALA C 148 -6.96 -35.75 -17.41
C ALA C 148 -5.85 -35.36 -16.44
N GLN C 149 -5.93 -35.86 -15.20
CA GLN C 149 -4.89 -35.59 -14.23
C GLN C 149 -3.56 -36.18 -14.69
N ILE C 150 -3.58 -37.43 -15.16
CA ILE C 150 -2.34 -38.09 -15.59
C ILE C 150 -1.73 -37.35 -16.76
N GLU C 151 -2.55 -36.94 -17.73
CA GLU C 151 -2.02 -36.22 -18.88
C GLU C 151 -1.46 -34.87 -18.49
N TYR C 152 -2.12 -34.16 -17.57
CA TYR C 152 -1.58 -32.88 -17.11
C TYR C 152 -0.25 -33.07 -16.39
N ALA C 153 -0.20 -34.05 -15.49
CA ALA C 153 1.02 -34.30 -14.74
C ALA C 153 2.17 -34.63 -15.68
N ALA C 154 1.90 -35.43 -16.72
CA ALA C 154 2.97 -35.72 -17.65
C ALA C 154 3.34 -34.48 -18.46
N SER C 155 2.34 -33.66 -18.79
CA SER C 155 2.59 -32.47 -19.58
C SER C 155 3.53 -31.51 -18.87
N ASP C 156 3.59 -31.58 -17.54
CA ASP C 156 4.48 -30.68 -16.81
C ASP C 156 5.96 -31.06 -16.90
N VAL C 157 6.30 -32.28 -17.32
CA VAL C 157 7.68 -32.72 -17.46
C VAL C 157 8.12 -32.97 -18.89
N LEU C 158 7.20 -33.08 -19.85
CA LEU C 158 7.57 -33.50 -21.20
C LEU C 158 8.50 -32.53 -21.94
N TYR C 159 8.60 -31.27 -21.54
CA TYR C 159 9.32 -30.27 -22.32
C TYR C 159 10.54 -29.67 -21.63
N LEU C 160 10.89 -30.11 -20.44
CA LEU C 160 11.95 -29.45 -19.67
C LEU C 160 13.33 -29.65 -20.29
N HIS C 161 13.58 -30.80 -20.93
CA HIS C 161 14.85 -31.02 -21.61
C HIS C 161 15.09 -30.01 -22.73
N ARG C 162 14.07 -29.77 -23.56
CA ARG C 162 14.25 -28.81 -24.64
C ARG C 162 14.53 -27.42 -24.08
N LEU C 163 13.88 -27.09 -22.97
CA LEU C 163 14.13 -25.81 -22.32
C LEU C 163 15.56 -25.75 -21.80
N LYS C 164 16.03 -26.82 -21.16
CA LYS C 164 17.41 -26.80 -20.68
C LYS C 164 18.37 -26.56 -21.83
N ASP C 165 18.16 -27.24 -22.95
CA ASP C 165 19.02 -27.01 -24.13
C ASP C 165 19.01 -25.55 -24.57
N ILE C 166 17.82 -24.96 -24.68
CA ILE C 166 17.74 -23.58 -25.14
C ILE C 166 18.36 -22.64 -24.12
N PHE C 167 18.07 -22.83 -22.84
CA PHE C 167 18.62 -21.98 -21.81
C PHE C 167 20.14 -22.11 -21.74
N GLU C 168 20.68 -23.29 -21.97
CA GLU C 168 22.13 -23.44 -22.00
C GLU C 168 22.72 -22.66 -23.15
N GLU C 169 22.04 -22.67 -24.29
CA GLU C 169 22.49 -21.83 -25.41
C GLU C 169 22.46 -20.35 -25.03
N ARG C 170 21.39 -19.91 -24.37
CA ARG C 170 21.28 -18.49 -24.01
C ARG C 170 22.32 -18.11 -22.95
N LEU C 171 22.56 -18.99 -21.97
CA LEU C 171 23.54 -18.69 -20.94
C LEU C 171 24.94 -18.61 -21.51
N LYS C 172 25.27 -19.48 -22.47
CA LYS C 172 26.58 -19.37 -23.10
C LYS C 172 26.66 -18.10 -23.93
N ARG C 173 25.59 -17.80 -24.66
CA ARG C 173 25.56 -16.66 -25.56
C ARG C 173 25.76 -15.34 -24.83
N GLU C 174 25.09 -15.17 -23.70
CA GLU C 174 25.15 -13.95 -22.93
C GLU C 174 26.24 -13.98 -21.83
N GLU C 175 27.05 -15.04 -21.80
CA GLU C 175 28.22 -15.15 -20.94
C GLU C 175 27.89 -15.10 -19.45
N ARG C 176 26.87 -15.85 -19.05
CA ARG C 176 26.42 -15.92 -17.66
C ARG C 176 26.46 -17.35 -17.13
N GLU C 177 27.26 -18.23 -17.75
CA GLU C 177 27.27 -19.62 -17.33
C GLU C 177 27.75 -19.79 -15.90
N SER C 178 28.80 -19.08 -15.48
CA SER C 178 29.29 -19.27 -14.12
C SER C 178 28.34 -18.69 -13.08
N VAL C 179 27.64 -17.60 -13.41
CA VAL C 179 26.62 -17.07 -12.52
C VAL C 179 25.51 -18.09 -12.32
N ALA C 180 25.00 -18.64 -13.42
CA ALA C 180 23.94 -19.62 -13.32
C ALA C 180 24.41 -20.83 -12.54
N LYS C 181 25.64 -21.29 -12.80
CA LYS C 181 26.16 -22.46 -12.13
C LYS C 181 26.21 -22.24 -10.61
N ALA C 182 26.67 -21.05 -10.18
CA ALA C 182 26.70 -20.75 -8.76
C ALA C 182 25.31 -20.68 -8.15
N CYS C 183 24.35 -20.11 -8.89
CA CYS C 183 22.97 -20.08 -8.40
C CYS C 183 22.44 -21.50 -8.22
N PHE C 184 22.68 -22.36 -9.18
CA PHE C 184 22.22 -23.74 -9.06
C PHE C 184 22.94 -24.46 -7.93
N GLN C 185 24.20 -24.12 -7.70
CA GLN C 185 24.92 -24.74 -6.58
C GLN C 185 24.32 -24.34 -5.25
N PHE C 186 23.83 -23.10 -5.15
CA PHE C 186 23.22 -22.66 -3.89
C PHE C 186 21.77 -23.09 -3.74
N LEU C 187 21.08 -23.37 -4.83
CA LEU C 187 19.64 -23.63 -4.75
C LEU C 187 19.26 -24.71 -3.74
N PRO C 188 19.94 -25.84 -3.63
CA PRO C 188 19.57 -26.82 -2.59
C PRO C 188 19.61 -26.27 -1.18
N MET C 189 20.59 -25.43 -0.87
CA MET C 189 20.64 -24.86 0.48
C MET C 189 19.53 -23.83 0.69
N ARG C 190 19.15 -23.11 -0.37
CA ARG C 190 17.99 -22.22 -0.29
C ARG C 190 16.74 -23.01 0.03
N ALA C 191 16.59 -24.18 -0.57
CA ALA C 191 15.45 -25.04 -0.25
C ALA C 191 15.53 -25.51 1.19
N ASN C 192 16.72 -25.91 1.65
CA ASN C 192 16.89 -26.30 3.04
C ASN C 192 16.50 -25.17 3.98
N LEU C 193 16.96 -23.94 3.69
CA LEU C 193 16.55 -22.78 4.48
C LEU C 193 15.04 -22.66 4.53
N ASP C 194 14.38 -22.94 3.43
CA ASP C 194 12.91 -22.92 3.43
C ASP C 194 12.38 -23.95 4.42
N LEU C 195 12.92 -25.16 4.39
CA LEU C 195 12.43 -26.16 5.33
C LEU C 195 12.68 -25.77 6.77
N LEU C 196 13.78 -25.07 7.05
CA LEU C 196 14.10 -24.74 8.43
C LEU C 196 13.29 -23.58 8.98
N GLY C 197 12.60 -22.82 8.13
CA GLY C 197 11.73 -21.77 8.64
C GLY C 197 11.93 -20.38 8.08
N TRP C 198 12.79 -20.22 7.07
CA TRP C 198 13.04 -18.92 6.47
C TRP C 198 12.38 -18.77 5.11
N SER C 199 11.30 -19.50 4.86
CA SER C 199 10.70 -19.50 3.53
C SER C 199 10.17 -18.13 3.11
N GLU C 200 9.84 -17.27 4.06
CA GLU C 200 9.35 -15.94 3.74
C GLU C 200 10.40 -14.86 3.85
N ILE C 201 11.67 -15.22 4.00
CA ILE C 201 12.74 -14.27 4.26
C ILE C 201 13.75 -14.35 3.13
N ASP C 202 14.04 -13.19 2.53
CA ASP C 202 15.19 -13.08 1.64
C ASP C 202 16.43 -12.93 2.52
N ILE C 203 17.21 -14.00 2.63
CA ILE C 203 18.30 -14.00 3.60
C ILE C 203 19.38 -12.99 3.26
N PHE C 204 19.48 -12.54 2.01
CA PHE C 204 20.55 -11.62 1.64
C PHE C 204 20.11 -10.16 1.63
N ALA C 205 18.85 -9.87 1.89
CA ALA C 205 18.37 -8.50 1.79
C ALA C 205 18.80 -7.73 3.03
N HIS C 206 18.93 -6.41 2.86
CA HIS C 206 19.21 -5.58 4.03
C HIS C 206 18.05 -5.58 5.00
N SER C 207 16.83 -5.52 4.49
CA SER C 207 15.65 -5.64 5.35
C SER C 207 14.91 -6.96 5.14
N THR D 3 4.48 -2.21 -48.16
CA THR D 3 5.28 -1.93 -46.96
C THR D 3 6.70 -2.44 -47.11
N GLU D 4 7.50 -1.74 -47.91
CA GLU D 4 8.90 -2.13 -48.09
C GLU D 4 9.63 -2.03 -46.76
N ILE D 5 10.22 -3.14 -46.33
CA ILE D 5 11.04 -3.17 -45.11
C ILE D 5 12.43 -3.67 -45.50
N ARG D 6 13.43 -2.82 -45.34
CA ARG D 6 14.81 -3.17 -45.62
C ARG D 6 15.53 -3.58 -44.34
N VAL D 7 16.06 -4.79 -44.31
CA VAL D 7 16.77 -5.31 -43.15
C VAL D 7 18.26 -5.22 -43.42
N HIS D 8 19.01 -4.66 -42.48
CA HIS D 8 20.45 -4.47 -42.67
C HIS D 8 21.24 -5.12 -41.54
N GLN D 9 22.49 -5.44 -41.85
CA GLN D 9 23.46 -5.91 -40.89
C GLN D 9 24.45 -4.79 -40.62
N GLY D 10 24.55 -4.38 -39.36
CA GLY D 10 25.56 -3.39 -38.99
C GLY D 10 25.13 -1.95 -39.21
N ASP D 11 25.51 -1.37 -40.35
CA ASP D 11 25.28 0.05 -40.64
C ASP D 11 24.34 0.20 -41.83
N LEU D 12 23.75 1.39 -41.95
CA LEU D 12 23.08 1.72 -43.20
C LEU D 12 24.09 1.73 -44.33
N PRO D 13 23.69 1.38 -45.55
CA PRO D 13 24.63 1.53 -46.67
C PRO D 13 24.90 2.98 -47.02
N ASN D 14 23.91 3.85 -46.85
CA ASN D 14 24.04 5.28 -47.14
C ASN D 14 22.83 5.98 -46.54
N LEU D 15 22.79 7.29 -46.69
CA LEU D 15 21.68 8.11 -46.20
C LEU D 15 20.84 8.65 -47.35
N ASP D 16 20.84 7.99 -48.50
CA ASP D 16 20.13 8.51 -49.66
C ASP D 16 18.63 8.61 -49.41
N ASN D 17 18.09 7.74 -48.57
CA ASN D 17 16.67 7.75 -48.24
C ASN D 17 16.32 8.65 -47.07
N TYR D 18 17.28 9.38 -46.51
CA TYR D 18 17.04 10.13 -45.29
C TYR D 18 17.49 11.57 -45.42
N ARG D 19 17.30 12.15 -46.60
CA ARG D 19 17.46 13.58 -46.80
C ARG D 19 16.11 14.28 -46.55
N ILE D 20 15.71 14.30 -45.27
CA ILE D 20 14.36 14.70 -44.88
C ILE D 20 14.44 15.55 -43.64
N ASP D 21 13.32 16.21 -43.31
CA ASP D 21 13.27 17.08 -42.15
C ASP D 21 12.96 16.37 -40.83
N ALA D 22 12.38 15.17 -40.87
CA ALA D 22 12.09 14.46 -39.63
C ALA D 22 12.12 12.97 -39.90
N VAL D 23 12.69 12.22 -38.96
CA VAL D 23 12.81 10.76 -39.08
C VAL D 23 12.22 10.12 -37.83
N ALA D 24 11.41 9.09 -38.02
CA ALA D 24 10.88 8.33 -36.91
C ALA D 24 11.87 7.25 -36.51
N VAL D 25 12.12 7.11 -35.20
CA VAL D 25 13.16 6.23 -34.69
C VAL D 25 12.58 5.40 -33.56
N ASP D 26 12.95 4.12 -33.49
CA ASP D 26 12.52 3.26 -32.36
C ASP D 26 13.54 2.13 -32.24
N THR D 27 13.78 1.64 -31.04
CA THR D 27 14.78 0.60 -30.78
C THR D 27 14.16 -0.60 -30.09
N GLU D 28 14.96 -1.69 -30.10
CA GLU D 28 14.61 -2.95 -29.41
C GLU D 28 15.90 -3.42 -28.72
N THR D 29 15.88 -3.82 -27.44
CA THR D 29 17.01 -4.21 -26.64
C THR D 29 16.61 -5.48 -25.93
N LEU D 30 17.50 -6.04 -25.12
CA LEU D 30 17.12 -7.15 -24.27
C LEU D 30 16.44 -6.71 -22.98
N GLY D 31 16.22 -5.41 -22.78
CA GLY D 31 15.52 -4.98 -21.58
C GLY D 31 15.72 -3.51 -21.30
N LEU D 32 15.23 -3.09 -20.15
CA LEU D 32 15.15 -1.69 -19.77
C LEU D 32 16.38 -1.12 -19.08
N GLN D 33 17.40 -1.93 -18.84
CA GLN D 33 18.53 -1.45 -18.04
C GLN D 33 19.73 -1.39 -18.97
N PRO D 34 20.09 -0.20 -19.45
CA PRO D 34 21.11 -0.11 -20.49
C PRO D 34 22.44 -0.71 -20.09
N HIS D 35 22.79 -0.72 -18.82
CA HIS D 35 24.07 -1.30 -18.45
C HIS D 35 24.06 -2.82 -18.57
N ARG D 36 22.89 -3.45 -18.49
CA ARG D 36 22.81 -4.90 -18.64
C ARG D 36 22.31 -5.35 -20.01
N ASP D 37 21.35 -4.63 -20.62
CA ASP D 37 20.59 -5.16 -21.74
C ASP D 37 20.99 -4.45 -23.04
N ARG D 38 21.68 -5.15 -23.93
CA ARG D 38 22.32 -4.49 -25.06
C ARG D 38 21.28 -4.10 -26.10
N LEU D 39 21.60 -3.05 -26.87
CA LEU D 39 20.83 -2.67 -28.06
C LEU D 39 20.94 -3.73 -29.14
N CYS D 40 19.80 -4.18 -29.68
CA CYS D 40 19.79 -5.24 -30.67
C CYS D 40 19.34 -4.80 -32.06
N VAL D 41 18.39 -3.88 -32.15
CA VAL D 41 17.81 -3.44 -33.42
C VAL D 41 17.58 -1.94 -33.33
N VAL D 42 17.82 -1.24 -34.44
CA VAL D 42 17.41 0.15 -34.61
C VAL D 42 16.51 0.26 -35.82
N GLN D 43 15.34 0.88 -35.64
CA GLN D 43 14.35 1.04 -36.74
C GLN D 43 14.24 2.50 -37.14
N LEU D 44 14.19 2.80 -38.45
CA LEU D 44 14.10 4.14 -39.00
C LEU D 44 13.01 4.19 -40.05
N SER D 45 12.36 5.34 -40.17
CA SER D 45 11.48 5.57 -41.30
C SER D 45 11.54 7.03 -41.71
N SER D 46 11.53 7.26 -43.02
CA SER D 46 11.47 8.62 -43.54
C SER D 46 10.06 9.17 -43.61
N GLY D 47 9.04 8.38 -43.28
CA GLY D 47 7.67 8.79 -43.44
C GLY D 47 7.03 8.47 -44.77
N ASP D 48 7.76 7.82 -45.68
CA ASP D 48 7.22 7.49 -46.99
C ASP D 48 6.55 6.12 -47.03
N GLY D 49 6.23 5.55 -45.88
CA GLY D 49 5.60 4.25 -45.83
C GLY D 49 6.54 3.07 -45.91
N THR D 50 7.84 3.30 -45.96
CA THR D 50 8.84 2.25 -45.93
C THR D 50 9.68 2.41 -44.67
N ALA D 51 10.39 1.35 -44.30
CA ALA D 51 11.18 1.39 -43.10
C ALA D 51 12.50 0.67 -43.32
N ASP D 52 13.51 1.08 -42.55
CA ASP D 52 14.79 0.40 -42.49
C ASP D 52 14.97 -0.20 -41.11
N VAL D 53 15.35 -1.47 -41.04
CA VAL D 53 15.56 -2.17 -39.79
C VAL D 53 17.02 -2.62 -39.77
N ILE D 54 17.80 -2.08 -38.85
CA ILE D 54 19.24 -2.29 -38.81
C ILE D 54 19.56 -3.14 -37.59
N GLN D 55 20.08 -4.34 -37.82
CA GLN D 55 20.53 -5.21 -36.75
C GLN D 55 21.91 -4.81 -36.25
N ILE D 56 22.03 -4.62 -34.94
CA ILE D 56 23.27 -4.23 -34.30
C ILE D 56 23.88 -5.47 -33.67
N ALA D 57 25.15 -5.72 -33.95
CA ALA D 57 25.80 -6.93 -33.45
C ALA D 57 26.18 -6.74 -32.00
N LYS D 58 26.29 -7.86 -31.28
CA LYS D 58 26.80 -7.82 -29.92
C LYS D 58 28.19 -7.21 -29.88
N GLY D 59 28.38 -6.29 -28.94
CA GLY D 59 29.62 -5.57 -28.74
C GLY D 59 29.88 -4.46 -29.74
N GLN D 60 28.96 -4.20 -30.66
CA GLN D 60 29.18 -3.17 -31.66
C GLN D 60 29.17 -1.79 -31.01
N LYS D 61 30.20 -0.99 -31.28
CA LYS D 61 30.35 0.30 -30.64
C LYS D 61 30.07 1.47 -31.57
N SER D 62 30.09 1.25 -32.88
CA SER D 62 29.98 2.33 -33.85
C SER D 62 29.06 1.92 -35.00
N ALA D 63 28.36 2.91 -35.54
CA ALA D 63 27.56 2.75 -36.76
C ALA D 63 27.52 4.10 -37.46
N PRO D 64 28.60 4.47 -38.16
CA PRO D 64 28.79 5.88 -38.54
C PRO D 64 27.68 6.50 -39.37
N ASN D 65 27.05 5.80 -40.31
CA ASN D 65 26.01 6.48 -41.08
C ASN D 65 24.78 6.76 -40.22
N LEU D 66 24.30 5.72 -39.53
CA LEU D 66 23.17 5.89 -38.62
C LEU D 66 23.47 6.92 -37.53
N VAL D 67 24.66 6.83 -36.92
CA VAL D 67 24.97 7.75 -35.83
C VAL D 67 25.08 9.17 -36.34
N ARG D 68 25.61 9.33 -37.55
CA ARG D 68 25.64 10.66 -38.16
C ARG D 68 24.24 11.20 -38.34
N LEU D 69 23.31 10.34 -38.77
CA LEU D 69 21.92 10.77 -38.86
C LEU D 69 21.38 11.19 -37.50
N LEU D 70 21.62 10.37 -36.47
CA LEU D 70 21.11 10.67 -35.13
C LEU D 70 21.69 11.94 -34.56
N SER D 71 22.90 12.33 -34.98
CA SER D 71 23.58 13.50 -34.46
C SER D 71 23.23 14.77 -35.22
N ASP D 72 22.58 14.68 -36.38
CA ASP D 72 22.34 15.83 -37.24
C ASP D 72 21.23 16.67 -36.63
N ARG D 73 21.60 17.87 -36.16
CA ARG D 73 20.68 18.78 -35.47
C ARG D 73 19.63 19.39 -36.39
N ASP D 74 19.79 19.31 -37.70
CA ASP D 74 18.77 19.83 -38.61
C ASP D 74 17.61 18.85 -38.82
N ILE D 75 17.65 17.67 -38.23
CA ILE D 75 16.62 16.64 -38.42
C ILE D 75 16.04 16.30 -37.06
N THR D 76 14.74 16.52 -36.88
CA THR D 76 14.08 16.14 -35.63
C THR D 76 13.88 14.64 -35.61
N LYS D 77 14.32 13.99 -34.54
CA LYS D 77 14.10 12.57 -34.32
C LYS D 77 12.82 12.36 -33.52
N ILE D 78 11.89 11.61 -34.09
CA ILE D 78 10.62 11.33 -33.43
C ILE D 78 10.71 9.98 -32.74
N PHE D 79 10.37 9.94 -31.46
CA PHE D 79 10.35 8.73 -30.67
C PHE D 79 8.99 8.60 -30.03
N HIS D 80 8.68 7.38 -29.61
CA HIS D 80 7.67 7.14 -28.60
C HIS D 80 8.37 6.72 -27.31
N PHE D 81 8.22 7.53 -26.26
CA PHE D 81 8.98 7.38 -25.04
C PHE D 81 10.48 7.43 -25.31
N GLY D 82 10.90 8.57 -25.87
CA GLY D 82 12.31 8.73 -26.18
C GLY D 82 13.23 8.71 -24.98
N ARG D 83 12.69 8.90 -23.78
CA ARG D 83 13.51 8.81 -22.58
C ARG D 83 14.36 7.55 -22.54
N PHE D 84 13.81 6.42 -22.97
CA PHE D 84 14.56 5.17 -22.98
C PHE D 84 15.49 5.07 -24.18
N ASP D 85 14.95 5.30 -25.38
CA ASP D 85 15.73 5.14 -26.60
C ASP D 85 16.94 6.05 -26.64
N LEU D 86 16.77 7.31 -26.22
CA LEU D 86 17.91 8.22 -26.20
C LEU D 86 19.01 7.69 -25.29
N ALA D 87 18.61 7.13 -24.15
CA ALA D 87 19.58 6.61 -23.20
C ALA D 87 20.35 5.46 -23.81
N ILE D 88 19.63 4.50 -24.39
CA ILE D 88 20.32 3.31 -24.90
C ILE D 88 21.16 3.64 -26.13
N LEU D 89 20.69 4.55 -26.99
CA LEU D 89 21.47 4.95 -28.15
C LEU D 89 22.75 5.66 -27.73
N ALA D 90 22.65 6.60 -26.78
CA ALA D 90 23.85 7.29 -26.34
C ALA D 90 24.81 6.33 -25.66
N HIS D 91 24.27 5.40 -24.87
CA HIS D 91 25.12 4.43 -24.20
C HIS D 91 25.83 3.53 -25.19
N THR D 92 25.18 3.21 -26.32
CA THR D 92 25.75 2.27 -27.27
C THR D 92 26.72 2.94 -28.23
N PHE D 93 26.37 4.10 -28.78
CA PHE D 93 27.17 4.72 -29.83
C PHE D 93 27.92 5.97 -29.40
N GLY D 94 27.70 6.48 -28.19
CA GLY D 94 28.49 7.59 -27.72
C GLY D 94 28.04 8.94 -28.21
N VAL D 95 26.88 9.02 -28.86
CA VAL D 95 26.33 10.27 -29.38
C VAL D 95 24.96 10.44 -28.75
N MET D 96 24.74 11.59 -28.11
CA MET D 96 23.45 11.87 -27.53
C MET D 96 22.68 12.78 -28.48
N PRO D 97 21.58 12.32 -29.09
CA PRO D 97 20.75 13.23 -29.89
C PRO D 97 20.26 14.40 -29.07
N ASP D 98 20.15 15.57 -29.71
CA ASP D 98 19.68 16.75 -28.99
C ASP D 98 18.56 17.49 -29.69
N VAL D 99 17.96 16.93 -30.74
CA VAL D 99 16.77 17.49 -31.37
C VAL D 99 15.74 16.38 -31.46
N VAL D 100 14.75 16.38 -30.58
CA VAL D 100 13.86 15.23 -30.44
C VAL D 100 12.43 15.71 -30.29
N PHE D 101 11.52 14.79 -30.57
CA PHE D 101 10.09 14.92 -30.32
C PHE D 101 9.67 13.59 -29.75
N CYS D 102 8.92 13.62 -28.65
CA CYS D 102 8.47 12.41 -27.99
C CYS D 102 6.96 12.40 -28.01
N THR D 103 6.36 11.39 -28.62
CA THR D 103 4.92 11.32 -28.69
C THR D 103 4.26 11.02 -27.35
N LYS D 104 4.98 10.44 -26.40
CA LYS D 104 4.37 10.20 -25.11
C LYS D 104 4.23 11.47 -24.30
N ILE D 105 5.26 12.31 -24.27
CA ILE D 105 5.13 13.62 -23.65
C ILE D 105 4.03 14.42 -24.33
N ALA D 106 3.99 14.41 -25.66
CA ALA D 106 2.94 15.13 -26.36
C ALA D 106 1.57 14.63 -25.94
N SER D 107 1.42 13.31 -25.83
CA SER D 107 0.15 12.76 -25.38
C SER D 107 -0.19 13.23 -23.98
N LYS D 108 0.77 13.21 -23.07
CA LYS D 108 0.49 13.67 -21.72
C LYS D 108 0.15 15.15 -21.68
N LEU D 109 0.59 15.92 -22.66
CA LEU D 109 0.26 17.34 -22.70
C LEU D 109 -1.00 17.66 -23.48
N THR D 110 -1.58 16.70 -24.18
CA THR D 110 -2.73 17.06 -25.01
C THR D 110 -3.91 16.14 -24.77
N ARG D 111 -3.69 14.84 -24.63
CA ARG D 111 -4.77 13.90 -24.41
C ARG D 111 -5.06 13.84 -22.91
N THR D 112 -5.53 14.96 -22.39
CA THR D 112 -5.78 15.09 -20.97
C THR D 112 -7.05 14.37 -20.54
N TYR D 113 -7.84 13.88 -21.48
CA TYR D 113 -9.09 13.19 -21.20
C TYR D 113 -8.91 11.68 -21.05
N THR D 114 -7.68 11.19 -20.99
CA THR D 114 -7.47 9.77 -20.79
C THR D 114 -6.20 9.58 -19.98
N ASP D 115 -6.07 8.42 -19.35
CA ASP D 115 -4.84 8.07 -18.67
C ASP D 115 -4.06 6.96 -19.38
N ARG D 116 -4.49 6.56 -20.57
CA ARG D 116 -3.83 5.50 -21.32
C ARG D 116 -3.09 6.18 -22.46
N HIS D 117 -1.76 6.16 -22.41
CA HIS D 117 -0.90 6.86 -23.35
C HIS D 117 -0.01 5.91 -24.15
N GLY D 118 -0.30 4.61 -24.12
CA GLY D 118 0.49 3.68 -24.89
C GLY D 118 0.29 3.87 -26.38
N LEU D 119 1.27 3.38 -27.15
CA LEU D 119 1.24 3.57 -28.59
C LEU D 119 0.00 2.93 -29.20
N LYS D 120 -0.40 1.75 -28.71
CA LYS D 120 -1.59 1.11 -29.26
C LYS D 120 -2.81 2.02 -29.11
N GLU D 121 -3.00 2.56 -27.91
CA GLU D 121 -4.16 3.42 -27.65
C GLU D 121 -4.09 4.71 -28.46
N ILE D 122 -2.90 5.29 -28.58
CA ILE D 122 -2.77 6.53 -29.36
C ILE D 122 -3.11 6.27 -30.82
N CYS D 123 -2.56 5.19 -31.39
CA CYS D 123 -2.86 4.90 -32.79
C CYS D 123 -4.34 4.63 -32.97
N GLY D 124 -4.95 3.93 -32.01
CA GLY D 124 -6.37 3.65 -32.10
C GLY D 124 -7.21 4.91 -32.10
N GLU D 125 -6.92 5.82 -31.18
CA GLU D 125 -7.74 7.02 -31.04
C GLU D 125 -7.49 7.98 -32.19
N LEU D 126 -6.23 8.24 -32.50
CA LEU D 126 -5.92 9.31 -33.46
C LEU D 126 -6.07 8.85 -34.91
N LEU D 127 -5.82 7.57 -35.22
CA LEU D 127 -5.79 7.14 -36.60
C LEU D 127 -6.77 6.02 -36.93
N ASN D 128 -7.38 5.41 -35.92
CA ASN D 128 -8.27 4.22 -36.16
C ASN D 128 -7.39 3.02 -36.56
N VAL D 129 -6.07 3.20 -36.64
CA VAL D 129 -5.15 2.08 -36.97
C VAL D 129 -5.16 1.09 -35.81
N ASN D 130 -5.01 -0.21 -36.08
CA ASN D 130 -4.94 -1.20 -34.98
C ASN D 130 -3.54 -1.85 -34.94
N ILE D 131 -2.81 -1.64 -33.85
CA ILE D 131 -1.46 -2.27 -33.69
C ILE D 131 -1.65 -3.68 -33.11
N SER D 132 -0.63 -4.53 -33.21
CA SER D 132 -0.69 -5.90 -32.63
C SER D 132 0.60 -6.20 -31.85
N LYS D 133 0.82 -5.50 -30.74
CA LYS D 133 2.06 -5.69 -29.94
C LYS D 133 2.08 -7.11 -29.36
N GLN D 134 2.72 -8.06 -30.05
CA GLN D 134 2.79 -9.46 -29.57
C GLN D 134 4.26 -9.90 -29.46
N GLN D 135 5.06 -9.66 -30.50
CA GLN D 135 6.46 -10.13 -30.51
C GLN D 135 7.38 -9.17 -29.74
N GLN D 136 6.87 -8.50 -28.71
CA GLN D 136 7.71 -7.60 -27.87
C GLN D 136 8.58 -8.47 -26.95
N SER D 137 8.13 -9.69 -26.67
CA SER D 137 8.92 -10.63 -25.84
C SER D 137 9.58 -11.66 -26.77
N SER D 138 10.58 -11.23 -27.52
CA SER D 138 11.27 -12.14 -28.48
C SER D 138 12.78 -11.97 -28.32
N ASP D 139 13.56 -13.01 -28.65
CA ASP D 139 15.03 -12.90 -28.60
C ASP D 139 15.48 -11.99 -29.74
N TRP D 140 15.46 -10.69 -29.51
CA TRP D 140 15.85 -9.72 -30.53
C TRP D 140 17.31 -9.83 -30.90
N ALA D 141 18.09 -10.57 -30.12
CA ALA D 141 19.49 -10.81 -30.42
C ALA D 141 19.70 -12.03 -31.29
N ALA D 142 18.62 -12.68 -31.73
CA ALA D 142 18.73 -13.84 -32.60
C ALA D 142 19.52 -13.49 -33.85
N GLU D 143 20.36 -14.42 -34.31
CA GLU D 143 21.15 -14.16 -35.51
C GLU D 143 20.27 -13.86 -36.71
N THR D 144 19.18 -14.61 -36.91
CA THR D 144 18.24 -14.34 -37.98
C THR D 144 16.89 -13.98 -37.40
N LEU D 145 16.43 -12.76 -37.67
CA LEU D 145 15.09 -12.37 -37.24
C LEU D 145 14.03 -13.06 -38.11
N SER D 146 12.92 -13.45 -37.49
CA SER D 146 11.83 -14.04 -38.24
C SER D 146 11.08 -12.97 -39.03
N ARG D 147 10.30 -13.41 -40.02
CA ARG D 147 9.47 -12.47 -40.76
C ARG D 147 8.49 -11.75 -39.85
N ALA D 148 7.90 -12.46 -38.89
CA ALA D 148 6.99 -11.82 -37.96
C ALA D 148 7.70 -10.74 -37.13
N GLN D 149 8.92 -11.03 -36.71
CA GLN D 149 9.68 -10.02 -35.98
C GLN D 149 9.90 -8.80 -36.84
N ILE D 150 10.29 -8.99 -38.10
CA ILE D 150 10.58 -7.86 -38.97
C ILE D 150 9.32 -7.03 -39.19
N GLU D 151 8.19 -7.68 -39.44
CA GLU D 151 6.98 -6.91 -39.70
C GLU D 151 6.53 -6.16 -38.46
N TYR D 152 6.68 -6.75 -37.28
CA TYR D 152 6.34 -6.03 -36.05
C TYR D 152 7.26 -4.84 -35.84
N ALA D 153 8.57 -5.06 -36.00
CA ALA D 153 9.54 -4.00 -35.79
C ALA D 153 9.28 -2.83 -36.73
N ALA D 154 8.95 -3.12 -37.99
CA ALA D 154 8.64 -2.01 -38.89
C ALA D 154 7.34 -1.35 -38.48
N SER D 155 6.37 -2.13 -38.02
CA SER D 155 5.07 -1.57 -37.64
C SER D 155 5.21 -0.55 -36.52
N ASP D 156 6.27 -0.66 -35.70
CA ASP D 156 6.44 0.27 -34.60
C ASP D 156 6.93 1.67 -35.02
N VAL D 157 7.44 1.85 -36.23
CA VAL D 157 7.91 3.15 -36.72
C VAL D 157 7.06 3.74 -37.83
N LEU D 158 6.20 2.95 -38.47
CA LEU D 158 5.45 3.39 -39.64
C LEU D 158 4.49 4.53 -39.39
N TYR D 159 4.08 4.81 -38.15
CA TYR D 159 3.00 5.75 -37.93
C TYR D 159 3.39 7.00 -37.15
N LEU D 160 4.65 7.14 -36.75
CA LEU D 160 5.00 8.24 -35.85
C LEU D 160 4.90 9.60 -36.54
N HIS D 161 5.16 9.68 -37.84
CA HIS D 161 4.99 10.96 -38.53
C HIS D 161 3.56 11.47 -38.47
N ARG D 162 2.60 10.58 -38.73
CA ARG D 162 1.20 11.01 -38.71
C ARG D 162 0.80 11.46 -37.31
N LEU D 163 1.29 10.76 -36.29
CA LEU D 163 1.02 11.19 -34.93
C LEU D 163 1.66 12.54 -34.64
N LYS D 164 2.90 12.74 -35.05
CA LYS D 164 3.53 14.02 -34.80
C LYS D 164 2.74 15.15 -35.45
N ASP D 165 2.26 14.95 -36.68
CA ASP D 165 1.45 15.98 -37.33
C ASP D 165 0.19 16.29 -36.52
N ILE D 166 -0.49 15.24 -36.05
CA ILE D 166 -1.71 15.49 -35.29
C ILE D 166 -1.40 16.17 -33.96
N PHE D 167 -0.37 15.69 -33.26
CA PHE D 167 -0.02 16.29 -31.98
C PHE D 167 0.39 17.74 -32.13
N GLU D 168 1.07 18.08 -33.22
CA GLU D 168 1.43 19.48 -33.46
C GLU D 168 0.18 20.33 -33.66
N GLU D 169 -0.81 19.79 -34.37
CA GLU D 169 -2.09 20.49 -34.47
C GLU D 169 -2.74 20.70 -33.10
N ARG D 170 -2.72 19.66 -32.25
CA ARG D 170 -3.35 19.77 -30.94
C ARG D 170 -2.59 20.74 -30.03
N LEU D 171 -1.25 20.70 -30.08
CA LEU D 171 -0.47 21.62 -29.26
C LEU D 171 -0.72 23.06 -29.68
N LYS D 172 -0.89 23.30 -30.97
CA LYS D 172 -1.20 24.66 -31.38
C LYS D 172 -2.58 25.04 -30.89
N ARG D 173 -3.55 24.12 -31.02
CA ARG D 173 -4.93 24.41 -30.63
C ARG D 173 -5.05 24.75 -29.16
N GLU D 174 -4.38 24.00 -28.29
CA GLU D 174 -4.47 24.23 -26.86
C GLU D 174 -3.42 25.19 -26.32
N GLU D 175 -2.62 25.78 -27.18
CA GLU D 175 -1.68 26.84 -26.82
C GLU D 175 -0.65 26.35 -25.80
N ARG D 176 -0.08 25.17 -26.08
CA ARG D 176 0.90 24.52 -25.22
C ARG D 176 2.20 24.29 -25.97
N GLU D 177 2.42 25.00 -27.07
CA GLU D 177 3.60 24.77 -27.89
C GLU D 177 4.90 25.03 -27.13
N SER D 178 4.97 26.12 -26.37
CA SER D 178 6.22 26.41 -25.66
C SER D 178 6.48 25.44 -24.53
N VAL D 179 5.43 24.92 -23.90
CA VAL D 179 5.61 23.87 -22.90
C VAL D 179 6.24 22.65 -23.54
N ALA D 180 5.66 22.20 -24.66
CA ALA D 180 6.19 21.02 -25.33
C ALA D 180 7.62 21.25 -25.79
N LYS D 181 7.90 22.42 -26.33
CA LYS D 181 9.26 22.69 -26.80
C LYS D 181 10.25 22.58 -25.66
N ALA D 182 9.92 23.15 -24.49
CA ALA D 182 10.83 23.05 -23.35
C ALA D 182 10.97 21.61 -22.83
N CYS D 183 9.87 20.85 -22.79
CA CYS D 183 9.97 19.45 -22.37
C CYS D 183 10.88 18.65 -23.31
N PHE D 184 10.69 18.81 -24.61
CA PHE D 184 11.51 18.07 -25.55
C PHE D 184 12.96 18.51 -25.46
N GLN D 185 13.20 19.80 -25.19
CA GLN D 185 14.57 20.27 -25.05
C GLN D 185 15.23 19.63 -23.84
N PHE D 186 14.48 19.42 -22.76
CA PHE D 186 15.05 18.80 -21.58
C PHE D 186 15.16 17.28 -21.67
N LEU D 187 14.39 16.65 -22.53
CA LEU D 187 14.34 15.18 -22.55
C LEU D 187 15.70 14.51 -22.70
N PRO D 188 16.62 14.96 -23.56
CA PRO D 188 17.93 14.31 -23.60
C PRO D 188 18.70 14.31 -22.30
N MET D 189 18.59 15.37 -21.51
CA MET D 189 19.25 15.36 -20.20
C MET D 189 18.54 14.44 -19.22
N ARG D 190 17.22 14.29 -19.33
CA ARG D 190 16.53 13.29 -18.54
C ARG D 190 17.07 11.91 -18.85
N ALA D 191 17.34 11.63 -20.13
CA ALA D 191 17.93 10.36 -20.51
C ALA D 191 19.34 10.22 -19.96
N ASN D 192 20.13 11.28 -20.01
CA ASN D 192 21.46 11.22 -19.41
C ASN D 192 21.38 10.94 -17.92
N LEU D 193 20.47 11.60 -17.21
CA LEU D 193 20.30 11.33 -15.79
C LEU D 193 19.99 9.86 -15.55
N ASP D 194 19.19 9.27 -16.44
CA ASP D 194 18.92 7.84 -16.33
C ASP D 194 20.22 7.05 -16.46
N LEU D 195 21.04 7.38 -17.46
CA LEU D 195 22.29 6.64 -17.62
C LEU D 195 23.23 6.80 -16.43
N LEU D 196 23.22 7.96 -15.79
CA LEU D 196 24.17 8.19 -14.71
C LEU D 196 23.75 7.52 -13.41
N GLY D 197 22.51 7.08 -13.28
CA GLY D 197 22.12 6.37 -12.09
C GLY D 197 20.90 6.91 -11.37
N TRP D 198 20.22 7.89 -11.95
CA TRP D 198 19.02 8.44 -11.34
C TRP D 198 17.76 7.97 -12.04
N SER D 199 17.81 6.79 -12.65
CA SER D 199 16.69 6.33 -13.44
C SER D 199 15.44 6.12 -12.61
N GLU D 200 15.58 5.88 -11.31
CA GLU D 200 14.41 5.67 -10.45
C GLU D 200 14.01 6.91 -9.67
N ILE D 201 14.59 8.06 -9.96
CA ILE D 201 14.37 9.27 -9.18
C ILE D 201 13.76 10.35 -10.07
N ASP D 202 12.62 10.90 -9.65
CA ASP D 202 12.10 12.13 -10.21
C ASP D 202 12.88 13.28 -9.61
N ILE D 203 13.82 13.84 -10.37
CA ILE D 203 14.75 14.81 -9.81
C ILE D 203 14.05 16.09 -9.37
N PHE D 204 12.84 16.38 -9.84
CA PHE D 204 12.17 17.61 -9.47
C PHE D 204 11.16 17.43 -8.34
N ALA D 205 10.97 16.20 -7.86
CA ALA D 205 9.96 15.96 -6.86
C ALA D 205 10.47 16.42 -5.51
N HIS D 206 9.54 16.76 -4.62
CA HIS D 206 9.95 17.11 -3.27
C HIS D 206 10.53 15.91 -2.55
N SER D 207 9.97 14.73 -2.75
CA SER D 207 10.57 13.52 -2.20
C SER D 207 10.29 12.34 -3.13
N THR E 3 43.27 2.66 21.02
CA THR E 3 42.62 3.50 20.00
C THR E 3 43.62 4.03 19.00
N GLU E 4 44.46 3.15 18.47
CA GLU E 4 45.44 3.53 17.45
C GLU E 4 44.80 3.39 16.07
N ILE E 5 44.77 4.49 15.32
CA ILE E 5 44.25 4.51 13.97
C ILE E 5 45.35 5.01 13.05
N ARG E 6 45.79 4.15 12.13
CA ARG E 6 46.82 4.52 11.16
C ARG E 6 46.13 4.91 9.87
N VAL E 7 46.38 6.11 9.38
CA VAL E 7 45.75 6.60 8.15
C VAL E 7 46.76 6.55 7.02
N HIS E 8 46.36 5.95 5.90
CA HIS E 8 47.26 5.78 4.76
C HIS E 8 46.64 6.39 3.51
N GLN E 9 47.51 6.70 2.56
CA GLN E 9 47.11 7.14 1.23
C GLN E 9 47.35 6.02 0.23
N GLY E 10 46.29 5.57 -0.42
CA GLY E 10 46.42 4.60 -1.50
C GLY E 10 46.48 3.13 -1.17
N ASP E 11 47.35 2.74 -0.24
CA ASP E 11 47.58 1.34 0.05
C ASP E 11 48.27 1.21 1.39
N LEU E 12 48.22 0.00 1.96
CA LEU E 12 49.09 -0.33 3.06
C LEU E 12 50.56 -0.26 2.64
N PRO E 13 51.44 0.16 3.53
CA PRO E 13 52.87 0.10 3.19
C PRO E 13 53.38 -1.33 3.09
N ASN E 14 52.83 -2.23 3.90
CA ASN E 14 53.21 -3.63 3.90
C ASN E 14 52.13 -4.41 4.65
N LEU E 15 52.31 -5.73 4.73
CA LEU E 15 51.37 -6.60 5.41
C LEU E 15 51.91 -7.09 6.75
N ASP E 16 52.84 -6.33 7.35
CA ASP E 16 53.48 -6.77 8.58
C ASP E 16 52.47 -6.93 9.70
N ASN E 17 51.41 -6.13 9.69
CA ASN E 17 50.37 -6.17 10.69
C ASN E 17 49.24 -7.14 10.36
N TYR E 18 49.33 -7.87 9.25
CA TYR E 18 48.20 -8.67 8.79
C TYR E 18 48.60 -10.10 8.49
N ARG E 19 49.52 -10.65 9.29
CA ARG E 19 49.80 -12.08 9.28
C ARG E 19 48.89 -12.79 10.27
N ILE E 20 47.61 -12.85 9.92
CA ILE E 20 46.56 -13.25 10.85
C ILE E 20 45.57 -14.16 10.12
N ASP E 21 44.71 -14.82 10.91
CA ASP E 21 43.73 -15.74 10.36
C ASP E 21 42.49 -15.06 9.82
N ALA E 22 42.16 -13.87 10.33
CA ALA E 22 40.94 -13.19 9.91
C ALA E 22 41.15 -11.69 10.02
N VAL E 23 40.60 -10.95 9.06
CA VAL E 23 40.74 -9.50 9.01
C VAL E 23 39.35 -8.88 8.92
N ALA E 24 39.10 -7.86 9.72
CA ALA E 24 37.87 -7.10 9.63
C ALA E 24 37.99 -6.05 8.54
N VAL E 25 36.98 -5.95 7.69
CA VAL E 25 37.04 -5.07 6.53
C VAL E 25 35.76 -4.27 6.47
N ASP E 26 35.88 -2.98 6.17
CA ASP E 26 34.70 -2.12 5.96
C ASP E 26 35.11 -1.07 4.94
N THR E 27 34.16 -0.52 4.21
CA THR E 27 34.38 0.51 3.22
C THR E 27 33.46 1.68 3.50
N GLU E 28 33.77 2.83 2.87
CA GLU E 28 32.87 4.01 2.94
C GLU E 28 32.82 4.59 1.52
N THR E 29 31.64 4.90 0.98
CA THR E 29 31.44 5.30 -0.40
C THR E 29 30.59 6.56 -0.42
N LEU E 30 30.32 7.06 -1.62
CA LEU E 30 29.35 8.13 -1.78
C LEU E 30 27.90 7.65 -1.87
N GLY E 31 27.61 6.37 -1.75
CA GLY E 31 26.24 5.92 -1.77
C GLY E 31 26.10 4.44 -2.04
N LEU E 32 24.84 4.03 -2.21
CA LEU E 32 24.45 2.63 -2.29
C LEU E 32 24.52 2.03 -3.69
N GLN E 33 24.88 2.80 -4.70
CA GLN E 33 24.84 2.34 -6.09
C GLN E 33 26.23 2.26 -6.67
N PRO E 34 26.82 1.07 -6.76
CA PRO E 34 28.24 0.96 -7.13
C PRO E 34 28.58 1.58 -8.48
N HIS E 35 27.65 1.61 -9.43
CA HIS E 35 27.97 2.22 -10.71
C HIS E 35 28.06 3.74 -10.62
N ARG E 36 27.37 4.34 -9.66
CA ARG E 36 27.39 5.80 -9.52
C ARG E 36 28.31 6.30 -8.42
N ASP E 37 28.41 5.59 -7.29
CA ASP E 37 28.99 6.13 -6.07
C ASP E 37 30.34 5.49 -5.78
N ARG E 38 31.41 6.25 -5.94
CA ARG E 38 32.75 5.68 -5.91
C ARG E 38 33.17 5.31 -4.49
N LEU E 39 34.06 4.32 -4.40
CA LEU E 39 34.72 3.96 -3.15
C LEU E 39 35.65 5.06 -2.66
N CYS E 40 35.51 5.47 -1.39
CA CYS E 40 36.33 6.54 -0.83
C CYS E 40 37.31 6.10 0.26
N VAL E 41 36.95 5.13 1.10
CA VAL E 41 37.76 4.71 2.24
C VAL E 41 37.65 3.20 2.37
N VAL E 42 38.76 2.55 2.72
CA VAL E 42 38.75 1.15 3.13
C VAL E 42 39.35 1.02 4.53
N GLN E 43 38.63 0.34 5.41
CA GLN E 43 39.09 0.16 6.81
C GLN E 43 39.46 -1.30 7.02
N LEU E 44 40.53 -1.58 7.76
CA LEU E 44 41.07 -2.90 8.04
C LEU E 44 41.40 -3.00 9.51
N SER E 45 41.27 -4.21 10.04
CA SER E 45 41.74 -4.50 11.39
C SER E 45 42.22 -5.93 11.48
N SER E 46 43.28 -6.11 12.25
CA SER E 46 43.85 -7.42 12.59
C SER E 46 43.12 -8.07 13.76
N GLY E 47 42.15 -7.37 14.35
CA GLY E 47 41.45 -7.83 15.53
C GLY E 47 42.05 -7.32 16.82
N ASP E 48 43.09 -6.50 16.74
CA ASP E 48 43.74 -5.94 17.91
C ASP E 48 43.05 -4.63 18.26
N GLY E 49 43.66 -3.82 19.10
CA GLY E 49 43.06 -2.56 19.48
C GLY E 49 43.34 -1.42 18.53
N THR E 50 44.04 -1.69 17.43
CA THR E 50 44.32 -0.71 16.39
C THR E 50 43.66 -1.09 15.07
N ALA E 51 43.56 -0.07 14.20
CA ALA E 51 42.91 -0.19 12.90
C ALA E 51 43.71 0.60 11.86
N ASP E 52 43.61 0.19 10.61
CA ASP E 52 44.17 0.92 9.49
C ASP E 52 43.07 1.46 8.59
N VAL E 53 43.13 2.75 8.29
CA VAL E 53 42.15 3.44 7.47
C VAL E 53 42.84 3.98 6.23
N ILE E 54 42.49 3.46 5.06
CA ILE E 54 43.21 3.76 3.84
C ILE E 54 42.29 4.61 2.98
N GLN E 55 42.68 5.85 2.73
CA GLN E 55 41.91 6.72 1.86
C GLN E 55 42.26 6.44 0.41
N ILE E 56 41.25 6.15 -0.40
CA ILE E 56 41.43 5.85 -1.82
C ILE E 56 41.03 7.07 -2.65
N ALA E 57 41.89 7.46 -3.57
CA ALA E 57 41.66 8.63 -4.39
C ALA E 57 40.67 8.30 -5.52
N LYS E 58 40.01 9.35 -5.99
CA LYS E 58 39.16 9.23 -7.19
C LYS E 58 39.96 8.76 -8.38
N GLY E 59 39.40 7.79 -9.10
CA GLY E 59 39.99 7.19 -10.27
C GLY E 59 41.11 6.20 -10.00
N GLN E 60 41.42 5.91 -8.74
CA GLN E 60 42.49 4.97 -8.45
C GLN E 60 42.09 3.58 -8.90
N LYS E 61 42.96 2.93 -9.69
CA LYS E 61 42.64 1.63 -10.25
C LYS E 61 43.37 0.47 -9.59
N SER E 62 44.42 0.73 -8.81
CA SER E 62 45.30 -0.31 -8.31
C SER E 62 45.62 -0.09 -6.84
N ALA E 63 45.68 -1.19 -6.10
CA ALA E 63 46.16 -1.17 -4.71
C ALA E 63 46.76 -2.53 -4.41
N PRO E 64 47.98 -2.78 -4.92
CA PRO E 64 48.46 -4.18 -5.01
C PRO E 64 48.56 -4.90 -3.67
N ASN E 65 49.02 -4.23 -2.61
CA ASN E 65 49.18 -4.94 -1.35
C ASN E 65 47.82 -5.23 -0.74
N LEU E 66 46.94 -4.23 -0.72
CA LEU E 66 45.57 -4.42 -0.27
C LEU E 66 44.88 -5.53 -1.07
N VAL E 67 45.02 -5.51 -2.40
CA VAL E 67 44.30 -6.49 -3.20
C VAL E 67 44.87 -7.88 -2.97
N ARG E 68 46.18 -7.96 -2.76
CA ARG E 68 46.78 -9.23 -2.34
C ARG E 68 46.15 -9.75 -1.06
N LEU E 69 45.92 -8.87 -0.08
CA LEU E 69 45.30 -9.30 1.21
C LEU E 69 43.86 -9.75 0.95
N LEU E 70 43.13 -9.01 0.12
CA LEU E 70 41.73 -9.32 -0.17
C LEU E 70 41.55 -10.64 -0.90
N SER E 71 42.50 -11.01 -1.75
CA SER E 71 42.41 -12.23 -2.55
C SER E 71 43.15 -13.41 -1.93
N ASP E 72 43.67 -13.28 -0.72
CA ASP E 72 44.40 -14.38 -0.10
C ASP E 72 43.39 -15.32 0.52
N ARG E 73 43.24 -16.50 -0.08
CA ARG E 73 42.24 -17.48 0.35
C ARG E 73 42.49 -18.03 1.74
N ASP E 74 43.68 -17.85 2.30
CA ASP E 74 43.94 -18.33 3.65
C ASP E 74 43.53 -17.33 4.73
N ILE E 75 42.99 -16.17 4.35
CA ILE E 75 42.61 -15.13 5.29
C ILE E 75 41.11 -14.86 5.12
N THR E 76 40.35 -15.06 6.19
CA THR E 76 38.92 -14.78 6.16
C THR E 76 38.65 -13.29 6.28
N LYS E 77 37.86 -12.75 5.35
CA LYS E 77 37.42 -11.37 5.39
C LYS E 77 36.08 -11.26 6.12
N ILE E 78 36.05 -10.50 7.20
CA ILE E 78 34.83 -10.30 7.99
C ILE E 78 34.19 -8.98 7.59
N PHE E 79 32.91 -9.02 7.25
CA PHE E 79 32.15 -7.83 6.91
C PHE E 79 30.89 -7.80 7.76
N HIS E 80 30.30 -6.62 7.85
CA HIS E 80 28.90 -6.46 8.20
C HIS E 80 28.15 -6.02 6.94
N PHE E 81 27.20 -6.84 6.50
CA PHE E 81 26.54 -6.68 5.21
C PHE E 81 27.55 -6.61 4.08
N GLY E 82 28.34 -7.68 3.98
CA GLY E 82 29.32 -7.78 2.93
C GLY E 82 28.77 -7.81 1.53
N ARG E 83 27.48 -8.12 1.35
CA ARG E 83 26.90 -8.08 0.01
C ARG E 83 27.22 -6.78 -0.71
N PHE E 84 27.21 -5.66 0.00
CA PHE E 84 27.53 -4.36 -0.59
C PHE E 84 29.04 -4.13 -0.76
N ASP E 85 29.80 -4.33 0.33
CA ASP E 85 31.23 -4.06 0.30
C ASP E 85 31.94 -4.92 -0.75
N LEU E 86 31.57 -6.19 -0.85
CA LEU E 86 32.17 -7.06 -1.87
C LEU E 86 31.91 -6.50 -3.26
N ALA E 87 30.71 -6.00 -3.48
CA ALA E 87 30.35 -5.44 -4.78
C ALA E 87 31.20 -4.23 -5.11
N ILE E 88 31.32 -3.31 -4.16
CA ILE E 88 32.05 -2.08 -4.46
C ILE E 88 33.54 -2.35 -4.60
N LEU E 89 34.07 -3.29 -3.81
CA LEU E 89 35.48 -3.65 -3.92
C LEU E 89 35.75 -4.28 -5.28
N ALA E 90 34.89 -5.22 -5.71
CA ALA E 90 35.11 -5.85 -7.00
C ALA E 90 34.97 -4.84 -8.12
N HIS E 91 34.04 -3.91 -8.01
CA HIS E 91 33.91 -2.88 -9.06
C HIS E 91 35.15 -2.01 -9.11
N THR E 92 35.76 -1.72 -7.95
CA THR E 92 36.86 -0.76 -7.94
C THR E 92 38.17 -1.44 -8.36
N PHE E 93 38.47 -2.61 -7.79
CA PHE E 93 39.75 -3.26 -8.03
C PHE E 93 39.67 -4.51 -8.88
N GLY E 94 38.48 -4.98 -9.24
CA GLY E 94 38.36 -6.08 -10.17
C GLY E 94 38.56 -7.44 -9.55
N VAL E 95 38.61 -7.53 -8.23
CA VAL E 95 38.81 -8.79 -7.51
C VAL E 95 37.68 -9.00 -6.52
N MET E 96 37.00 -10.13 -6.62
CA MET E 96 35.95 -10.48 -5.68
C MET E 96 36.50 -11.44 -4.65
N PRO E 97 36.56 -11.06 -3.37
CA PRO E 97 36.96 -12.01 -2.33
C PRO E 97 36.03 -13.20 -2.35
N ASP E 98 36.57 -14.38 -2.02
CA ASP E 98 35.74 -15.57 -2.01
C ASP E 98 35.80 -16.37 -0.72
N VAL E 99 36.44 -15.84 0.33
CA VAL E 99 36.42 -16.46 1.65
C VAL E 99 35.98 -15.36 2.60
N VAL E 100 34.71 -15.39 3.01
CA VAL E 100 34.10 -14.28 3.73
C VAL E 100 33.25 -14.79 4.87
N PHE E 101 32.99 -13.89 5.81
CA PHE E 101 32.04 -14.07 6.89
C PHE E 101 31.25 -12.77 6.97
N CYS E 102 29.94 -12.86 7.06
CA CYS E 102 29.07 -11.70 7.13
C CYS E 102 28.28 -11.75 8.42
N THR E 103 28.43 -10.73 9.26
CA THR E 103 27.74 -10.71 10.53
C THR E 103 26.24 -10.46 10.40
N LYS E 104 25.78 -9.91 9.28
CA LYS E 104 24.35 -9.71 9.12
C LYS E 104 23.65 -11.03 8.82
N ILE E 105 24.19 -11.81 7.90
CA ILE E 105 23.67 -13.15 7.66
C ILE E 105 23.73 -13.99 8.93
N ALA E 106 24.85 -13.94 9.66
CA ALA E 106 24.95 -14.71 10.89
C ALA E 106 23.90 -14.28 11.90
N SER E 107 23.68 -12.97 12.03
CA SER E 107 22.64 -12.50 12.93
C SER E 107 21.27 -13.00 12.50
N LYS E 108 20.98 -12.94 11.20
CA LYS E 108 19.69 -13.42 10.73
C LYS E 108 19.54 -14.91 10.93
N LEU E 109 20.64 -15.63 11.02
CA LEU E 109 20.58 -17.07 11.25
C LEU E 109 20.59 -17.44 12.73
N THR E 110 20.85 -16.50 13.61
CA THR E 110 20.99 -16.86 15.02
C THR E 110 20.14 -15.97 15.91
N ARG E 111 20.09 -14.68 15.63
CA ARG E 111 19.30 -13.75 16.43
C ARG E 111 17.86 -13.73 15.92
N THR E 112 17.20 -14.87 16.05
CA THR E 112 15.85 -15.05 15.54
C THR E 112 14.80 -14.37 16.41
N TYR E 113 15.17 -13.87 17.58
CA TYR E 113 14.25 -13.21 18.49
C TYR E 113 14.14 -11.71 18.27
N THR E 114 14.71 -11.17 17.19
CA THR E 114 14.60 -9.75 16.95
C THR E 114 14.55 -9.48 15.46
N ASP E 115 14.05 -8.31 15.10
CA ASP E 115 14.04 -7.85 13.72
C ASP E 115 15.01 -6.71 13.48
N ARG E 116 15.81 -6.36 14.47
CA ARG E 116 16.78 -5.27 14.35
C ARG E 116 18.15 -5.90 14.23
N HIS E 117 18.73 -5.81 13.04
CA HIS E 117 20.00 -6.45 12.73
C HIS E 117 21.10 -5.45 12.39
N GLY E 118 20.89 -4.18 12.67
CA GLY E 118 21.94 -3.22 12.44
C GLY E 118 23.12 -3.41 13.37
N LEU E 119 24.27 -2.89 12.93
CA LEU E 119 25.51 -3.08 13.68
C LEU E 119 25.42 -2.48 15.07
N LYS E 120 24.78 -1.32 15.20
CA LYS E 120 24.62 -0.71 16.51
C LYS E 120 23.86 -1.65 17.44
N GLU E 121 22.73 -2.17 16.98
CA GLU E 121 21.92 -3.06 17.81
C GLU E 121 22.66 -4.35 18.14
N ILE E 122 23.39 -4.90 17.18
CA ILE E 122 24.12 -6.14 17.45
C ILE E 122 25.19 -5.90 18.50
N CYS E 123 25.96 -4.83 18.36
CA CYS E 123 27.00 -4.56 19.35
C CYS E 123 26.38 -4.29 20.70
N GLY E 124 25.25 -3.58 20.73
CA GLY E 124 24.57 -3.30 21.99
C GLY E 124 24.13 -4.56 22.70
N GLU E 125 23.51 -5.48 21.96
CA GLU E 125 22.97 -6.68 22.58
C GLU E 125 24.09 -7.64 22.96
N LEU E 126 25.01 -7.91 22.03
CA LEU E 126 25.99 -8.97 22.22
C LEU E 126 27.17 -8.55 23.09
N LEU E 127 27.56 -7.27 23.08
CA LEU E 127 28.77 -6.87 23.78
C LEU E 127 28.55 -5.77 24.80
N ASN E 128 27.35 -5.20 24.87
CA ASN E 128 27.08 -4.00 25.66
C ASN E 128 28.09 -2.91 25.34
N VAL E 129 28.40 -2.77 24.05
CA VAL E 129 29.30 -1.74 23.55
C VAL E 129 28.45 -0.71 22.82
N ASN E 130 28.69 0.55 23.10
CA ASN E 130 27.94 1.65 22.50
C ASN E 130 28.77 2.15 21.33
N ILE E 131 28.27 1.94 20.11
CA ILE E 131 28.90 2.53 18.94
C ILE E 131 28.33 3.89 18.60
N SER E 132 27.01 4.06 18.72
CA SER E 132 26.37 5.35 18.50
C SER E 132 26.69 5.92 17.12
N SER E 137 25.26 10.77 6.60
CA SER E 137 26.70 10.48 6.56
C SER E 137 27.54 11.74 6.61
N SER E 138 28.67 11.70 5.92
CA SER E 138 29.58 12.84 5.82
C SER E 138 30.26 12.80 4.45
N ASP E 139 31.00 13.87 4.15
CA ASP E 139 31.70 13.96 2.88
C ASP E 139 32.98 13.13 2.95
N TRP E 140 32.86 11.85 2.58
CA TRP E 140 34.00 10.96 2.62
C TRP E 140 35.01 11.23 1.52
N ALA E 141 34.68 12.07 0.55
CA ALA E 141 35.62 12.39 -0.52
C ALA E 141 36.50 13.58 -0.18
N ALA E 142 36.36 14.17 1.00
CA ALA E 142 37.19 15.30 1.38
C ALA E 142 38.66 14.90 1.30
N GLU E 143 39.49 15.81 0.81
CA GLU E 143 40.92 15.53 0.72
C GLU E 143 41.53 15.19 2.07
N THR E 144 41.15 15.92 3.12
CA THR E 144 41.61 15.65 4.47
C THR E 144 40.42 15.27 5.33
N LEU E 145 40.41 14.03 5.83
CA LEU E 145 39.38 13.61 6.75
C LEU E 145 39.58 14.24 8.12
N SER E 146 38.47 14.60 8.77
CA SER E 146 38.51 15.10 10.13
C SER E 146 38.80 13.98 11.11
N ARG E 147 39.21 14.36 12.33
CA ARG E 147 39.46 13.37 13.37
C ARG E 147 38.19 12.59 13.69
N ALA E 148 37.04 13.27 13.73
CA ALA E 148 35.78 12.58 13.97
C ALA E 148 35.51 11.53 12.91
N GLN E 149 35.79 11.88 11.64
CA GLN E 149 35.61 10.93 10.55
C GLN E 149 36.51 9.72 10.74
N ILE E 150 37.77 9.95 11.06
CA ILE E 150 38.73 8.85 11.21
C ILE E 150 38.31 7.94 12.35
N GLU E 151 37.91 8.53 13.47
CA GLU E 151 37.51 7.72 14.62
C GLU E 151 36.23 6.94 14.35
N TYR E 152 35.29 7.52 13.62
CA TYR E 152 34.09 6.78 13.24
C TYR E 152 34.42 5.63 12.29
N ALA E 153 35.24 5.90 11.28
CA ALA E 153 35.61 4.87 10.32
C ALA E 153 36.30 3.72 11.03
N ALA E 154 37.18 4.02 11.99
CA ALA E 154 37.82 2.93 12.71
C ALA E 154 36.82 2.22 13.60
N SER E 155 35.87 2.96 14.19
CA SER E 155 34.90 2.36 15.08
C SER E 155 34.04 1.33 14.37
N ASP E 156 33.92 1.44 13.05
CA ASP E 156 33.12 0.49 12.29
C ASP E 156 33.79 -0.89 12.11
N VAL E 157 35.09 -1.00 12.33
CA VAL E 157 35.81 -2.26 12.21
C VAL E 157 36.37 -2.82 13.52
N LEU E 158 36.44 -2.04 14.58
CA LEU E 158 37.12 -2.47 15.80
C LEU E 158 36.48 -3.68 16.49
N TYR E 159 35.21 -3.99 16.24
CA TYR E 159 34.50 -5.01 17.01
C TYR E 159 34.06 -6.23 16.21
N LEU E 160 34.36 -6.31 14.93
CA LEU E 160 33.82 -7.38 14.09
C LEU E 160 34.40 -8.75 14.45
N HIS E 161 35.67 -8.80 14.90
CA HIS E 161 36.25 -10.07 15.35
C HIS E 161 35.49 -10.66 16.54
N ARG E 162 35.17 -9.83 17.53
CA ARG E 162 34.46 -10.35 18.69
C ARG E 162 33.08 -10.85 18.30
N LEU E 163 32.44 -10.15 17.36
CA LEU E 163 31.15 -10.61 16.87
C LEU E 163 31.31 -11.93 16.14
N LYS E 164 32.35 -12.07 15.31
CA LYS E 164 32.54 -13.35 14.63
C LYS E 164 32.68 -14.47 15.64
N ASP E 165 33.44 -14.25 16.71
CA ASP E 165 33.58 -15.27 17.75
C ASP E 165 32.24 -15.65 18.35
N ILE E 166 31.45 -14.65 18.73
CA ILE E 166 30.16 -14.93 19.37
C ILE E 166 29.22 -15.63 18.40
N PHE E 167 29.16 -15.15 17.16
CA PHE E 167 28.30 -15.76 16.16
C PHE E 167 28.71 -17.19 15.86
N GLU E 168 30.01 -17.47 15.84
CA GLU E 168 30.44 -18.85 15.64
C GLU E 168 29.97 -19.73 16.79
N GLU E 169 30.01 -19.20 18.01
CA GLU E 169 29.45 -19.95 19.14
C GLU E 169 27.97 -20.20 18.94
N ARG E 170 27.22 -19.19 18.49
CA ARG E 170 25.77 -19.36 18.33
C ARG E 170 25.44 -20.32 17.19
N LEU E 171 26.18 -20.24 16.08
CA LEU E 171 25.95 -21.14 14.96
C LEU E 171 26.24 -22.58 15.36
N LYS E 172 27.26 -22.80 16.17
CA LYS E 172 27.51 -24.16 16.64
C LYS E 172 26.39 -24.60 17.55
N ARG E 173 25.95 -23.70 18.45
CA ARG E 173 24.93 -24.03 19.43
C ARG E 173 23.61 -24.43 18.80
N GLU E 174 23.17 -23.70 17.77
CA GLU E 174 21.90 -24.00 17.12
C GLU E 174 22.05 -24.94 15.92
N GLU E 175 23.26 -25.44 15.68
CA GLU E 175 23.53 -26.48 14.67
C GLU E 175 23.19 -26.01 13.26
N ARG E 176 23.64 -24.81 12.92
CA ARG E 176 23.42 -24.20 11.62
C ARG E 176 24.72 -23.85 10.92
N GLU E 177 25.82 -24.48 11.31
CA GLU E 177 27.12 -24.12 10.73
C GLU E 177 27.16 -24.37 9.24
N SER E 178 26.62 -25.50 8.76
CA SER E 178 26.70 -25.77 7.33
C SER E 178 25.79 -24.85 6.51
N VAL E 179 24.65 -24.46 7.08
CA VAL E 179 23.80 -23.49 6.41
C VAL E 179 24.52 -22.16 6.25
N ALA E 180 25.11 -21.68 7.35
CA ALA E 180 25.83 -20.42 7.29
C ALA E 180 26.99 -20.52 6.31
N LYS E 181 27.71 -21.64 6.33
CA LYS E 181 28.84 -21.80 5.43
C LYS E 181 28.40 -21.72 3.97
N ALA E 182 27.28 -22.37 3.63
CA ALA E 182 26.78 -22.30 2.26
C ALA E 182 26.35 -20.89 1.89
N CYS E 183 25.71 -20.17 2.82
CA CYS E 183 25.33 -18.79 2.55
C CYS E 183 26.56 -17.93 2.28
N PHE E 184 27.60 -18.10 3.09
CA PHE E 184 28.82 -17.33 2.89
C PHE E 184 29.47 -17.71 1.57
N GLN E 185 29.43 -18.99 1.20
CA GLN E 185 30.01 -19.40 -0.07
C GLN E 185 29.27 -18.76 -1.24
N PHE E 186 27.95 -18.58 -1.12
CA PHE E 186 27.21 -17.94 -2.20
C PHE E 186 27.32 -16.42 -2.19
N LEU E 187 27.64 -15.82 -1.07
CA LEU E 187 27.59 -14.36 -0.96
C LEU E 187 28.39 -13.63 -2.04
N PRO E 188 29.61 -14.03 -2.39
CA PRO E 188 30.32 -13.32 -3.48
C PRO E 188 29.58 -13.33 -4.80
N MET E 189 28.91 -14.43 -5.14
CA MET E 189 28.15 -14.44 -6.39
C MET E 189 26.90 -13.56 -6.30
N ARG E 190 26.30 -13.47 -5.11
CA ARG E 190 25.20 -12.53 -4.90
C ARG E 190 25.68 -11.10 -5.13
N ALA E 191 26.88 -10.78 -4.67
CA ALA E 191 27.42 -9.46 -4.93
C ALA E 191 27.69 -9.25 -6.41
N ASN E 192 28.21 -10.28 -7.08
CA ASN E 192 28.40 -10.18 -8.52
C ASN E 192 27.09 -9.93 -9.24
N LEU E 193 26.03 -10.66 -8.87
CA LEU E 193 24.72 -10.45 -9.45
C LEU E 193 24.27 -9.01 -9.26
N ASP E 194 24.59 -8.43 -8.10
CA ASP E 194 24.29 -7.02 -7.89
C ASP E 194 25.04 -6.16 -8.91
N LEU E 195 26.32 -6.43 -9.11
CA LEU E 195 27.06 -5.63 -10.07
C LEU E 195 26.50 -5.77 -11.48
N LEU E 196 26.00 -6.95 -11.84
CA LEU E 196 25.53 -7.19 -13.21
C LEU E 196 24.17 -6.60 -13.49
N GLY E 197 23.41 -6.20 -12.47
CA GLY E 197 22.15 -5.53 -12.73
C GLY E 197 20.92 -6.11 -12.06
N TRP E 198 21.09 -7.08 -11.17
CA TRP E 198 19.97 -7.70 -10.48
C TRP E 198 19.87 -7.27 -9.02
N SER E 199 20.39 -6.10 -8.69
CA SER E 199 20.44 -5.69 -7.29
C SER E 199 19.08 -5.56 -6.63
N GLU E 200 18.03 -5.30 -7.41
CA GLU E 200 16.69 -5.16 -6.85
C GLU E 200 15.85 -6.41 -6.99
N ILE E 201 16.45 -7.53 -7.38
CA ILE E 201 15.72 -8.76 -7.70
C ILE E 201 16.18 -9.84 -6.74
N ASP E 202 15.23 -10.46 -6.05
CA ASP E 202 15.50 -11.71 -5.35
C ASP E 202 15.48 -12.84 -6.36
N ILE E 203 16.67 -13.32 -6.75
CA ILE E 203 16.75 -14.26 -7.85
C ILE E 203 16.08 -15.59 -7.55
N PHE E 204 15.85 -15.92 -6.27
CA PHE E 204 15.24 -17.19 -5.92
C PHE E 204 13.75 -17.07 -5.64
N ALA E 205 13.20 -15.88 -5.69
CA ALA E 205 11.80 -15.69 -5.36
C ALA E 205 10.92 -16.15 -6.52
N HIS E 206 9.69 -16.51 -6.19
CA HIS E 206 8.74 -16.86 -7.25
C HIS E 206 8.41 -15.65 -8.11
N SER E 207 8.28 -14.48 -7.50
CA SER E 207 8.07 -13.26 -8.26
C SER E 207 8.72 -12.07 -7.60
N THR F 3 10.67 -9.21 45.93
CA THR F 3 10.18 -10.06 44.85
C THR F 3 10.90 -11.40 44.82
N GLU F 4 10.44 -12.34 45.64
CA GLU F 4 11.00 -13.68 45.65
C GLU F 4 10.84 -14.33 44.29
N ILE F 5 11.96 -14.68 43.65
CA ILE F 5 11.94 -15.35 42.37
C ILE F 5 12.79 -16.61 42.50
N ARG F 6 12.15 -17.77 42.35
CA ARG F 6 12.85 -19.06 42.43
C ARG F 6 13.19 -19.54 41.03
N VAL F 7 14.46 -19.78 40.76
CA VAL F 7 14.91 -20.23 39.44
C VAL F 7 15.19 -21.72 39.53
N HIS F 8 14.62 -22.49 38.61
CA HIS F 8 14.78 -23.93 38.62
C HIS F 8 15.34 -24.43 37.30
N GLN F 9 15.95 -25.60 37.34
CA GLN F 9 16.42 -26.32 36.14
C GLN F 9 15.49 -27.48 35.87
N GLY F 10 14.92 -27.51 34.67
CA GLY F 10 14.12 -28.63 34.18
C GLY F 10 12.66 -28.72 34.57
N ASP F 11 12.33 -28.55 35.85
CA ASP F 11 10.96 -28.77 36.30
C ASP F 11 10.78 -28.14 37.67
N LEU F 12 9.52 -27.93 38.04
CA LEU F 12 9.21 -27.60 39.42
C LEU F 12 9.65 -28.73 40.33
N PRO F 13 10.13 -28.45 41.54
CA PRO F 13 10.44 -29.55 42.46
C PRO F 13 9.18 -30.26 42.93
N ASN F 14 8.08 -29.53 43.06
CA ASN F 14 6.77 -30.06 43.44
C ASN F 14 5.74 -28.97 43.19
N LEU F 15 4.47 -29.28 43.45
CA LEU F 15 3.37 -28.34 43.25
C LEU F 15 2.84 -27.81 44.56
N ASP F 16 3.65 -27.82 45.62
CA ASP F 16 3.17 -27.42 46.94
C ASP F 16 2.75 -25.96 46.96
N ASN F 17 3.38 -25.13 46.14
CA ASN F 17 3.07 -23.71 46.06
C ASN F 17 1.98 -23.39 45.05
N TYR F 18 1.38 -24.38 44.41
CA TYR F 18 0.46 -24.16 43.30
C TYR F 18 -0.83 -24.93 43.50
N ARG F 19 -1.28 -25.02 44.75
CA ARG F 19 -2.61 -25.52 45.07
C ARG F 19 -3.61 -24.36 45.09
N ILE F 20 -3.87 -23.81 43.90
CA ILE F 20 -4.59 -22.55 43.75
C ILE F 20 -5.57 -22.68 42.61
N ASP F 21 -6.46 -21.69 42.48
CA ASP F 21 -7.51 -21.75 41.48
C ASP F 21 -7.14 -21.03 40.19
N ALA F 22 -6.09 -20.24 40.16
CA ALA F 22 -5.66 -19.61 38.92
C ALA F 22 -4.18 -19.34 39.00
N VAL F 23 -3.46 -19.61 37.90
CA VAL F 23 -2.03 -19.41 37.85
C VAL F 23 -1.70 -18.57 36.62
N ALA F 24 -0.85 -17.57 36.81
CA ALA F 24 -0.36 -16.78 35.69
C ALA F 24 0.81 -17.45 35.02
N VAL F 25 0.78 -17.53 33.69
CA VAL F 25 1.78 -18.28 32.94
C VAL F 25 2.27 -17.40 31.81
N ASP F 26 3.56 -17.47 31.52
CA ASP F 26 4.11 -16.74 30.35
C ASP F 26 5.36 -17.51 29.93
N THR F 27 5.77 -17.39 28.69
CA THR F 27 6.96 -18.06 28.19
C THR F 27 7.89 -17.11 27.46
N GLU F 28 9.12 -17.61 27.26
CA GLU F 28 10.18 -16.90 26.50
C GLU F 28 10.78 -17.95 25.55
N THR F 29 10.98 -17.65 24.28
CA THR F 29 11.46 -18.53 23.24
C THR F 29 12.54 -17.78 22.47
N LEU F 30 13.16 -18.43 21.48
CA LEU F 30 14.04 -17.75 20.55
C LEU F 30 13.29 -17.08 19.42
N GLY F 31 11.97 -17.15 19.41
CA GLY F 31 11.21 -16.45 18.38
C GLY F 31 9.81 -16.96 18.26
N LEU F 32 9.12 -16.46 17.23
CA LEU F 32 7.70 -16.66 17.05
C LEU F 32 7.30 -17.91 16.29
N GLN F 33 8.24 -18.70 15.80
CA GLN F 33 7.88 -19.80 14.91
C GLN F 33 8.20 -21.08 15.64
N PRO F 34 7.18 -21.75 16.19
CA PRO F 34 7.45 -22.88 17.08
C PRO F 34 8.26 -24.00 16.43
N HIS F 35 8.15 -24.16 15.11
CA HIS F 35 8.91 -25.22 14.48
C HIS F 35 10.40 -24.89 14.42
N ARG F 36 10.76 -23.61 14.44
CA ARG F 36 12.16 -23.22 14.41
C ARG F 36 12.72 -22.80 15.77
N ASP F 37 11.94 -22.13 16.60
CA ASP F 37 12.45 -21.41 17.77
C ASP F 37 12.04 -22.11 19.05
N ARG F 38 13.00 -22.74 19.73
CA ARG F 38 12.66 -23.62 20.84
C ARG F 38 12.23 -22.84 22.07
N LEU F 39 11.39 -23.45 22.88
CA LEU F 39 11.01 -22.92 24.20
C LEU F 39 12.19 -22.90 25.14
N CYS F 40 12.47 -21.74 25.77
CA CYS F 40 13.66 -21.65 26.62
C CYS F 40 13.35 -21.49 28.10
N VAL F 41 12.30 -20.76 28.47
CA VAL F 41 11.97 -20.47 29.86
C VAL F 41 10.47 -20.54 30.00
N VAL F 42 9.98 -21.08 31.12
CA VAL F 42 8.59 -20.99 31.50
C VAL F 42 8.50 -20.31 32.85
N GLN F 43 7.67 -19.25 32.91
CA GLN F 43 7.46 -18.50 34.17
C GLN F 43 6.07 -18.79 34.73
N LEU F 44 5.93 -18.91 36.04
CA LEU F 44 4.69 -19.18 36.73
C LEU F 44 4.54 -18.28 37.95
N SER F 45 3.29 -17.98 38.30
CA SER F 45 3.01 -17.31 39.55
C SER F 45 1.66 -17.75 40.08
N SER F 46 1.59 -17.91 41.39
CA SER F 46 0.39 -18.24 42.15
C SER F 46 -0.47 -17.03 42.45
N GLY F 47 -0.03 -15.85 42.09
CA GLY F 47 -0.70 -14.61 42.43
C GLY F 47 -0.21 -13.96 43.70
N ASP F 48 0.77 -14.56 44.35
CA ASP F 48 1.35 -14.05 45.57
C ASP F 48 2.48 -13.11 45.16
N GLY F 49 3.35 -12.74 46.09
CA GLY F 49 4.45 -11.86 45.77
C GLY F 49 5.68 -12.55 45.25
N THR F 50 5.64 -13.87 45.06
CA THR F 50 6.74 -14.61 44.47
C THR F 50 6.37 -15.23 43.13
N ALA F 51 7.42 -15.61 42.40
CA ALA F 51 7.30 -16.20 41.07
C ALA F 51 8.32 -17.32 40.93
N ASP F 52 8.01 -18.29 40.07
CA ASP F 52 8.94 -19.33 39.70
C ASP F 52 9.34 -19.25 38.24
N VAL F 53 10.62 -19.30 37.96
CA VAL F 53 11.17 -19.23 36.61
C VAL F 53 11.91 -20.54 36.34
N ILE F 54 11.42 -21.31 35.38
CA ILE F 54 11.90 -22.66 35.11
C ILE F 54 12.62 -22.67 33.78
N GLN F 55 13.93 -22.96 33.82
CA GLN F 55 14.73 -23.07 32.62
C GLN F 55 14.57 -24.42 31.95
N ILE F 56 14.22 -24.39 30.67
CA ILE F 56 13.99 -25.60 29.87
C ILE F 56 15.22 -25.86 29.02
N ALA F 57 15.72 -27.09 29.06
CA ALA F 57 16.94 -27.41 28.33
C ALA F 57 16.62 -27.61 26.86
N LYS F 58 17.61 -27.39 26.02
CA LYS F 58 17.48 -27.72 24.60
C LYS F 58 17.16 -29.18 24.41
N GLY F 59 16.16 -29.45 23.57
CA GLY F 59 15.68 -30.77 23.27
C GLY F 59 14.82 -31.40 24.33
N GLN F 60 14.55 -30.73 25.43
CA GLN F 60 13.72 -31.31 26.47
C GLN F 60 12.29 -31.50 25.98
N LYS F 61 11.76 -32.71 26.16
CA LYS F 61 10.45 -33.06 25.62
C LYS F 61 9.39 -33.18 26.71
N SER F 62 9.77 -33.27 27.99
CA SER F 62 8.84 -33.51 29.07
C SER F 62 9.22 -32.68 30.29
N ALA F 63 8.20 -32.29 31.05
CA ALA F 63 8.38 -31.65 32.36
C ALA F 63 7.18 -32.00 33.23
N PRO F 64 7.18 -33.20 33.81
CA PRO F 64 5.92 -33.77 34.33
C PRO F 64 5.19 -32.92 35.36
N ASN F 65 5.86 -32.29 36.32
CA ASN F 65 5.10 -31.53 37.31
C ASN F 65 4.48 -30.28 36.69
N LEU F 66 5.27 -29.53 35.93
CA LEU F 66 4.76 -28.38 35.21
C LEU F 66 3.64 -28.77 34.26
N VAL F 67 3.85 -29.84 33.48
CA VAL F 67 2.84 -30.19 32.49
C VAL F 67 1.57 -30.67 33.17
N ARG F 68 1.72 -31.33 34.31
CA ARG F 68 0.55 -31.69 35.09
C ARG F 68 -0.23 -30.44 35.52
N LEU F 69 0.50 -29.39 35.92
CA LEU F 69 -0.20 -28.15 36.27
C LEU F 69 -0.93 -27.56 35.07
N LEU F 70 -0.27 -27.47 33.93
CA LEU F 70 -0.87 -26.92 32.72
C LEU F 70 -2.06 -27.73 32.21
N SER F 71 -2.06 -29.03 32.44
CA SER F 71 -3.12 -29.92 32.00
C SER F 71 -4.33 -29.91 32.92
N ASP F 72 -4.20 -29.35 34.12
CA ASP F 72 -5.22 -29.52 35.14
C ASP F 72 -6.39 -28.58 34.84
N ARG F 73 -7.54 -29.18 34.51
CA ARG F 73 -8.73 -28.45 34.11
C ARG F 73 -9.35 -27.62 35.21
N ASP F 74 -9.06 -27.92 36.47
CA ASP F 74 -9.65 -27.13 37.56
C ASP F 74 -8.90 -25.82 37.83
N ILE F 75 -7.81 -25.53 37.12
CA ILE F 75 -7.01 -24.34 37.34
C ILE F 75 -7.00 -23.53 36.06
N THR F 76 -7.51 -22.30 36.12
CA THR F 76 -7.47 -21.44 34.94
C THR F 76 -6.06 -20.90 34.76
N LYS F 77 -5.52 -21.07 33.57
CA LYS F 77 -4.22 -20.53 33.19
C LYS F 77 -4.39 -19.14 32.59
N ILE F 78 -3.77 -18.14 33.19
CA ILE F 78 -3.85 -16.77 32.70
C ILE F 78 -2.62 -16.48 31.87
N PHE F 79 -2.84 -15.99 30.66
CA PHE F 79 -1.78 -15.61 29.74
C PHE F 79 -2.03 -14.18 29.30
N HIS F 80 -0.99 -13.57 28.77
CA HIS F 80 -1.12 -12.42 27.89
C HIS F 80 -0.75 -12.87 26.49
N PHE F 81 -1.70 -12.75 25.56
CA PHE F 81 -1.58 -13.32 24.23
C PHE F 81 -1.30 -14.81 24.29
N GLY F 82 -2.22 -15.53 24.92
CA GLY F 82 -2.07 -16.96 25.04
C GLY F 82 -2.04 -17.71 23.73
N ARG F 83 -2.52 -17.09 22.64
CA ARG F 83 -2.44 -17.72 21.33
C ARG F 83 -1.04 -18.26 21.03
N PHE F 84 0.00 -17.52 21.38
CA PHE F 84 1.36 -17.98 21.13
C PHE F 84 1.84 -19.01 22.15
N ASP F 85 1.69 -18.66 23.43
CA ASP F 85 2.18 -19.53 24.50
C ASP F 85 1.53 -20.91 24.48
N LEU F 86 0.23 -20.97 24.23
CA LEU F 86 -0.44 -22.26 24.15
C LEU F 86 0.16 -23.09 23.02
N ALA F 87 0.45 -22.46 21.90
CA ALA F 87 1.02 -23.18 20.77
C ALA F 87 2.38 -23.74 21.11
N ILE F 88 3.25 -22.91 21.67
CA ILE F 88 4.61 -23.36 21.93
C ILE F 88 4.63 -24.40 23.05
N LEU F 89 3.78 -24.25 24.06
CA LEU F 89 3.74 -25.23 25.14
C LEU F 89 3.25 -26.57 24.62
N ALA F 90 2.18 -26.57 23.83
CA ALA F 90 1.67 -27.83 23.30
C ALA F 90 2.69 -28.47 22.37
N HIS F 91 3.39 -27.66 21.57
CA HIS F 91 4.39 -28.20 20.68
C HIS F 91 5.56 -28.79 21.44
N THR F 92 5.90 -28.22 22.60
CA THR F 92 7.07 -28.66 23.34
C THR F 92 6.77 -29.87 24.22
N PHE F 93 5.65 -29.85 24.95
CA PHE F 93 5.39 -30.91 25.92
C PHE F 93 4.26 -31.85 25.55
N GLY F 94 3.54 -31.60 24.45
CA GLY F 94 2.55 -32.55 24.00
C GLY F 94 1.22 -32.46 24.70
N VAL F 95 1.02 -31.42 25.53
CA VAL F 95 -0.22 -31.23 26.27
C VAL F 95 -0.77 -29.86 25.88
N MET F 96 -2.02 -29.84 25.42
CA MET F 96 -2.65 -28.58 25.07
C MET F 96 -3.54 -28.16 26.22
N PRO F 97 -3.24 -27.06 26.92
CA PRO F 97 -4.17 -26.55 27.94
C PRO F 97 -5.54 -26.25 27.36
N ASP F 98 -6.58 -26.48 28.15
CA ASP F 98 -7.94 -26.23 27.67
C ASP F 98 -8.78 -25.38 28.60
N VAL F 99 -8.20 -24.81 29.65
CA VAL F 99 -8.89 -23.84 30.50
C VAL F 99 -7.99 -22.61 30.61
N VAL F 100 -8.32 -21.55 29.88
CA VAL F 100 -7.40 -20.43 29.73
C VAL F 100 -8.17 -19.13 29.84
N PHE F 101 -7.42 -18.08 30.16
CA PHE F 101 -7.87 -16.70 30.15
C PHE F 101 -6.76 -15.92 29.48
N CYS F 102 -7.10 -15.06 28.53
CA CYS F 102 -6.12 -14.28 27.79
C CYS F 102 -6.44 -12.82 28.05
N THR F 103 -5.48 -12.09 28.60
CA THR F 103 -5.70 -10.68 28.88
C THR F 103 -5.75 -9.83 27.64
N LYS F 104 -5.18 -10.29 26.52
CA LYS F 104 -5.25 -9.47 25.32
C LYS F 104 -6.64 -9.51 24.70
N ILE F 105 -7.24 -10.71 24.61
CA ILE F 105 -8.63 -10.80 24.18
C ILE F 105 -9.53 -10.00 25.11
N ALA F 106 -9.31 -10.10 26.42
CA ALA F 106 -10.13 -9.32 27.35
C ALA F 106 -9.99 -7.84 27.08
N SER F 107 -8.76 -7.38 26.83
CA SER F 107 -8.56 -5.99 26.51
C SER F 107 -9.30 -5.59 25.24
N LYS F 108 -9.22 -6.42 24.20
CA LYS F 108 -9.92 -6.09 22.97
C LYS F 108 -11.42 -6.09 23.16
N LEU F 109 -11.93 -6.81 24.15
CA LEU F 109 -13.36 -6.81 24.42
C LEU F 109 -13.80 -5.74 25.40
N THR F 110 -12.90 -5.05 26.05
CA THR F 110 -13.36 -4.11 27.07
C THR F 110 -12.74 -2.74 26.91
N ARG F 111 -11.46 -2.65 26.58
CA ARG F 111 -10.80 -1.37 26.42
C ARG F 111 -11.02 -0.89 24.99
N THR F 112 -12.29 -0.62 24.69
CA THR F 112 -12.69 -0.24 23.35
C THR F 112 -12.30 1.19 23.01
N TYR F 113 -11.83 1.96 24.00
CA TYR F 113 -11.47 3.36 23.81
C TYR F 113 -10.01 3.54 23.46
N THR F 114 -9.28 2.47 23.18
CA THR F 114 -7.89 2.59 22.79
C THR F 114 -7.56 1.48 21.80
N ASP F 115 -6.50 1.70 21.02
CA ASP F 115 -6.00 0.66 20.14
C ASP F 115 -4.68 0.08 20.60
N ARG F 116 -4.23 0.42 21.80
CA ARG F 116 -2.96 -0.04 22.32
C ARG F 116 -3.27 -1.06 23.39
N HIS F 117 -3.05 -2.33 23.08
CA HIS F 117 -3.42 -3.44 23.96
C HIS F 117 -2.21 -4.20 24.49
N GLY F 118 -1.02 -3.66 24.36
CA GLY F 118 0.13 -4.33 24.91
C GLY F 118 0.14 -4.35 26.42
N LEU F 119 0.89 -5.30 26.96
CA LEU F 119 0.92 -5.49 28.41
C LEU F 119 1.43 -4.25 29.13
N LYS F 120 2.42 -3.58 28.55
CA LYS F 120 2.93 -2.38 29.19
C LYS F 120 1.84 -1.32 29.31
N GLU F 121 1.10 -1.09 28.21
CA GLU F 121 0.03 -0.10 28.23
C GLU F 121 -1.09 -0.51 29.18
N ILE F 122 -1.45 -1.78 29.18
CA ILE F 122 -2.51 -2.26 30.08
C ILE F 122 -2.11 -2.02 31.53
N CYS F 123 -0.88 -2.41 31.89
CA CYS F 123 -0.45 -2.25 33.28
C CYS F 123 -0.41 -0.77 33.65
N GLY F 124 0.02 0.07 32.71
CA GLY F 124 0.03 1.50 32.98
C GLY F 124 -1.35 2.05 33.24
N GLU F 125 -2.32 1.67 32.41
CA GLU F 125 -3.65 2.23 32.53
C GLU F 125 -4.37 1.68 33.74
N LEU F 126 -4.37 0.36 33.92
CA LEU F 126 -5.19 -0.26 34.94
C LEU F 126 -4.56 -0.21 36.32
N LEU F 127 -3.23 -0.19 36.43
CA LEU F 127 -2.57 -0.30 37.72
C LEU F 127 -1.64 0.85 38.06
N ASN F 128 -1.36 1.74 37.12
CA ASN F 128 -0.28 2.73 37.28
C ASN F 128 1.03 2.06 37.66
N VAL F 129 1.34 0.96 36.99
CA VAL F 129 2.57 0.21 37.21
C VAL F 129 3.44 0.34 35.96
N ASN F 130 4.71 0.69 36.16
CA ASN F 130 5.62 0.94 35.05
C ASN F 130 6.43 -0.33 34.78
N ILE F 131 6.20 -0.94 33.63
CA ILE F 131 6.99 -2.06 33.15
C ILE F 131 8.13 -1.50 32.30
N SER F 132 9.36 -1.88 32.64
CA SER F 132 10.53 -1.51 31.84
C SER F 132 10.94 -2.70 30.98
N LYS F 133 10.24 -2.86 29.86
CA LYS F 133 10.52 -3.96 28.95
C LYS F 133 11.73 -3.64 28.07
N SER F 137 14.40 -9.01 22.23
CA SER F 137 14.54 -9.38 23.64
C SER F 137 16.00 -9.64 24.01
N SER F 138 16.28 -10.85 24.48
CA SER F 138 17.62 -11.26 24.81
C SER F 138 17.76 -12.75 24.53
N ASP F 139 18.98 -13.25 24.65
CA ASP F 139 19.27 -14.66 24.38
C ASP F 139 18.88 -15.50 25.58
N TRP F 140 17.62 -15.94 25.57
CA TRP F 140 17.04 -16.73 26.65
C TRP F 140 17.56 -18.16 26.69
N ALA F 141 18.29 -18.59 25.68
CA ALA F 141 18.84 -19.93 25.67
C ALA F 141 20.20 -20.01 26.34
N ALA F 142 20.70 -18.90 26.88
CA ALA F 142 21.99 -18.88 27.53
C ALA F 142 21.99 -19.89 28.68
N GLU F 143 23.11 -20.57 28.87
CA GLU F 143 23.22 -21.55 29.94
C GLU F 143 22.95 -20.93 31.31
N THR F 144 23.52 -19.76 31.58
CA THR F 144 23.26 -19.05 32.84
C THR F 144 22.56 -17.72 32.54
N LEU F 145 21.35 -17.56 33.04
CA LEU F 145 20.67 -16.28 32.90
C LEU F 145 21.24 -15.24 33.85
N SER F 146 21.31 -14.00 33.39
CA SER F 146 21.71 -12.90 34.24
C SER F 146 20.61 -12.53 35.22
N ARG F 147 20.98 -11.79 36.27
CA ARG F 147 19.98 -11.30 37.21
C ARG F 147 18.97 -10.40 36.52
N ALA F 148 19.43 -9.53 35.61
CA ALA F 148 18.52 -8.66 34.88
C ALA F 148 17.51 -9.48 34.08
N GLN F 149 17.96 -10.57 33.48
CA GLN F 149 17.05 -11.43 32.76
C GLN F 149 16.00 -12.00 33.69
N ILE F 150 16.42 -12.49 34.86
CA ILE F 150 15.46 -13.10 35.78
C ILE F 150 14.44 -12.09 36.26
N GLU F 151 14.88 -10.86 36.55
CA GLU F 151 13.92 -9.85 36.99
C GLU F 151 12.95 -9.49 35.88
N TYR F 152 13.46 -9.30 34.66
CA TYR F 152 12.58 -9.00 33.54
C TYR F 152 11.57 -10.11 33.32
N ALA F 153 12.02 -11.36 33.33
CA ALA F 153 11.13 -12.49 33.12
C ALA F 153 10.06 -12.57 34.19
N ALA F 154 10.41 -12.34 35.45
CA ALA F 154 9.42 -12.37 36.51
C ALA F 154 8.41 -11.24 36.41
N SER F 155 8.83 -10.06 35.97
CA SER F 155 7.89 -8.94 35.89
C SER F 155 6.70 -9.20 34.97
N ASP F 156 6.82 -10.10 34.00
CA ASP F 156 5.75 -10.39 33.06
C ASP F 156 4.63 -11.26 33.64
N VAL F 157 4.83 -11.90 34.78
CA VAL F 157 3.79 -12.71 35.41
C VAL F 157 3.29 -12.14 36.72
N LEU F 158 4.00 -11.20 37.33
CA LEU F 158 3.66 -10.72 38.66
C LEU F 158 2.32 -10.01 38.69
N TYR F 159 1.82 -9.53 37.56
CA TYR F 159 0.66 -8.65 37.59
C TYR F 159 -0.55 -9.21 36.87
N LEU F 160 -0.48 -10.42 36.32
CA LEU F 160 -1.58 -10.90 35.49
C LEU F 160 -2.82 -11.20 36.32
N HIS F 161 -2.66 -11.64 37.56
CA HIS F 161 -3.83 -11.87 38.41
C HIS F 161 -4.62 -10.58 38.63
N ARG F 162 -3.93 -9.49 38.95
CA ARG F 162 -4.64 -8.23 39.18
C ARG F 162 -5.34 -7.76 37.91
N LEU F 163 -4.72 -7.96 36.75
CA LEU F 163 -5.38 -7.60 35.51
C LEU F 163 -6.61 -8.47 35.30
N LYS F 164 -6.49 -9.77 35.54
CA LYS F 164 -7.64 -10.63 35.37
C LYS F 164 -8.79 -10.19 36.27
N ASP F 165 -8.50 -9.81 37.51
CA ASP F 165 -9.58 -9.35 38.40
C ASP F 165 -10.26 -8.11 37.84
N ILE F 166 -9.47 -7.17 37.33
CA ILE F 166 -10.07 -5.96 36.80
C ILE F 166 -10.86 -6.25 35.54
N PHE F 167 -10.31 -7.06 34.64
CA PHE F 167 -11.03 -7.39 33.42
C PHE F 167 -12.30 -8.15 33.72
N GLU F 168 -12.31 -9.02 34.73
CA GLU F 168 -13.55 -9.71 35.08
C GLU F 168 -14.60 -8.71 35.54
N GLU F 169 -14.18 -7.70 36.31
CA GLU F 169 -15.12 -6.64 36.68
C GLU F 169 -15.65 -5.90 35.46
N ARG F 170 -14.78 -5.57 34.51
CA ARG F 170 -15.22 -4.83 33.33
C ARG F 170 -16.13 -5.67 32.44
N LEU F 171 -15.81 -6.94 32.27
CA LEU F 171 -16.66 -7.82 31.46
C LEU F 171 -18.04 -7.95 32.09
N LYS F 172 -18.11 -7.99 33.41
CA LYS F 172 -19.43 -8.04 34.04
C LYS F 172 -20.16 -6.71 33.81
N ARG F 173 -19.45 -5.60 33.97
CA ARG F 173 -20.05 -4.28 33.83
C ARG F 173 -20.64 -4.06 32.44
N GLU F 174 -19.92 -4.44 31.39
CA GLU F 174 -20.39 -4.22 30.03
C GLU F 174 -21.18 -5.39 29.47
N GLU F 175 -21.46 -6.41 30.27
CA GLU F 175 -22.32 -7.53 29.91
C GLU F 175 -21.79 -8.29 28.70
N ARG F 176 -20.49 -8.60 28.74
CA ARG F 176 -19.80 -9.31 27.68
C ARG F 176 -19.19 -10.61 28.18
N GLU F 177 -19.68 -11.12 29.32
CA GLU F 177 -19.09 -12.31 29.91
C GLU F 177 -19.20 -13.54 29.02
N SER F 178 -20.35 -13.76 28.40
CA SER F 178 -20.49 -14.97 27.58
C SER F 178 -19.67 -14.89 26.29
N VAL F 179 -19.49 -13.69 25.75
CA VAL F 179 -18.60 -13.52 24.60
C VAL F 179 -17.19 -13.90 24.98
N ALA F 180 -16.70 -13.35 26.08
CA ALA F 180 -15.35 -13.64 26.52
C ALA F 180 -15.20 -15.13 26.79
N LYS F 181 -16.18 -15.74 27.47
CA LYS F 181 -16.06 -17.15 27.78
C LYS F 181 -15.93 -17.98 26.50
N ALA F 182 -16.72 -17.66 25.47
CA ALA F 182 -16.63 -18.41 24.22
C ALA F 182 -15.30 -18.17 23.50
N CYS F 183 -14.80 -16.94 23.52
CA CYS F 183 -13.50 -16.67 22.90
C CYS F 183 -12.38 -17.45 23.60
N PHE F 184 -12.38 -17.43 24.93
CA PHE F 184 -11.35 -18.16 25.67
C PHE F 184 -11.47 -19.65 25.44
N GLN F 185 -12.69 -20.15 25.29
CA GLN F 185 -12.88 -21.57 25.02
C GLN F 185 -12.34 -21.93 23.64
N PHE F 186 -12.46 -21.04 22.67
CA PHE F 186 -11.93 -21.33 21.35
C PHE F 186 -10.43 -21.11 21.24
N LEU F 187 -9.83 -20.31 22.11
CA LEU F 187 -8.42 -19.95 21.95
C LEU F 187 -7.48 -21.14 21.81
N PRO F 188 -7.60 -22.21 22.58
CA PRO F 188 -6.71 -23.36 22.35
C PRO F 188 -6.76 -23.95 20.97
N MET F 189 -7.93 -23.99 20.33
CA MET F 189 -7.97 -24.49 18.97
C MET F 189 -7.38 -23.49 17.98
N ARG F 190 -7.51 -22.19 18.24
CA ARG F 190 -6.79 -21.21 17.44
C ARG F 190 -5.29 -21.47 17.50
N ALA F 191 -4.79 -21.80 18.68
CA ALA F 191 -3.38 -22.14 18.82
C ALA F 191 -3.04 -23.41 18.06
N ASN F 192 -3.92 -24.42 18.11
CA ASN F 192 -3.67 -25.62 17.33
C ASN F 192 -3.62 -25.30 15.84
N LEU F 193 -4.55 -24.47 15.36
CA LEU F 193 -4.53 -24.07 13.96
C LEU F 193 -3.20 -23.43 13.61
N ASP F 194 -2.65 -22.65 14.54
CA ASP F 194 -1.34 -22.07 14.32
C ASP F 194 -0.29 -23.17 14.15
N LEU F 195 -0.31 -24.18 15.03
CA LEU F 195 0.69 -25.24 14.90
C LEU F 195 0.56 -25.99 13.58
N LEU F 196 -0.65 -26.18 13.07
CA LEU F 196 -0.78 -26.97 11.85
C LEU F 196 -0.42 -26.20 10.59
N GLY F 197 -0.33 -24.88 10.64
CA GLY F 197 0.10 -24.18 9.45
C GLY F 197 -0.78 -23.05 8.99
N TRP F 198 -1.79 -22.69 9.77
CA TRP F 198 -2.67 -21.60 9.40
C TRP F 198 -2.37 -20.36 10.24
N SER F 199 -1.13 -20.23 10.69
CA SER F 199 -0.77 -19.15 11.60
C SER F 199 -0.95 -17.79 10.94
N GLU F 200 -0.89 -17.72 9.63
CA GLU F 200 -1.03 -16.44 8.93
C GLU F 200 -2.42 -16.22 8.36
N ILE F 201 -3.39 -17.06 8.71
CA ILE F 201 -4.72 -17.04 8.11
C ILE F 201 -5.75 -16.77 9.20
N ASP F 202 -6.58 -15.75 9.00
CA ASP F 202 -7.80 -15.60 9.77
C ASP F 202 -8.83 -16.55 9.19
N ILE F 203 -9.07 -17.66 9.89
CA ILE F 203 -9.90 -18.71 9.32
C ILE F 203 -11.35 -18.29 9.13
N PHE F 204 -11.80 -17.23 9.80
CA PHE F 204 -13.18 -16.79 9.69
C PHE F 204 -13.36 -15.63 8.72
N ALA F 205 -12.29 -15.13 8.14
CA ALA F 205 -12.41 -13.97 7.26
C ALA F 205 -12.96 -14.42 5.92
N HIS F 206 -13.61 -13.49 5.22
CA HIS F 206 -14.06 -13.80 3.87
C HIS F 206 -12.89 -14.03 2.94
N SER F 207 -11.83 -13.23 3.07
CA SER F 207 -10.62 -13.47 2.31
C SER F 207 -9.39 -13.06 3.12
N THR G 3 -9.45 26.22 37.80
CA THR G 3 -10.75 26.56 37.24
C THR G 3 -11.88 25.96 38.06
N GLU G 4 -13.11 26.29 37.69
CA GLU G 4 -14.30 25.80 38.37
C GLU G 4 -14.98 24.74 37.51
N ILE G 5 -15.12 23.53 38.04
CA ILE G 5 -15.78 22.45 37.33
C ILE G 5 -16.90 21.95 38.23
N ARG G 6 -18.12 22.10 37.76
CA ARG G 6 -19.31 21.64 38.47
C ARG G 6 -19.66 20.25 37.96
N VAL G 7 -19.74 19.27 38.84
CA VAL G 7 -20.04 17.90 38.43
C VAL G 7 -21.48 17.55 38.78
N HIS G 8 -22.23 17.04 37.80
CA HIS G 8 -23.64 16.71 37.99
C HIS G 8 -23.91 15.27 37.61
N GLN G 9 -24.99 14.73 38.16
CA GLN G 9 -25.50 13.41 37.80
C GLN G 9 -26.75 13.57 36.95
N GLY G 10 -26.71 13.02 35.74
CA GLY G 10 -27.88 12.96 34.88
C GLY G 10 -28.22 14.16 34.03
N ASP G 11 -28.25 15.35 34.61
CA ASP G 11 -28.70 16.53 33.90
C ASP G 11 -28.28 17.77 34.66
N LEU G 12 -28.31 18.91 33.98
CA LEU G 12 -28.23 20.17 34.68
C LEU G 12 -29.41 20.35 35.62
N PRO G 13 -29.21 21.00 36.77
CA PRO G 13 -30.37 21.31 37.62
C PRO G 13 -31.29 22.34 36.99
N ASN G 14 -30.75 23.27 36.23
CA ASN G 14 -31.52 24.32 35.55
C ASN G 14 -30.60 24.95 34.51
N LEU G 15 -31.15 25.93 33.77
CA LEU G 15 -30.41 26.59 32.72
C LEU G 15 -30.01 28.00 33.11
N ASP G 16 -29.91 28.28 34.41
CA ASP G 16 -29.65 29.65 34.86
C ASP G 16 -28.31 30.16 34.35
N ASN G 17 -27.33 29.26 34.19
CA ASN G 17 -26.01 29.63 33.71
C ASN G 17 -25.87 29.58 32.19
N TYR G 18 -26.94 29.28 31.46
CA TYR G 18 -26.82 29.04 30.02
C TYR G 18 -27.84 29.85 29.25
N ARG G 19 -28.10 31.07 29.72
CA ARG G 19 -28.85 32.07 28.97
C ARG G 19 -27.88 32.90 28.12
N ILE G 20 -27.32 32.26 27.10
CA ILE G 20 -26.20 32.80 26.34
C ILE G 20 -26.40 32.50 24.86
N ASP G 21 -25.62 33.17 24.03
CA ASP G 21 -25.77 33.03 22.59
C ASP G 21 -25.05 31.81 22.01
N ALA G 22 -24.06 31.27 22.71
CA ALA G 22 -23.30 30.15 22.19
C ALA G 22 -22.76 29.35 23.36
N VAL G 23 -22.79 28.02 23.23
CA VAL G 23 -22.34 27.14 24.30
C VAL G 23 -21.33 26.16 23.70
N ALA G 24 -20.22 25.97 24.40
CA ALA G 24 -19.23 24.97 24.02
C ALA G 24 -19.65 23.60 24.53
N VAL G 25 -19.56 22.60 23.66
CA VAL G 25 -20.05 21.26 23.96
C VAL G 25 -19.00 20.25 23.59
N ASP G 26 -18.86 19.21 24.40
CA ASP G 26 -17.93 18.11 24.06
C ASP G 26 -18.42 16.89 24.82
N THR G 27 -18.12 15.70 24.31
CA THR G 27 -18.55 14.46 24.93
C THR G 27 -17.36 13.55 25.12
N GLU G 28 -17.56 12.53 25.97
CA GLU G 28 -16.56 11.47 26.21
C GLU G 28 -17.32 10.14 26.24
N THR G 29 -16.86 9.11 25.53
CA THR G 29 -17.57 7.85 25.36
C THR G 29 -16.63 6.70 25.63
N LEU G 30 -17.15 5.49 25.52
CA LEU G 30 -16.30 4.31 25.57
C LEU G 30 -15.66 3.94 24.23
N GLY G 31 -15.86 4.73 23.18
CA GLY G 31 -15.20 4.44 21.91
C GLY G 31 -15.87 5.14 20.76
N LEU G 32 -15.40 4.79 19.56
CA LEU G 32 -15.76 5.48 18.32
C LEU G 32 -17.02 4.95 17.65
N GLN G 33 -17.66 3.91 18.17
CA GLN G 33 -18.78 3.28 17.47
C GLN G 33 -20.07 3.49 18.23
N PRO G 34 -20.92 4.43 17.82
CA PRO G 34 -22.07 4.79 18.66
C PRO G 34 -22.99 3.63 18.95
N HIS G 35 -23.06 2.64 18.06
CA HIS G 35 -23.92 1.50 18.34
C HIS G 35 -23.36 0.59 19.41
N ARG G 36 -22.04 0.61 19.60
CA ARG G 36 -21.43 -0.21 20.64
C ARG G 36 -21.04 0.57 21.89
N ASP G 37 -20.55 1.80 21.74
CA ASP G 37 -19.83 2.50 22.82
C ASP G 37 -20.68 3.64 23.38
N ARG G 38 -21.17 3.46 24.60
CA ARG G 38 -22.18 4.38 25.13
C ARG G 38 -21.55 5.72 25.49
N LEU G 39 -22.39 6.76 25.46
CA LEU G 39 -22.01 8.08 25.97
C LEU G 39 -21.81 8.04 27.48
N CYS G 40 -20.68 8.56 27.96
CA CYS G 40 -20.40 8.51 29.40
C CYS G 40 -20.38 9.86 30.09
N VAL G 41 -19.88 10.91 29.45
CA VAL G 41 -19.74 12.23 30.07
C VAL G 41 -20.07 13.28 29.02
N VAL G 42 -20.75 14.34 29.42
CA VAL G 42 -20.91 15.53 28.59
C VAL G 42 -20.40 16.77 29.31
N GLN G 43 -19.53 17.52 28.61
CA GLN G 43 -18.94 18.76 29.17
C GLN G 43 -19.53 19.99 28.46
N LEU G 44 -19.89 21.03 29.20
CA LEU G 44 -20.49 22.26 28.68
C LEU G 44 -19.75 23.45 29.26
N SER G 45 -19.73 24.52 28.48
CA SER G 45 -19.23 25.79 28.98
C SER G 45 -19.98 26.95 28.35
N SER G 46 -20.22 27.96 29.18
CA SER G 46 -20.82 29.23 28.80
C SER G 46 -19.82 30.17 28.16
N GLY G 47 -18.55 29.76 28.09
CA GLY G 47 -17.45 30.57 27.61
C GLY G 47 -16.74 31.35 28.69
N ASP G 48 -17.14 31.20 29.94
CA ASP G 48 -16.53 31.89 31.05
C ASP G 48 -15.42 30.98 31.56
N GLY G 49 -14.89 31.25 32.74
CA GLY G 49 -13.82 30.42 33.25
C GLY G 49 -14.25 29.15 33.96
N THR G 50 -15.54 28.85 34.01
CA THR G 50 -16.04 27.60 34.58
C THR G 50 -16.72 26.72 33.54
N ALA G 51 -16.84 25.44 33.90
CA ALA G 51 -17.42 24.42 33.04
C ALA G 51 -18.29 23.49 33.89
N ASP G 52 -19.27 22.87 33.23
CA ASP G 52 -20.12 21.84 33.83
C ASP G 52 -19.85 20.49 33.19
N VAL G 53 -19.65 19.48 34.02
CA VAL G 53 -19.38 18.12 33.60
C VAL G 53 -20.50 17.23 34.12
N ILE G 54 -21.26 16.64 33.20
CA ILE G 54 -22.47 15.89 33.52
C ILE G 54 -22.19 14.42 33.24
N GLN G 55 -22.26 13.60 34.27
CA GLN G 55 -22.12 12.16 34.12
C GLN G 55 -23.44 11.53 33.70
N ILE G 56 -23.41 10.77 32.60
CA ILE G 56 -24.59 10.11 32.06
C ILE G 56 -24.57 8.66 32.50
N ALA G 57 -25.68 8.19 33.04
CA ALA G 57 -25.75 6.83 33.57
C ALA G 57 -25.97 5.84 32.44
N LYS G 58 -25.56 4.60 32.67
CA LYS G 58 -25.88 3.54 31.73
C LYS G 58 -27.39 3.40 31.57
N GLY G 59 -27.83 3.34 30.32
CA GLY G 59 -29.23 3.23 29.98
C GLY G 59 -30.05 4.49 30.11
N GLN G 60 -29.44 5.62 30.48
CA GLN G 60 -30.21 6.85 30.62
C GLN G 60 -30.71 7.34 29.27
N LYS G 61 -32.02 7.61 29.19
CA LYS G 61 -32.67 7.95 27.93
C LYS G 61 -33.02 9.42 27.77
N SER G 62 -33.04 10.20 28.85
CA SER G 62 -33.51 11.57 28.81
C SER G 62 -32.62 12.45 29.68
N ALA G 63 -32.48 13.70 29.28
CA ALA G 63 -31.82 14.73 30.08
C ALA G 63 -32.43 16.08 29.76
N PRO G 64 -33.60 16.38 30.34
CA PRO G 64 -34.44 17.47 29.79
C PRO G 64 -33.75 18.81 29.72
N ASN G 65 -32.96 19.21 30.71
CA ASN G 65 -32.35 20.54 30.64
C ASN G 65 -31.26 20.56 29.57
N LEU G 66 -30.39 19.54 29.57
CA LEU G 66 -29.40 19.40 28.52
C LEU G 66 -30.08 19.35 27.15
N VAL G 67 -31.15 18.56 27.04
CA VAL G 67 -31.82 18.41 25.75
C VAL G 67 -32.46 19.72 25.35
N ARG G 68 -32.95 20.49 26.32
CA ARG G 68 -33.44 21.84 26.03
C ARG G 68 -32.37 22.67 25.35
N LEU G 69 -31.14 22.59 25.87
CA LEU G 69 -30.02 23.35 25.26
C LEU G 69 -29.76 22.81 23.85
N LEU G 70 -29.71 21.49 23.68
CA LEU G 70 -29.41 20.92 22.38
C LEU G 70 -30.48 21.21 21.33
N SER G 71 -31.74 21.36 21.73
CA SER G 71 -32.84 21.61 20.81
C SER G 71 -33.04 23.08 20.46
N ASP G 72 -32.45 24.00 21.21
CA ASP G 72 -32.76 25.43 21.05
C ASP G 72 -32.01 25.96 19.84
N ARG G 73 -32.76 26.32 18.78
CA ARG G 73 -32.16 26.81 17.56
C ARG G 73 -31.59 28.21 17.68
N ASP G 74 -31.85 28.92 18.77
CA ASP G 74 -31.27 30.24 18.99
C ASP G 74 -29.89 30.20 19.63
N ILE G 75 -29.36 29.03 19.96
CA ILE G 75 -28.07 28.89 20.62
C ILE G 75 -27.16 28.06 19.74
N THR G 76 -26.03 28.63 19.32
CA THR G 76 -25.07 27.87 18.53
C THR G 76 -24.28 26.93 19.43
N LYS G 77 -24.24 25.66 19.05
CA LYS G 77 -23.46 24.64 19.73
C LYS G 77 -22.08 24.54 19.08
N ILE G 78 -21.03 24.76 19.87
CA ILE G 78 -19.66 24.69 19.38
C ILE G 78 -19.09 23.33 19.71
N PHE G 79 -18.55 22.65 18.70
CA PHE G 79 -17.90 21.36 18.87
C PHE G 79 -16.51 21.43 18.25
N HIS G 80 -15.67 20.49 18.65
CA HIS G 80 -14.50 20.11 17.88
C HIS G 80 -14.74 18.72 17.31
N PHE G 81 -14.73 18.62 15.97
CA PHE G 81 -15.14 17.40 15.26
C PHE G 81 -16.55 16.99 15.68
N GLY G 82 -17.48 17.91 15.44
CA GLY G 82 -18.86 17.66 15.79
C GLY G 82 -19.49 16.51 15.06
N ARG G 83 -18.90 16.06 13.95
CA ARG G 83 -19.40 14.88 13.27
C ARG G 83 -19.61 13.72 14.23
N PHE G 84 -18.69 13.55 15.18
CA PHE G 84 -18.83 12.47 16.15
C PHE G 84 -19.81 12.82 17.28
N ASP G 85 -19.62 13.98 17.91
CA ASP G 85 -20.45 14.34 19.05
C ASP G 85 -21.93 14.41 18.68
N LEU G 86 -22.24 14.97 17.52
CA LEU G 86 -23.62 15.01 17.08
C LEU G 86 -24.19 13.61 16.95
N ALA G 87 -23.40 12.69 16.42
CA ALA G 87 -23.88 11.33 16.23
C ALA G 87 -24.20 10.68 17.57
N ILE G 88 -23.26 10.77 18.52
CA ILE G 88 -23.47 10.06 19.77
C ILE G 88 -24.58 10.72 20.60
N LEU G 89 -24.66 12.05 20.57
CA LEU G 89 -25.72 12.74 21.29
C LEU G 89 -27.09 12.41 20.72
N ALA G 90 -27.21 12.44 19.39
CA ALA G 90 -28.51 12.13 18.78
C ALA G 90 -28.89 10.69 19.06
N HIS G 91 -27.93 9.77 18.99
CA HIS G 91 -28.24 8.38 19.28
C HIS G 91 -28.70 8.20 20.72
N THR G 92 -28.15 8.98 21.64
CA THR G 92 -28.44 8.77 23.05
C THR G 92 -29.75 9.43 23.46
N PHE G 93 -29.97 10.69 23.05
CA PHE G 93 -31.11 11.46 23.53
C PHE G 93 -32.18 11.67 22.48
N GLY G 94 -31.97 11.28 21.24
CA GLY G 94 -33.01 11.35 20.25
C GLY G 94 -33.18 12.72 19.62
N VAL G 95 -32.26 13.64 19.90
CA VAL G 95 -32.31 15.00 19.36
C VAL G 95 -31.03 15.28 18.57
N MET G 96 -31.19 15.69 17.33
CA MET G 96 -30.03 16.06 16.53
C MET G 96 -29.94 17.57 16.52
N PRO G 97 -28.92 18.17 17.12
CA PRO G 97 -28.78 19.64 17.03
C PRO G 97 -28.70 20.09 15.59
N ASP G 98 -29.24 21.27 15.30
CA ASP G 98 -29.25 21.76 13.92
C ASP G 98 -28.68 23.16 13.78
N VAL G 99 -28.08 23.73 14.82
CA VAL G 99 -27.36 24.99 14.74
C VAL G 99 -26.00 24.76 15.38
N VAL G 100 -24.96 24.57 14.57
CA VAL G 100 -23.67 24.11 15.08
C VAL G 100 -22.55 24.89 14.45
N PHE G 101 -21.40 24.88 15.14
CA PHE G 101 -20.14 25.39 14.62
C PHE G 101 -19.10 24.35 14.99
N CYS G 102 -18.27 23.96 14.04
CA CYS G 102 -17.24 22.95 14.26
C CYS G 102 -15.87 23.54 14.00
N THR G 103 -15.00 23.49 15.01
CA THR G 103 -13.67 24.04 14.84
C THR G 103 -12.78 23.21 13.93
N LYS G 104 -13.09 21.94 13.71
CA LYS G 104 -12.25 21.17 12.79
C LYS G 104 -12.53 21.52 11.35
N ILE G 105 -13.80 21.61 10.96
CA ILE G 105 -14.12 22.11 9.63
C ILE G 105 -13.59 23.52 9.45
N ALA G 106 -13.75 24.39 10.44
CA ALA G 106 -13.23 25.74 10.33
C ALA G 106 -11.72 25.73 10.15
N SER G 107 -11.02 24.87 10.88
CA SER G 107 -9.58 24.76 10.71
C SER G 107 -9.24 24.31 9.31
N LYS G 108 -9.94 23.31 8.79
CA LYS G 108 -9.63 22.84 7.44
C LYS G 108 -9.93 23.90 6.41
N LEU G 109 -10.82 24.83 6.73
CA LEU G 109 -11.14 25.93 5.83
C LEU G 109 -10.27 27.15 6.03
N THR G 110 -9.44 27.20 7.06
CA THR G 110 -8.68 28.42 7.28
C THR G 110 -7.20 28.15 7.48
N ARG G 111 -6.84 27.11 8.24
CA ARG G 111 -5.45 26.77 8.48
C ARG G 111 -4.95 25.90 7.33
N THR G 112 -4.91 26.49 6.14
CA THR G 112 -4.50 25.76 4.96
C THR G 112 -2.99 25.53 4.90
N TYR G 113 -2.24 26.14 5.81
CA TYR G 113 -0.79 26.03 5.88
C TYR G 113 -0.30 24.91 6.77
N THR G 114 -1.16 24.03 7.25
CA THR G 114 -0.73 22.90 8.05
C THR G 114 -1.63 21.72 7.75
N ASP G 115 -1.14 20.52 8.07
CA ASP G 115 -1.96 19.33 7.94
C ASP G 115 -2.35 18.76 9.29
N ARG G 116 -2.04 19.46 10.38
CA ARG G 116 -2.32 19.02 11.73
C ARG G 116 -3.48 19.87 12.24
N HIS G 117 -4.67 19.27 12.33
CA HIS G 117 -5.87 19.99 12.69
C HIS G 117 -6.42 19.53 14.04
N GLY G 118 -5.63 18.82 14.83
CA GLY G 118 -6.07 18.41 16.13
C GLY G 118 -6.20 19.58 17.08
N LEU G 119 -7.00 19.38 18.13
CA LEU G 119 -7.28 20.44 19.09
C LEU G 119 -5.99 20.92 19.77
N LYS G 120 -5.10 20.00 20.12
CA LYS G 120 -3.86 20.41 20.76
C LYS G 120 -3.07 21.36 19.88
N GLU G 121 -2.93 21.04 18.59
CA GLU G 121 -2.17 21.89 17.69
C GLU G 121 -2.84 23.23 17.48
N ILE G 122 -4.17 23.24 17.31
CA ILE G 122 -4.89 24.50 17.14
C ILE G 122 -4.67 25.38 18.37
N CYS G 123 -4.85 24.82 19.57
CA CYS G 123 -4.71 25.60 20.77
C CYS G 123 -3.28 26.12 20.91
N GLY G 124 -2.30 25.29 20.54
CA GLY G 124 -0.92 25.72 20.60
C GLY G 124 -0.64 26.91 19.69
N GLU G 125 -1.16 26.86 18.47
CA GLU G 125 -0.85 27.94 17.54
C GLU G 125 -1.64 29.20 17.89
N LEU G 126 -2.94 29.07 18.13
CA LEU G 126 -3.80 30.24 18.24
C LEU G 126 -3.78 30.87 19.62
N LEU G 127 -3.53 30.12 20.69
CA LEU G 127 -3.66 30.68 22.03
C LEU G 127 -2.41 30.55 22.88
N ASN G 128 -1.38 29.85 22.40
CA ASN G 128 -0.20 29.53 23.20
C ASN G 128 -0.56 28.85 24.52
N VAL G 129 -1.59 28.00 24.47
CA VAL G 129 -2.01 27.23 25.63
C VAL G 129 -1.57 25.79 25.43
N ASN G 130 -0.94 25.21 26.45
CA ASN G 130 -0.42 23.86 26.34
C ASN G 130 -1.46 22.92 26.96
N ILE G 131 -2.07 22.09 26.12
CA ILE G 131 -2.98 21.06 26.56
C ILE G 131 -2.19 19.78 26.79
N SER G 132 -2.36 19.17 27.95
CA SER G 132 -1.73 17.89 28.26
C SER G 132 -2.78 16.80 28.09
N LYS G 133 -2.92 16.31 26.85
CA LYS G 133 -3.85 15.24 26.57
C LYS G 133 -3.22 13.90 26.95
N GLN G 134 -2.75 13.81 28.19
CA GLN G 134 -2.14 12.58 28.71
C GLN G 134 -3.26 11.64 29.13
N GLN G 135 -3.49 10.60 28.33
CA GLN G 135 -4.45 9.55 28.64
C GLN G 135 -5.87 10.11 28.80
N GLN G 136 -6.40 10.59 27.67
CA GLN G 136 -7.84 10.63 27.50
C GLN G 136 -8.42 9.21 27.39
N SER G 137 -7.57 8.23 27.09
CA SER G 137 -7.90 6.83 27.19
C SER G 137 -7.97 6.41 28.65
N SER G 138 -9.15 6.49 29.24
CA SER G 138 -9.34 6.06 30.62
C SER G 138 -10.77 5.56 30.77
N ASP G 139 -11.05 4.97 31.92
CA ASP G 139 -12.37 4.39 32.18
C ASP G 139 -13.36 5.48 32.54
N TRP G 140 -14.00 6.05 31.53
CA TRP G 140 -14.98 7.11 31.72
C TRP G 140 -16.28 6.62 32.32
N ALA G 141 -16.46 5.30 32.42
CA ALA G 141 -17.67 4.74 33.00
C ALA G 141 -17.57 4.55 34.50
N ALA G 142 -16.46 4.93 35.11
CA ALA G 142 -16.31 4.77 36.55
C ALA G 142 -17.41 5.50 37.29
N GLU G 143 -17.90 4.89 38.37
CA GLU G 143 -18.95 5.53 39.17
C GLU G 143 -18.51 6.90 39.69
N THR G 144 -17.29 7.01 40.20
CA THR G 144 -16.74 8.28 40.63
C THR G 144 -15.51 8.61 39.80
N LEU G 145 -15.57 9.70 39.06
CA LEU G 145 -14.42 10.16 38.30
C LEU G 145 -13.36 10.75 39.21
N SER G 146 -12.09 10.53 38.85
CA SER G 146 -11.01 11.11 39.61
C SER G 146 -10.91 12.61 39.35
N ARG G 147 -10.21 13.31 40.22
CA ARG G 147 -10.00 14.75 40.02
C ARG G 147 -9.23 15.03 38.75
N ALA G 148 -8.23 14.22 38.44
CA ALA G 148 -7.48 14.39 37.20
C ALA G 148 -8.38 14.19 35.99
N GLN G 149 -9.28 13.21 36.05
CA GLN G 149 -10.21 13.01 34.94
C GLN G 149 -11.09 14.23 34.75
N ILE G 150 -11.63 14.75 35.84
CA ILE G 150 -12.56 15.88 35.74
C ILE G 150 -11.86 17.10 35.20
N GLU G 151 -10.64 17.37 35.67
CA GLU G 151 -9.92 18.54 35.17
C GLU G 151 -9.55 18.38 33.70
N TYR G 152 -9.13 17.18 33.28
CA TYR G 152 -8.84 16.99 31.87
C TYR G 152 -10.09 17.17 31.03
N ALA G 153 -11.19 16.55 31.44
CA ALA G 153 -12.44 16.65 30.70
C ALA G 153 -12.89 18.08 30.55
N ALA G 154 -12.76 18.87 31.62
CA ALA G 154 -13.15 20.27 31.57
C ALA G 154 -12.24 21.07 30.65
N SER G 155 -10.94 20.75 30.63
CA SER G 155 -10.00 21.53 29.82
C SER G 155 -10.34 21.52 28.34
N ASP G 156 -11.08 20.54 27.87
CA ASP G 156 -11.45 20.45 26.46
C ASP G 156 -12.52 21.47 26.02
N VAL G 157 -13.26 22.09 26.93
CA VAL G 157 -14.27 23.07 26.54
C VAL G 157 -13.97 24.51 26.93
N LEU G 158 -13.02 24.77 27.83
CA LEU G 158 -12.83 26.14 28.30
C LEU G 158 -12.39 27.10 27.20
N TYR G 159 -11.85 26.59 26.09
CA TYR G 159 -11.25 27.52 25.08
C TYR G 159 -11.94 27.50 23.72
N LEU G 160 -13.07 26.82 23.57
CA LEU G 160 -13.68 26.73 22.24
C LEU G 160 -14.28 28.07 21.82
N HIS G 161 -14.79 28.87 22.75
CA HIS G 161 -15.31 30.19 22.40
C HIS G 161 -14.22 31.08 21.79
N ARG G 162 -13.05 31.11 22.40
CA ARG G 162 -11.97 31.95 21.88
C ARG G 162 -11.58 31.48 20.49
N LEU G 163 -11.57 30.17 20.27
CA LEU G 163 -11.28 29.63 18.95
C LEU G 163 -12.36 30.05 17.97
N LYS G 164 -13.63 29.96 18.37
CA LYS G 164 -14.70 30.38 17.47
C LYS G 164 -14.53 31.83 17.05
N ASP G 165 -14.15 32.69 18.00
CA ASP G 165 -13.96 34.11 17.66
C ASP G 165 -12.84 34.29 16.65
N ILE G 166 -11.74 33.57 16.85
CA ILE G 166 -10.61 33.71 15.92
C ILE G 166 -10.96 33.13 14.57
N PHE G 167 -11.58 31.96 14.53
CA PHE G 167 -11.94 31.35 13.26
C PHE G 167 -12.94 32.21 12.50
N GLU G 168 -13.87 32.85 13.21
CA GLU G 168 -14.78 33.75 12.51
C GLU G 168 -14.01 34.92 11.89
N GLU G 169 -12.99 35.42 12.60
CA GLU G 169 -12.13 36.45 12.01
C GLU G 169 -11.42 35.94 10.75
N ARG G 170 -10.89 34.71 10.81
CA ARG G 170 -10.18 34.17 9.65
C ARG G 170 -11.12 33.90 8.49
N LEU G 171 -12.32 33.40 8.75
CA LEU G 171 -13.27 33.16 7.69
C LEU G 171 -13.69 34.47 7.03
N LYS G 172 -13.84 35.53 7.81
CA LYS G 172 -14.15 36.81 7.21
C LYS G 172 -12.98 37.30 6.37
N ARG G 173 -11.75 37.16 6.88
CA ARG G 173 -10.59 37.69 6.19
C ARG G 173 -10.38 37.04 4.83
N GLU G 174 -10.53 35.72 4.73
CA GLU G 174 -10.34 35.01 3.48
C GLU G 174 -11.63 34.82 2.68
N GLU G 175 -12.74 35.42 3.11
CA GLU G 175 -13.96 35.45 2.31
C GLU G 175 -14.49 34.04 2.09
N ARG G 176 -14.56 33.27 3.17
CA ARG G 176 -15.00 31.89 3.12
C ARG G 176 -16.23 31.68 3.98
N GLU G 177 -16.96 32.76 4.28
CA GLU G 177 -18.10 32.67 5.18
C GLU G 177 -19.22 31.78 4.65
N SER G 178 -19.56 31.90 3.36
CA SER G 178 -20.68 31.10 2.86
C SER G 178 -20.32 29.63 2.73
N VAL G 179 -19.06 29.31 2.45
CA VAL G 179 -18.64 27.92 2.44
C VAL G 179 -18.80 27.31 3.83
N ALA G 180 -18.28 28.01 4.83
CA ALA G 180 -18.39 27.51 6.20
C ALA G 180 -19.84 27.35 6.61
N LYS G 181 -20.69 28.33 6.27
CA LYS G 181 -22.09 28.23 6.67
C LYS G 181 -22.74 27.00 6.06
N ALA G 182 -22.47 26.73 4.79
CA ALA G 182 -23.05 25.54 4.16
C ALA G 182 -22.51 24.24 4.75
N CYS G 183 -21.21 24.19 5.07
CA CYS G 183 -20.66 23.00 5.70
C CYS G 183 -21.31 22.75 7.06
N PHE G 184 -21.45 23.79 7.87
CA PHE G 184 -22.09 23.63 9.17
C PHE G 184 -23.54 23.26 9.02
N GLN G 185 -24.22 23.77 8.00
CA GLN G 185 -25.61 23.41 7.79
C GLN G 185 -25.75 21.93 7.45
N PHE G 186 -24.80 21.39 6.67
CA PHE G 186 -24.85 19.98 6.32
C PHE G 186 -24.35 19.05 7.41
N LEU G 187 -23.54 19.55 8.33
CA LEU G 187 -22.89 18.67 9.30
C LEU G 187 -23.84 17.76 10.07
N PRO G 188 -25.00 18.21 10.56
CA PRO G 188 -25.91 17.27 11.22
C PRO G 188 -26.35 16.12 10.34
N MET G 189 -26.55 16.35 9.03
CA MET G 189 -26.88 15.23 8.17
C MET G 189 -25.70 14.30 7.91
N ARG G 190 -24.48 14.81 7.89
CA ARG G 190 -23.33 13.92 7.86
C ARG G 190 -23.31 13.02 9.08
N ALA G 191 -23.64 13.57 10.25
CA ALA G 191 -23.71 12.75 11.45
C ALA G 191 -24.84 11.74 11.33
N ASN G 192 -25.98 12.13 10.78
CA ASN G 192 -27.07 11.18 10.60
C ASN G 192 -26.68 10.06 9.66
N LEU G 193 -26.02 10.40 8.54
CA LEU G 193 -25.52 9.36 7.63
C LEU G 193 -24.60 8.40 8.38
N ASP G 194 -23.77 8.93 9.28
CA ASP G 194 -22.93 8.04 10.08
C ASP G 194 -23.79 7.10 10.92
N LEU G 195 -24.81 7.62 11.59
CA LEU G 195 -25.64 6.75 12.42
C LEU G 195 -26.37 5.70 11.58
N LEU G 196 -26.75 6.04 10.35
CA LEU G 196 -27.53 5.09 9.56
C LEU G 196 -26.69 4.01 8.92
N GLY G 197 -25.37 4.15 8.88
CA GLY G 197 -24.56 3.07 8.37
C GLY G 197 -23.59 3.42 7.27
N TRP G 198 -23.42 4.70 6.96
CA TRP G 198 -22.50 5.12 5.91
C TRP G 198 -21.23 5.73 6.49
N SER G 199 -20.85 5.32 7.69
CA SER G 199 -19.74 5.96 8.39
C SER G 199 -18.42 5.77 7.66
N GLU G 200 -18.28 4.72 6.86
CA GLU G 200 -17.03 4.49 6.15
C GLU G 200 -17.04 4.99 4.72
N ILE G 201 -18.06 5.74 4.32
CA ILE G 201 -18.25 6.14 2.93
C ILE G 201 -18.22 7.65 2.85
N ASP G 202 -17.35 8.19 2.00
CA ASP G 202 -17.46 9.58 1.58
C ASP G 202 -18.54 9.61 0.53
N ILE G 203 -19.73 10.10 0.90
CA ILE G 203 -20.88 9.99 0.03
C ILE G 203 -20.72 10.79 -1.25
N PHE G 204 -19.83 11.77 -1.28
CA PHE G 204 -19.67 12.58 -2.47
C PHE G 204 -18.51 12.15 -3.35
N ALA G 205 -17.77 11.12 -2.94
CA ALA G 205 -16.60 10.71 -3.70
C ALA G 205 -17.01 9.90 -4.91
N HIS G 206 -16.17 9.92 -5.93
CA HIS G 206 -16.40 9.08 -7.09
C HIS G 206 -16.31 7.60 -6.75
N SER G 207 -15.37 7.23 -5.89
CA SER G 207 -15.28 5.86 -5.41
C SER G 207 -14.82 5.80 -3.96
N THR H 3 21.63 39.47 11.06
CA THR H 3 21.08 39.97 12.31
C THR H 3 20.10 41.11 12.06
N GLU H 4 20.29 41.82 10.95
CA GLU H 4 19.44 42.95 10.60
C GLU H 4 18.41 42.50 9.57
N ILE H 5 17.13 42.70 9.88
CA ILE H 5 16.03 42.37 9.00
C ILE H 5 15.23 43.64 8.77
N ARG H 6 15.17 44.09 7.53
CA ARG H 6 14.40 45.28 7.16
C ARG H 6 13.04 44.85 6.67
N VAL H 7 11.98 45.33 7.32
CA VAL H 7 10.62 44.94 6.95
C VAL H 7 9.97 46.07 6.16
N HIS H 8 9.43 45.71 5.01
CA HIS H 8 8.82 46.67 4.10
C HIS H 8 7.39 46.23 3.78
N GLN H 9 6.58 47.20 3.36
CA GLN H 9 5.23 46.99 2.88
C GLN H 9 5.23 47.15 1.36
N GLY H 10 4.82 46.11 0.65
CA GLY H 10 4.66 46.18 -0.79
C GLY H 10 5.84 45.98 -1.71
N ASP H 11 6.97 46.65 -1.45
CA ASP H 11 8.08 46.62 -2.40
C ASP H 11 9.34 47.09 -1.71
N LEU H 12 10.47 46.78 -2.32
CA LEU H 12 11.72 47.41 -1.94
C LEU H 12 11.66 48.91 -2.19
N PRO H 13 12.30 49.73 -1.36
CA PRO H 13 12.34 51.17 -1.66
C PRO H 13 13.20 51.47 -2.87
N ASN H 14 14.25 50.70 -3.09
CA ASN H 14 15.15 50.87 -4.23
C ASN H 14 15.99 49.60 -4.32
N LEU H 15 16.88 49.55 -5.31
CA LEU H 15 17.75 48.39 -5.49
C LEU H 15 19.19 48.70 -5.12
N ASP H 16 19.41 49.68 -4.24
CA ASP H 16 20.76 50.08 -3.89
C ASP H 16 21.53 48.96 -3.21
N ASN H 17 20.86 48.12 -2.44
CA ASN H 17 21.50 47.03 -1.73
C ASN H 17 21.60 45.74 -2.52
N TYR H 18 21.19 45.72 -3.78
CA TYR H 18 21.10 44.48 -4.55
C TYR H 18 21.77 44.63 -5.90
N ARG H 19 22.88 45.37 -5.92
CA ARG H 19 23.78 45.44 -7.06
C ARG H 19 24.86 44.36 -6.93
N ILE H 20 24.42 43.10 -7.10
CA ILE H 20 25.23 41.94 -6.77
C ILE H 20 25.04 40.88 -7.84
N ASP H 21 25.83 39.81 -7.74
CA ASP H 21 25.79 38.76 -8.77
C ASP H 21 24.69 37.74 -8.52
N ALA H 22 24.28 37.54 -7.28
CA ALA H 22 23.31 36.53 -6.94
C ALA H 22 22.53 36.99 -5.74
N VAL H 23 21.22 36.72 -5.73
CA VAL H 23 20.35 37.11 -4.63
C VAL H 23 19.61 35.88 -4.16
N ALA H 24 19.57 35.69 -2.85
CA ALA H 24 18.79 34.61 -2.25
C ALA H 24 17.34 35.01 -2.11
N VAL H 25 16.44 34.13 -2.50
CA VAL H 25 15.02 34.43 -2.57
C VAL H 25 14.28 33.29 -1.88
N ASP H 26 13.26 33.63 -1.10
CA ASP H 26 12.42 32.61 -0.43
C ASP H 26 11.06 33.24 -0.20
N THR H 27 9.99 32.46 -0.23
CA THR H 27 8.64 32.97 -0.11
C THR H 27 7.95 32.31 1.07
N GLU H 28 6.83 32.92 1.51
CA GLU H 28 5.97 32.35 2.58
C GLU H 28 4.53 32.54 2.10
N THR H 29 3.69 31.51 2.14
CA THR H 29 2.35 31.55 1.59
C THR H 29 1.38 31.00 2.62
N LEU H 30 0.11 31.00 2.28
CA LEU H 30 -0.90 30.34 3.08
C LEU H 30 -1.02 28.84 2.81
N GLY H 31 -0.21 28.28 1.93
CA GLY H 31 -0.29 26.85 1.68
C GLY H 31 0.38 26.48 0.37
N LEU H 32 0.21 25.22 0.01
CA LEU H 32 0.91 24.59 -1.10
C LEU H 32 0.21 24.74 -2.44
N GLN H 33 -0.94 25.38 -2.51
CA GLN H 33 -1.72 25.41 -3.74
C GLN H 33 -1.78 26.84 -4.28
N PRO H 34 -0.98 27.16 -5.29
CA PRO H 34 -0.86 28.55 -5.71
C PRO H 34 -2.16 29.19 -6.16
N HIS H 35 -3.11 28.41 -6.68
CA HIS H 35 -4.37 29.00 -7.09
C HIS H 35 -5.25 29.36 -5.90
N ARG H 36 -5.07 28.70 -4.76
CA ARG H 36 -5.83 29.00 -3.55
C ARG H 36 -5.08 29.82 -2.52
N ASP H 37 -3.78 29.59 -2.34
CA ASP H 37 -3.06 30.08 -1.17
C ASP H 37 -2.12 31.22 -1.59
N ARG H 38 -2.47 32.43 -1.18
CA ARG H 38 -1.79 33.62 -1.70
C ARG H 38 -0.39 33.77 -1.13
N LEU H 39 0.43 34.57 -1.82
CA LEU H 39 1.79 34.89 -1.30
C LEU H 39 1.64 35.96 -0.21
N CYS H 40 2.39 35.84 0.88
CA CYS H 40 2.21 36.78 2.02
C CYS H 40 3.52 37.50 2.32
N VAL H 41 4.66 36.81 2.25
CA VAL H 41 5.96 37.44 2.63
C VAL H 41 7.06 36.97 1.66
N VAL H 42 7.79 37.90 1.05
CA VAL H 42 8.94 37.55 0.17
C VAL H 42 10.22 37.95 0.91
N GLN H 43 11.25 37.10 0.91
CA GLN H 43 12.50 37.39 1.66
C GLN H 43 13.66 37.41 0.68
N LEU H 44 14.49 38.46 0.70
CA LEU H 44 15.68 38.54 -0.19
C LEU H 44 16.94 38.61 0.68
N SER H 45 18.11 38.34 0.10
CA SER H 45 19.39 38.47 0.84
C SER H 45 20.58 38.60 -0.12
N SER H 46 21.33 39.70 -0.04
CA SER H 46 22.48 39.96 -0.88
C SER H 46 23.66 39.06 -0.56
N GLY H 47 23.52 38.22 0.45
CA GLY H 47 24.59 37.39 0.95
C GLY H 47 25.36 38.02 2.07
N ASP H 48 24.96 39.21 2.51
CA ASP H 48 25.62 39.93 3.58
C ASP H 48 24.94 39.49 4.88
N GLY H 49 25.19 40.21 5.96
CA GLY H 49 24.58 39.85 7.22
C GLY H 49 23.19 40.39 7.45
N THR H 50 22.62 41.11 6.48
CA THR H 50 21.25 41.59 6.56
C THR H 50 20.34 40.96 5.51
N ALA H 51 19.04 41.07 5.76
CA ALA H 51 18.00 40.50 4.91
C ALA H 51 16.86 41.50 4.80
N ASP H 52 16.13 41.43 3.70
CA ASP H 52 14.90 42.21 3.52
C ASP H 52 13.68 41.31 3.50
N VAL H 53 12.68 41.67 4.30
CA VAL H 53 11.43 40.93 4.42
C VAL H 53 10.30 41.87 3.99
N ILE H 54 9.62 41.52 2.90
CA ILE H 54 8.62 42.36 2.28
C ILE H 54 7.25 41.71 2.44
N GLN H 55 6.36 42.37 3.17
CA GLN H 55 4.99 41.89 3.28
C GLN H 55 4.19 42.27 2.05
N ILE H 56 3.58 41.28 1.43
CA ILE H 56 2.78 41.47 0.23
C ILE H 56 1.32 41.49 0.67
N ALA H 57 0.59 42.50 0.23
CA ALA H 57 -0.80 42.68 0.64
C ALA H 57 -1.70 41.75 -0.15
N LYS H 58 -2.85 41.42 0.45
CA LYS H 58 -3.89 40.70 -0.27
C LYS H 58 -4.34 41.48 -1.48
N GLY H 59 -4.40 40.78 -2.61
CA GLY H 59 -4.78 41.36 -3.88
C GLY H 59 -3.71 42.17 -4.58
N GLN H 60 -2.51 42.28 -4.01
CA GLN H 60 -1.45 43.04 -4.66
C GLN H 60 -0.99 42.34 -5.92
N LYS H 61 -0.97 43.08 -7.04
CA LYS H 61 -0.65 42.51 -8.33
C LYS H 61 0.71 42.93 -8.87
N SER H 62 1.33 43.95 -8.29
CA SER H 62 2.58 44.51 -8.82
C SER H 62 3.54 44.83 -7.68
N ALA H 63 4.83 44.72 -7.98
CA ALA H 63 5.89 45.14 -7.06
C ALA H 63 7.09 45.55 -7.89
N PRO H 64 7.07 46.76 -8.45
CA PRO H 64 8.00 47.09 -9.55
C PRO H 64 9.47 46.92 -9.21
N ASN H 65 9.90 47.30 -8.00
CA ASN H 65 11.31 47.17 -7.69
C ASN H 65 11.69 45.71 -7.52
N LEU H 66 10.89 44.97 -6.76
CA LEU H 66 11.09 43.52 -6.60
C LEU H 66 11.06 42.80 -7.94
N VAL H 67 10.09 43.14 -8.80
CA VAL H 67 9.94 42.43 -10.07
C VAL H 67 11.14 42.71 -10.96
N ARG H 68 11.70 43.91 -10.87
CA ARG H 68 12.91 44.19 -11.64
C ARG H 68 14.03 43.24 -11.25
N LEU H 69 14.15 42.92 -9.99
CA LEU H 69 15.22 41.98 -9.52
C LEU H 69 14.87 40.54 -9.94
N LEU H 70 13.56 40.17 -9.87
CA LEU H 70 13.18 38.81 -10.28
C LEU H 70 13.38 38.57 -11.77
N SER H 71 13.26 39.61 -12.59
CA SER H 71 13.38 39.49 -14.04
C SER H 71 14.81 39.59 -14.55
N ASP H 72 15.74 40.09 -13.74
CA ASP H 72 17.09 40.38 -14.17
C ASP H 72 17.91 39.13 -14.45
N ARG H 73 18.17 38.88 -15.74
CA ARG H 73 18.95 37.72 -16.17
C ARG H 73 20.40 37.77 -15.70
N ASP H 74 20.92 38.94 -15.34
CA ASP H 74 22.30 39.03 -14.88
C ASP H 74 22.48 38.64 -13.43
N ILE H 75 21.39 38.33 -12.72
CA ILE H 75 21.42 37.99 -11.30
C ILE H 75 20.84 36.61 -11.13
N THR H 76 21.64 35.69 -10.59
CA THR H 76 21.12 34.35 -10.33
C THR H 76 20.28 34.37 -9.06
N LYS H 77 19.06 33.85 -9.17
CA LYS H 77 18.16 33.73 -8.03
C LYS H 77 18.36 32.38 -7.36
N ILE H 78 18.72 32.39 -6.09
CA ILE H 78 18.97 31.17 -5.34
C ILE H 78 17.75 30.84 -4.52
N PHE H 79 17.25 29.62 -4.67
CA PHE H 79 16.09 29.14 -3.91
C PHE H 79 16.48 27.85 -3.23
N HIS H 80 15.69 27.49 -2.22
CA HIS H 80 15.61 26.11 -1.78
C HIS H 80 14.25 25.58 -2.20
N PHE H 81 14.24 24.53 -3.03
CA PHE H 81 13.04 24.04 -3.67
C PHE H 81 12.34 25.15 -4.45
N GLY H 82 13.08 25.69 -5.41
CA GLY H 82 12.55 26.75 -6.25
C GLY H 82 11.35 26.36 -7.08
N ARG H 83 11.11 25.06 -7.25
CA ARG H 83 9.90 24.63 -7.96
C ARG H 83 8.66 25.31 -7.43
N PHE H 84 8.54 25.43 -6.10
CA PHE H 84 7.38 26.07 -5.51
C PHE H 84 7.47 27.59 -5.57
N ASP H 85 8.60 28.17 -5.14
CA ASP H 85 8.70 29.63 -5.10
C ASP H 85 8.53 30.24 -6.48
N LEU H 86 9.11 29.63 -7.50
CA LEU H 86 8.93 30.16 -8.85
C LEU H 86 7.46 30.16 -9.24
N ALA H 87 6.75 29.09 -8.88
CA ALA H 87 5.34 28.98 -9.23
C ALA H 87 4.54 30.08 -8.56
N ILE H 88 4.75 30.26 -7.26
CA ILE H 88 3.93 31.23 -6.53
C ILE H 88 4.29 32.66 -6.94
N LEU H 89 5.56 32.92 -7.21
CA LEU H 89 5.96 34.26 -7.66
C LEU H 89 5.36 34.57 -9.01
N ALA H 90 5.42 33.63 -9.95
CA ALA H 90 4.87 33.88 -11.27
C ALA H 90 3.36 34.05 -11.19
N HIS H 91 2.69 33.25 -10.36
CA HIS H 91 1.24 33.38 -10.24
C HIS H 91 0.87 34.72 -9.62
N THR H 92 1.70 35.25 -8.72
CA THR H 92 1.33 36.47 -8.03
C THR H 92 1.67 37.72 -8.85
N PHE H 93 2.86 37.77 -9.43
CA PHE H 93 3.32 39.00 -10.09
C PHE H 93 3.42 38.89 -11.60
N GLY H 94 3.22 37.72 -12.18
CA GLY H 94 3.18 37.61 -13.63
C GLY H 94 4.54 37.53 -14.29
N VAL H 95 5.61 37.36 -13.52
CA VAL H 95 6.98 37.28 -14.04
C VAL H 95 7.61 35.97 -13.58
N MET H 96 8.12 35.19 -14.53
CA MET H 96 8.81 33.96 -14.21
C MET H 96 10.32 34.17 -14.31
N PRO H 97 11.06 34.10 -13.21
CA PRO H 97 12.52 34.17 -13.28
C PRO H 97 13.04 33.05 -14.17
N ASP H 98 14.12 33.34 -14.89
CA ASP H 98 14.68 32.33 -15.78
C ASP H 98 16.18 32.11 -15.60
N VAL H 99 16.79 32.67 -14.56
CA VAL H 99 18.18 32.39 -14.20
C VAL H 99 18.14 32.01 -12.74
N VAL H 100 18.20 30.71 -12.43
CA VAL H 100 17.94 30.22 -11.08
C VAL H 100 18.96 29.17 -10.69
N PHE H 101 19.09 28.99 -9.38
CA PHE H 101 19.85 27.92 -8.76
C PHE H 101 18.98 27.38 -7.65
N CYS H 102 18.85 26.06 -7.56
CA CYS H 102 18.03 25.40 -6.55
C CYS H 102 18.93 24.49 -5.73
N THR H 103 18.99 24.74 -4.43
CA THR H 103 19.84 23.92 -3.58
C THR H 103 19.30 22.51 -3.38
N LYS H 104 18.01 22.28 -3.57
CA LYS H 104 17.50 20.94 -3.41
C LYS H 104 17.87 20.05 -4.59
N ILE H 105 17.72 20.53 -5.82
CA ILE H 105 18.22 19.78 -6.96
C ILE H 105 19.71 19.53 -6.85
N ALA H 106 20.48 20.56 -6.48
CA ALA H 106 21.91 20.38 -6.32
C ALA H 106 22.21 19.33 -5.26
N SER H 107 21.45 19.33 -4.17
CA SER H 107 21.63 18.32 -3.14
C SER H 107 21.33 16.93 -3.68
N LYS H 108 20.25 16.78 -4.43
CA LYS H 108 19.92 15.48 -4.99
C LYS H 108 20.97 15.01 -5.98
N LEU H 109 21.71 15.94 -6.58
CA LEU H 109 22.77 15.62 -7.50
C LEU H 109 24.12 15.46 -6.83
N THR H 110 24.22 15.79 -5.56
CA THR H 110 25.53 15.78 -4.93
C THR H 110 25.55 15.04 -3.61
N ARG H 111 24.53 15.19 -2.77
CA ARG H 111 24.49 14.50 -1.49
C ARG H 111 23.87 13.12 -1.70
N THR H 112 24.58 12.29 -2.48
CA THR H 112 24.07 10.98 -2.82
C THR H 112 24.19 9.98 -1.68
N TYR H 113 24.85 10.33 -0.58
CA TYR H 113 25.01 9.45 0.57
C TYR H 113 23.89 9.61 1.60
N THR H 114 22.85 10.38 1.30
CA THR H 114 21.74 10.54 2.23
C THR H 114 20.46 10.70 1.44
N ASP H 115 19.33 10.46 2.12
CA ASP H 115 18.02 10.70 1.53
C ASP H 115 17.30 11.88 2.17
N ARG H 116 17.97 12.60 3.08
CA ARG H 116 17.39 13.76 3.74
C ARG H 116 17.98 15.00 3.09
N HIS H 117 17.17 15.74 2.33
CA HIS H 117 17.59 16.91 1.58
C HIS H 117 16.93 18.20 2.04
N GLY H 118 16.29 18.22 3.20
CA GLY H 118 15.70 19.45 3.69
C GLY H 118 16.75 20.48 4.07
N LEU H 119 16.31 21.74 4.10
CA LEU H 119 17.21 22.83 4.37
C LEU H 119 17.85 22.71 5.74
N LYS H 120 17.09 22.26 6.74
CA LYS H 120 17.67 22.10 8.06
C LYS H 120 18.83 21.12 8.04
N GLU H 121 18.63 19.97 7.39
CA GLU H 121 19.66 18.95 7.34
C GLU H 121 20.86 19.41 6.51
N ILE H 122 20.60 20.11 5.40
CA ILE H 122 21.70 20.63 4.60
C ILE H 122 22.53 21.62 5.40
N CYS H 123 21.88 22.58 6.06
CA CYS H 123 22.63 23.57 6.81
C CYS H 123 23.39 22.92 7.95
N GLY H 124 22.79 21.93 8.60
CA GLY H 124 23.48 21.24 9.67
C GLY H 124 24.72 20.52 9.20
N GLU H 125 24.61 19.81 8.07
CA GLU H 125 25.73 19.02 7.59
C GLU H 125 26.83 19.89 6.98
N LEU H 126 26.46 20.84 6.13
CA LEU H 126 27.47 21.56 5.36
C LEU H 126 28.12 22.69 6.14
N LEU H 127 27.41 23.31 7.08
CA LEU H 127 27.93 24.49 7.74
C LEU H 127 27.99 24.37 9.27
N ASN H 128 27.45 23.30 9.85
CA ASN H 128 27.27 23.19 11.29
C ASN H 128 26.51 24.39 11.84
N VAL H 129 25.54 24.87 11.07
CA VAL H 129 24.66 25.97 11.45
C VAL H 129 23.29 25.39 11.74
N ASN H 130 22.71 25.76 12.87
CA ASN H 130 21.41 25.21 13.26
C ASN H 130 20.36 26.21 12.82
N ILE H 131 19.57 25.83 11.82
CA ILE H 131 18.44 26.61 11.36
C ILE H 131 17.19 26.16 12.12
N SER H 132 17.40 25.50 13.25
CA SER H 132 16.32 25.07 14.13
C SER H 132 15.29 26.19 14.31
N LYS H 133 14.05 25.91 13.93
CA LYS H 133 12.98 26.88 13.94
C LYS H 133 11.94 26.51 14.99
N GLN H 134 10.87 27.29 15.03
CA GLN H 134 9.70 26.97 15.85
C GLN H 134 8.67 26.19 15.03
N GLN H 135 8.22 26.76 13.92
CA GLN H 135 7.26 26.12 13.05
C GLN H 135 7.17 26.89 11.75
N GLN H 136 6.75 26.19 10.69
CA GLN H 136 6.35 26.82 9.43
C GLN H 136 4.85 27.10 9.38
N SER H 137 4.19 27.12 10.54
CA SER H 137 2.74 27.16 10.64
C SER H 137 2.35 28.30 11.57
N SER H 138 2.15 29.49 10.99
CA SER H 138 1.70 30.64 11.74
C SER H 138 0.87 31.48 10.79
N ASP H 139 0.21 32.50 11.32
CA ASP H 139 -0.61 33.35 10.46
C ASP H 139 0.30 34.30 9.72
N TRP H 140 0.76 33.89 8.54
CA TRP H 140 1.64 34.78 7.79
C TRP H 140 0.88 35.95 7.19
N ALA H 141 -0.45 35.93 7.24
CA ALA H 141 -1.26 37.03 6.74
C ALA H 141 -1.54 38.08 7.80
N ALA H 142 -1.00 37.88 9.00
CA ALA H 142 -1.22 38.83 10.09
C ALA H 142 -0.76 40.22 9.67
N GLU H 143 -1.53 41.24 10.06
CA GLU H 143 -1.16 42.61 9.71
C GLU H 143 0.20 42.97 10.29
N THR H 144 0.48 42.56 11.52
CA THR H 144 1.76 42.79 12.17
C THR H 144 2.44 41.46 12.45
N LEU H 145 3.58 41.22 11.83
CA LEU H 145 4.34 40.01 12.15
C LEU H 145 5.05 40.16 13.49
N SER H 146 5.13 39.05 14.22
CA SER H 146 5.86 39.05 15.48
C SER H 146 7.36 39.04 15.22
N ARG H 147 8.13 39.38 16.25
CA ARG H 147 9.58 39.32 16.15
C ARG H 147 10.06 37.91 15.82
N ALA H 148 9.44 36.90 16.44
CA ALA H 148 9.81 35.52 16.16
C ALA H 148 9.54 35.17 14.70
N GLN H 149 8.42 35.63 14.16
CA GLN H 149 8.13 35.39 12.76
C GLN H 149 9.17 36.04 11.87
N ILE H 150 9.53 37.29 12.15
CA ILE H 150 10.50 37.98 11.30
C ILE H 150 11.85 37.28 11.36
N GLU H 151 12.28 36.88 12.55
CA GLU H 151 13.57 36.21 12.64
C GLU H 151 13.56 34.86 11.94
N TYR H 152 12.47 34.11 12.06
CA TYR H 152 12.39 32.84 11.35
C TYR H 152 12.38 33.06 9.85
N ALA H 153 11.58 34.01 9.37
CA ALA H 153 11.54 34.28 7.93
C ALA H 153 12.91 34.67 7.40
N ALA H 154 13.64 35.49 8.14
CA ALA H 154 14.98 35.90 7.70
C ALA H 154 15.97 34.74 7.73
N SER H 155 15.88 33.85 8.72
CA SER H 155 16.84 32.76 8.85
C SER H 155 16.84 31.81 7.64
N ASP H 156 15.76 31.75 6.88
CA ASP H 156 15.66 30.86 5.73
C ASP H 156 16.47 31.32 4.52
N VAL H 157 16.87 32.58 4.46
CA VAL H 157 17.67 33.09 3.34
C VAL H 157 19.08 33.45 3.71
N LEU H 158 19.41 33.55 4.99
CA LEU H 158 20.71 34.04 5.42
C LEU H 158 21.85 33.14 4.97
N TYR H 159 21.59 31.88 4.65
CA TYR H 159 22.67 30.91 4.43
C TYR H 159 22.72 30.34 3.01
N LEU H 160 21.85 30.77 2.11
CA LEU H 160 21.79 30.15 0.79
C LEU H 160 23.03 30.44 -0.06
N HIS H 161 23.66 31.60 0.10
CA HIS H 161 24.89 31.87 -0.64
C HIS H 161 26.00 30.88 -0.29
N ARG H 162 26.21 30.63 1.00
CA ARG H 162 27.27 29.71 1.38
C ARG H 162 26.99 28.30 0.84
N LEU H 163 25.71 27.91 0.85
CA LEU H 163 25.34 26.61 0.28
C LEU H 163 25.60 26.58 -1.21
N LYS H 164 25.24 27.65 -1.92
CA LYS H 164 25.51 27.68 -3.35
C LYS H 164 26.99 27.52 -3.63
N ASP H 165 27.84 28.21 -2.87
CA ASP H 165 29.28 28.08 -3.08
C ASP H 165 29.75 26.64 -2.88
N ILE H 166 29.28 26.00 -1.80
CA ILE H 166 29.70 24.63 -1.54
C ILE H 166 29.21 23.68 -2.62
N PHE H 167 27.93 23.81 -3.00
CA PHE H 167 27.40 22.92 -4.00
C PHE H 167 28.10 23.10 -5.34
N GLU H 168 28.47 24.33 -5.68
CA GLU H 168 29.21 24.50 -6.93
C GLU H 168 30.56 23.81 -6.87
N GLU H 169 31.22 23.86 -5.70
CA GLU H 169 32.47 23.11 -5.55
C GLU H 169 32.24 21.60 -5.71
N ARG H 170 31.19 21.06 -5.10
CA ARG H 170 30.93 19.62 -5.19
C ARG H 170 30.53 19.21 -6.60
N LEU H 171 29.70 20.01 -7.27
CA LEU H 171 29.29 19.68 -8.63
C LEU H 171 30.49 19.67 -9.56
N LYS H 172 31.43 20.59 -9.34
CA LYS H 172 32.65 20.53 -10.14
C LYS H 172 33.44 19.27 -9.81
N ARG H 173 33.54 18.92 -8.53
CA ARG H 173 34.36 17.78 -8.12
C ARG H 173 33.88 16.47 -8.74
N GLU H 174 32.57 16.23 -8.76
CA GLU H 174 32.02 14.98 -9.30
C GLU H 174 31.66 15.07 -10.78
N GLU H 175 31.98 16.17 -11.44
CA GLU H 175 31.82 16.34 -12.89
C GLU H 175 30.36 16.24 -13.33
N ARG H 176 29.47 16.94 -12.62
CA ARG H 176 28.04 16.96 -12.91
C ARG H 176 27.55 18.36 -13.21
N GLU H 177 28.45 19.27 -13.57
CA GLU H 177 28.06 20.66 -13.77
C GLU H 177 27.03 20.82 -14.88
N SER H 178 27.21 20.13 -16.01
CA SER H 178 26.26 20.30 -17.10
C SER H 178 24.90 19.69 -16.79
N VAL H 179 24.87 18.60 -16.01
CA VAL H 179 23.59 18.04 -15.59
C VAL H 179 22.81 19.04 -14.76
N ALA H 180 23.48 19.60 -13.74
CA ALA H 180 22.81 20.56 -12.89
C ALA H 180 22.39 21.78 -13.70
N LYS H 181 23.24 22.24 -14.61
CA LYS H 181 22.90 23.41 -15.40
C LYS H 181 21.64 23.18 -16.20
N ALA H 182 21.52 22.01 -16.82
CA ALA H 182 20.31 21.70 -17.61
C ALA H 182 19.08 21.58 -16.72
N CYS H 183 19.23 20.99 -15.53
CA CYS H 183 18.10 20.91 -14.60
C CYS H 183 17.64 22.30 -14.19
N PHE H 184 18.57 23.19 -13.88
CA PHE H 184 18.20 24.54 -13.51
C PHE H 184 17.55 25.25 -14.69
N GLN H 185 17.99 24.95 -15.91
CA GLN H 185 17.40 25.60 -17.06
C GLN H 185 15.95 25.16 -17.23
N PHE H 186 15.65 23.90 -16.93
CA PHE H 186 14.28 23.43 -17.06
C PHE H 186 13.40 23.79 -15.87
N LEU H 187 13.99 24.07 -14.71
CA LEU H 187 13.19 24.27 -13.49
C LEU H 187 12.09 25.33 -13.63
N PRO H 188 12.30 26.49 -14.25
CA PRO H 188 11.17 27.42 -14.43
C PRO H 188 10.02 26.83 -15.21
N MET H 189 10.30 26.00 -16.21
CA MET H 189 9.20 25.39 -16.96
C MET H 189 8.51 24.30 -16.16
N ARG H 190 9.24 23.60 -15.29
CA ARG H 190 8.60 22.73 -14.32
C ARG H 190 7.61 23.52 -13.48
N ALA H 191 7.99 24.72 -13.08
CA ALA H 191 7.08 25.57 -12.32
C ALA H 191 5.88 25.99 -13.16
N ASN H 192 6.10 26.36 -14.42
CA ASN H 192 4.97 26.71 -15.27
C ASN H 192 4.01 25.52 -15.46
N LEU H 193 4.56 24.33 -15.67
CA LEU H 193 3.73 23.13 -15.73
C LEU H 193 2.92 22.99 -14.46
N ASP H 194 3.52 23.31 -13.32
CA ASP H 194 2.77 23.30 -12.06
C ASP H 194 1.60 24.27 -12.12
N LEU H 195 1.84 25.50 -12.58
CA LEU H 195 0.75 26.46 -12.64
C LEU H 195 -0.35 26.03 -13.60
N LEU H 196 -0.02 25.35 -14.69
CA LEU H 196 -1.05 25.01 -15.66
C LEU H 196 -1.91 23.83 -15.23
N GLY H 197 -1.50 23.06 -14.25
CA GLY H 197 -2.36 22.00 -13.78
C GLY H 197 -1.73 20.62 -13.77
N TRP H 198 -0.44 20.52 -14.03
CA TRP H 198 0.23 19.22 -14.02
C TRP H 198 1.08 19.07 -12.77
N SER H 199 0.71 19.78 -11.71
CA SER H 199 1.53 19.80 -10.50
C SER H 199 1.67 18.44 -9.86
N GLU H 200 0.74 17.52 -10.10
CA GLU H 200 0.77 16.20 -9.52
C GLU H 200 1.30 15.14 -10.47
N ILE H 201 1.85 15.54 -11.62
CA ILE H 201 2.24 14.61 -12.67
C ILE H 201 3.73 14.75 -12.92
N ASP H 202 4.45 13.63 -12.84
CA ASP H 202 5.82 13.60 -13.35
C ASP H 202 5.72 13.44 -14.86
N ILE H 203 5.94 14.53 -15.60
CA ILE H 203 5.68 14.52 -17.02
C ILE H 203 6.59 13.57 -17.78
N PHE H 204 7.72 13.19 -17.19
CA PHE H 204 8.68 12.32 -17.87
C PHE H 204 8.57 10.86 -17.49
N ALA H 205 7.68 10.50 -16.57
CA ALA H 205 7.62 9.12 -16.13
C ALA H 205 6.90 8.29 -17.18
N HIS H 206 7.21 7.00 -17.23
CA HIS H 206 6.49 6.12 -18.12
C HIS H 206 5.02 6.02 -17.72
N SER H 207 4.75 5.95 -16.43
CA SER H 207 3.37 5.96 -15.94
C SER H 207 3.29 6.69 -14.61
#